data_2O3L
# 
_entry.id   2O3L 
# 
_audit_conform.dict_name       mmcif_pdbx.dic 
_audit_conform.dict_version    5.398 
_audit_conform.dict_location   http://mmcif.pdb.org/dictionaries/ascii/mmcif_pdbx.dic 
# 
loop_
_database_2.database_id 
_database_2.database_code 
_database_2.pdbx_database_accession 
_database_2.pdbx_DOI 
PDB   2O3L         pdb_00002o3l 10.2210/pdb2o3l/pdb 
RCSB  RCSB040643   ?            ?                   
WWPDB D_1000040643 ?            ?                   
# 
loop_
_pdbx_audit_revision_history.ordinal 
_pdbx_audit_revision_history.data_content_type 
_pdbx_audit_revision_history.major_revision 
_pdbx_audit_revision_history.minor_revision 
_pdbx_audit_revision_history.revision_date 
1 'Structure model' 1 0 2006-12-19 
2 'Structure model' 1 1 2008-05-01 
3 'Structure model' 1 2 2011-07-13 
4 'Structure model' 1 3 2017-10-18 
5 'Structure model' 1 4 2017-10-25 
6 'Structure model' 1 5 2023-01-25 
7 'Structure model' 1 6 2024-11-13 
# 
_pdbx_audit_revision_details.ordinal             1 
_pdbx_audit_revision_details.revision_ordinal    1 
_pdbx_audit_revision_details.data_content_type   'Structure model' 
_pdbx_audit_revision_details.provider            repository 
_pdbx_audit_revision_details.type                'Initial release' 
_pdbx_audit_revision_details.description         ? 
_pdbx_audit_revision_details.details             ? 
# 
loop_
_pdbx_audit_revision_group.ordinal 
_pdbx_audit_revision_group.revision_ordinal 
_pdbx_audit_revision_group.data_content_type 
_pdbx_audit_revision_group.group 
1  2 'Structure model' 'Version format compliance'  
2  3 'Structure model' Advisory                     
3  3 'Structure model' 'Source and taxonomy'        
4  3 'Structure model' 'Version format compliance'  
5  4 'Structure model' 'Refinement description'     
6  5 'Structure model' 'Author supporting evidence' 
7  6 'Structure model' 'Database references'        
8  6 'Structure model' 'Derived calculations'       
9  7 'Structure model' 'Data collection'            
10 7 'Structure model' 'Structure summary'          
# 
loop_
_pdbx_audit_revision_category.ordinal 
_pdbx_audit_revision_category.revision_ordinal 
_pdbx_audit_revision_category.data_content_type 
_pdbx_audit_revision_category.category 
1  4 'Structure model' software                           
2  5 'Structure model' pdbx_struct_assembly_auth_evidence 
3  6 'Structure model' database_2                         
4  6 'Structure model' struct_conn                        
5  6 'Structure model' struct_ref_seq_dif                 
6  6 'Structure model' struct_site                        
7  7 'Structure model' chem_comp_atom                     
8  7 'Structure model' chem_comp_bond                     
9  7 'Structure model' pdbx_entry_details                 
10 7 'Structure model' pdbx_modification_feature          
# 
loop_
_pdbx_audit_revision_item.ordinal 
_pdbx_audit_revision_item.revision_ordinal 
_pdbx_audit_revision_item.data_content_type 
_pdbx_audit_revision_item.item 
1 4 'Structure model' '_software.classification'            
2 4 'Structure model' '_software.name'                      
3 6 'Structure model' '_database_2.pdbx_DOI'                
4 6 'Structure model' '_database_2.pdbx_database_accession' 
5 6 'Structure model' '_struct_conn.pdbx_leaving_atom_flag' 
6 6 'Structure model' '_struct_ref_seq_dif.details'         
7 6 'Structure model' '_struct_site.pdbx_auth_asym_id'      
8 6 'Structure model' '_struct_site.pdbx_auth_comp_id'      
9 6 'Structure model' '_struct_site.pdbx_auth_seq_id'       
# 
_pdbx_database_status.SG_entry                        Y 
_pdbx_database_status.entry_id                        2O3L 
_pdbx_database_status.deposit_site                    RCSB 
_pdbx_database_status.process_site                    RCSB 
_pdbx_database_status.recvd_initial_deposition_date   2006-12-01 
_pdbx_database_status.status_code                     REL 
_pdbx_database_status.status_code_sf                  REL 
_pdbx_database_status.status_code_mr                  ? 
_pdbx_database_status.status_code_cs                  ? 
_pdbx_database_status.pdb_format_compatible           Y 
_pdbx_database_status.methods_development_category    ? 
_pdbx_database_status.status_code_nmr_data            ? 
# 
_pdbx_database_related.db_name        TargetDB 
_pdbx_database_related.db_id          372072 
_pdbx_database_related.details        . 
_pdbx_database_related.content_type   unspecified 
# 
_audit_author.name           'Joint Center for Structural Genomics (JCSG)' 
_audit_author.pdbx_ordinal   1 
# 
_citation.id                        primary 
_citation.title                     
'Crystal structure of hypothetical protein (NP_979748.1) from Bacillus cereus ATCC 10987 at 2.05 A resolution' 
_citation.journal_abbrev            'To be published' 
_citation.journal_volume            ? 
_citation.page_first                ? 
_citation.page_last                 ? 
_citation.year                      ? 
_citation.journal_id_ASTM           ? 
_citation.country                   ? 
_citation.journal_id_ISSN           ? 
_citation.journal_id_CSD            0353 
_citation.book_publisher            ? 
_citation.pdbx_database_id_PubMed   ? 
_citation.pdbx_database_id_DOI      ? 
# 
_citation_author.citation_id        primary 
_citation_author.name               'Joint Center for Structural Genomics (JCSG)' 
_citation_author.ordinal            1 
_citation_author.identifier_ORCID   ? 
# 
loop_
_entity.id 
_entity.type 
_entity.src_method 
_entity.pdbx_description 
_entity.formula_weight 
_entity.pdbx_number_of_molecules 
_entity.pdbx_ec 
_entity.pdbx_mutation 
_entity.pdbx_fragment 
_entity.details 
1 polymer     man 'Hypothetical protein' 9897.275 2   ? ? 'residues 14-97' ? 
2 non-polymer syn GLYCEROL               92.094   3   ? ? ?                ? 
3 non-polymer syn 'SULFATE ION'          96.063   1   ? ? ?                ? 
4 water       nat water                  18.015   106 ? ? ?                ? 
# 
_entity_poly.entity_id                      1 
_entity_poly.type                           'polypeptide(L)' 
_entity_poly.nstd_linkage                   no 
_entity_poly.nstd_monomer                   yes 
_entity_poly.pdbx_seq_one_letter_code       
;GEYK(MSE)(MSE)(MSE)ARVAALPEDYQFVFKKIQNY(MSE)WNFSAGNG(MSE)D(MSE)LHIQYELIDLFEAGAAE
GRQVLDITGEDVASFADELVANAKTYVSK
;
_entity_poly.pdbx_seq_one_letter_code_can   
;GEYKMMMARVAALPEDYQFVFKKIQNYMWNFSAGNGMDMLHIQYELIDLFEAGAAEGRQVLDITGEDVASFADELVANAK
TYVSK
;
_entity_poly.pdbx_strand_id                 A,B 
_entity_poly.pdbx_target_identifier         372072 
# 
loop_
_pdbx_entity_nonpoly.entity_id 
_pdbx_entity_nonpoly.name 
_pdbx_entity_nonpoly.comp_id 
2 GLYCEROL      GOL 
3 'SULFATE ION' SO4 
4 water         HOH 
# 
loop_
_entity_poly_seq.entity_id 
_entity_poly_seq.num 
_entity_poly_seq.mon_id 
_entity_poly_seq.hetero 
1 1  GLY n 
1 2  GLU n 
1 3  TYR n 
1 4  LYS n 
1 5  MSE n 
1 6  MSE n 
1 7  MSE n 
1 8  ALA n 
1 9  ARG n 
1 10 VAL n 
1 11 ALA n 
1 12 ALA n 
1 13 LEU n 
1 14 PRO n 
1 15 GLU n 
1 16 ASP n 
1 17 TYR n 
1 18 GLN n 
1 19 PHE n 
1 20 VAL n 
1 21 PHE n 
1 22 LYS n 
1 23 LYS n 
1 24 ILE n 
1 25 GLN n 
1 26 ASN n 
1 27 TYR n 
1 28 MSE n 
1 29 TRP n 
1 30 ASN n 
1 31 PHE n 
1 32 SER n 
1 33 ALA n 
1 34 GLY n 
1 35 ASN n 
1 36 GLY n 
1 37 MSE n 
1 38 ASP n 
1 39 MSE n 
1 40 LEU n 
1 41 HIS n 
1 42 ILE n 
1 43 GLN n 
1 44 TYR n 
1 45 GLU n 
1 46 LEU n 
1 47 ILE n 
1 48 ASP n 
1 49 LEU n 
1 50 PHE n 
1 51 GLU n 
1 52 ALA n 
1 53 GLY n 
1 54 ALA n 
1 55 ALA n 
1 56 GLU n 
1 57 GLY n 
1 58 ARG n 
1 59 GLN n 
1 60 VAL n 
1 61 LEU n 
1 62 ASP n 
1 63 ILE n 
1 64 THR n 
1 65 GLY n 
1 66 GLU n 
1 67 ASP n 
1 68 VAL n 
1 69 ALA n 
1 70 SER n 
1 71 PHE n 
1 72 ALA n 
1 73 ASP n 
1 74 GLU n 
1 75 LEU n 
1 76 VAL n 
1 77 ALA n 
1 78 ASN n 
1 79 ALA n 
1 80 LYS n 
1 81 THR n 
1 82 TYR n 
1 83 VAL n 
1 84 SER n 
1 85 LYS n 
# 
_entity_src_gen.entity_id                          1 
_entity_src_gen.pdbx_src_id                        1 
_entity_src_gen.pdbx_alt_source_flag               sample 
_entity_src_gen.pdbx_seq_type                      ? 
_entity_src_gen.pdbx_beg_seq_num                   ? 
_entity_src_gen.pdbx_end_seq_num                   ? 
_entity_src_gen.gene_src_common_name               ? 
_entity_src_gen.gene_src_genus                     Bacillus 
_entity_src_gen.pdbx_gene_src_gene                 NP_979748.1 
_entity_src_gen.gene_src_species                   'Bacillus cereus' 
_entity_src_gen.gene_src_strain                    'ATCC 10987' 
_entity_src_gen.gene_src_tissue                    ? 
_entity_src_gen.gene_src_tissue_fraction           ? 
_entity_src_gen.gene_src_details                   ? 
_entity_src_gen.pdbx_gene_src_fragment             ? 
_entity_src_gen.pdbx_gene_src_scientific_name      'Bacillus cereus' 
_entity_src_gen.pdbx_gene_src_ncbi_taxonomy_id     222523 
_entity_src_gen.pdbx_gene_src_variant              ? 
_entity_src_gen.pdbx_gene_src_cell_line            ? 
_entity_src_gen.pdbx_gene_src_atcc                 ? 
_entity_src_gen.pdbx_gene_src_organ                ? 
_entity_src_gen.pdbx_gene_src_organelle            ? 
_entity_src_gen.pdbx_gene_src_cell                 ? 
_entity_src_gen.pdbx_gene_src_cellular_location    ? 
_entity_src_gen.host_org_common_name               ? 
_entity_src_gen.pdbx_host_org_scientific_name      'Escherichia coli' 
_entity_src_gen.pdbx_host_org_ncbi_taxonomy_id     562 
_entity_src_gen.host_org_genus                     Escherichia 
_entity_src_gen.pdbx_host_org_gene                 ? 
_entity_src_gen.pdbx_host_org_organ                ? 
_entity_src_gen.host_org_species                   ? 
_entity_src_gen.pdbx_host_org_tissue               ? 
_entity_src_gen.pdbx_host_org_tissue_fraction      ? 
_entity_src_gen.pdbx_host_org_strain               ? 
_entity_src_gen.pdbx_host_org_variant              ? 
_entity_src_gen.pdbx_host_org_cell_line            ? 
_entity_src_gen.pdbx_host_org_atcc                 ? 
_entity_src_gen.pdbx_host_org_culture_collection   ? 
_entity_src_gen.pdbx_host_org_cell                 ? 
_entity_src_gen.pdbx_host_org_organelle            ? 
_entity_src_gen.pdbx_host_org_cellular_location    ? 
_entity_src_gen.pdbx_host_org_vector_type          Plasmid 
_entity_src_gen.pdbx_host_org_vector               ? 
_entity_src_gen.host_org_details                   ? 
_entity_src_gen.expression_system_id               ? 
_entity_src_gen.plasmid_name                       ? 
_entity_src_gen.plasmid_details                    ? 
_entity_src_gen.pdbx_description                   ? 
# 
loop_
_chem_comp.id 
_chem_comp.type 
_chem_comp.mon_nstd_flag 
_chem_comp.name 
_chem_comp.pdbx_synonyms 
_chem_comp.formula 
_chem_comp.formula_weight 
ALA 'L-peptide linking' y ALANINE          ?                               'C3 H7 N O2'     89.093  
ARG 'L-peptide linking' y ARGININE         ?                               'C6 H15 N4 O2 1' 175.209 
ASN 'L-peptide linking' y ASPARAGINE       ?                               'C4 H8 N2 O3'    132.118 
ASP 'L-peptide linking' y 'ASPARTIC ACID'  ?                               'C4 H7 N O4'     133.103 
GLN 'L-peptide linking' y GLUTAMINE        ?                               'C5 H10 N2 O3'   146.144 
GLU 'L-peptide linking' y 'GLUTAMIC ACID'  ?                               'C5 H9 N O4'     147.129 
GLY 'peptide linking'   y GLYCINE          ?                               'C2 H5 N O2'     75.067  
GOL non-polymer         . GLYCEROL         'GLYCERIN; PROPANE-1,2,3-TRIOL' 'C3 H8 O3'       92.094  
HIS 'L-peptide linking' y HISTIDINE        ?                               'C6 H10 N3 O2 1' 156.162 
HOH non-polymer         . WATER            ?                               'H2 O'           18.015  
ILE 'L-peptide linking' y ISOLEUCINE       ?                               'C6 H13 N O2'    131.173 
LEU 'L-peptide linking' y LEUCINE          ?                               'C6 H13 N O2'    131.173 
LYS 'L-peptide linking' y LYSINE           ?                               'C6 H15 N2 O2 1' 147.195 
MET 'L-peptide linking' y METHIONINE       ?                               'C5 H11 N O2 S'  149.211 
MSE 'L-peptide linking' n SELENOMETHIONINE ?                               'C5 H11 N O2 Se' 196.106 
PHE 'L-peptide linking' y PHENYLALANINE    ?                               'C9 H11 N O2'    165.189 
PRO 'L-peptide linking' y PROLINE          ?                               'C5 H9 N O2'     115.130 
SER 'L-peptide linking' y SERINE           ?                               'C3 H7 N O3'     105.093 
SO4 non-polymer         . 'SULFATE ION'    ?                               'O4 S -2'        96.063  
THR 'L-peptide linking' y THREONINE        ?                               'C4 H9 N O3'     119.119 
TRP 'L-peptide linking' y TRYPTOPHAN       ?                               'C11 H12 N2 O2'  204.225 
TYR 'L-peptide linking' y TYROSINE         ?                               'C9 H11 N O3'    181.189 
VAL 'L-peptide linking' y VALINE           ?                               'C5 H11 N O2'    117.146 
# 
loop_
_pdbx_poly_seq_scheme.asym_id 
_pdbx_poly_seq_scheme.entity_id 
_pdbx_poly_seq_scheme.seq_id 
_pdbx_poly_seq_scheme.mon_id 
_pdbx_poly_seq_scheme.ndb_seq_num 
_pdbx_poly_seq_scheme.pdb_seq_num 
_pdbx_poly_seq_scheme.auth_seq_num 
_pdbx_poly_seq_scheme.pdb_mon_id 
_pdbx_poly_seq_scheme.auth_mon_id 
_pdbx_poly_seq_scheme.pdb_strand_id 
_pdbx_poly_seq_scheme.pdb_ins_code 
_pdbx_poly_seq_scheme.hetero 
A 1 1  GLY 1  13 0  GLY GLY A . n 
A 1 2  GLU 2  14 14 GLU GLU A . n 
A 1 3  TYR 3  15 15 TYR TYR A . n 
A 1 4  LYS 4  16 16 LYS LYS A . n 
A 1 5  MSE 5  17 17 MSE MSE A . n 
A 1 6  MSE 6  18 18 MSE MSE A . n 
A 1 7  MSE 7  19 19 MSE MSE A . n 
A 1 8  ALA 8  20 20 ALA ALA A . n 
A 1 9  ARG 9  21 21 ARG ARG A . n 
A 1 10 VAL 10 22 22 VAL VAL A . n 
A 1 11 ALA 11 23 23 ALA ALA A . n 
A 1 12 ALA 12 24 24 ALA ALA A . n 
A 1 13 LEU 13 25 25 LEU LEU A . n 
A 1 14 PRO 14 26 26 PRO PRO A . n 
A 1 15 GLU 15 27 27 GLU GLU A . n 
A 1 16 ASP 16 28 28 ASP ASP A . n 
A 1 17 TYR 17 29 29 TYR TYR A . n 
A 1 18 GLN 18 30 30 GLN GLN A . n 
A 1 19 PHE 19 31 31 PHE PHE A . n 
A 1 20 VAL 20 32 32 VAL VAL A . n 
A 1 21 PHE 21 33 33 PHE PHE A . n 
A 1 22 LYS 22 34 34 LYS LYS A . n 
A 1 23 LYS 23 35 35 LYS LYS A . n 
A 1 24 ILE 24 36 36 ILE ILE A . n 
A 1 25 GLN 25 37 37 GLN GLN A . n 
A 1 26 ASN 26 38 38 ASN ASN A . n 
A 1 27 TYR 27 39 39 TYR TYR A . n 
A 1 28 MSE 28 40 40 MSE MSE A . n 
A 1 29 TRP 29 41 41 TRP TRP A . n 
A 1 30 ASN 30 42 42 ASN ASN A . n 
A 1 31 PHE 31 43 43 PHE PHE A . n 
A 1 32 SER 32 44 44 SER SER A . n 
A 1 33 ALA 33 45 45 ALA ALA A . n 
A 1 34 GLY 34 46 46 GLY GLY A . n 
A 1 35 ASN 35 47 47 ASN ASN A . n 
A 1 36 GLY 36 48 48 GLY GLY A . n 
A 1 37 MSE 37 49 49 MSE MSE A . n 
A 1 38 ASP 38 50 50 ASP ASP A . n 
A 1 39 MSE 39 51 51 MSE MSE A . n 
A 1 40 LEU 40 52 52 LEU LEU A . n 
A 1 41 HIS 41 53 53 HIS HIS A . n 
A 1 42 ILE 42 54 54 ILE ILE A . n 
A 1 43 GLN 43 55 55 GLN GLN A . n 
A 1 44 TYR 44 56 56 TYR TYR A . n 
A 1 45 GLU 45 57 57 GLU GLU A . n 
A 1 46 LEU 46 58 58 LEU LEU A . n 
A 1 47 ILE 47 59 59 ILE ILE A . n 
A 1 48 ASP 48 60 60 ASP ASP A . n 
A 1 49 LEU 49 61 61 LEU LEU A . n 
A 1 50 PHE 50 62 62 PHE PHE A . n 
A 1 51 GLU 51 63 63 GLU GLU A . n 
A 1 52 ALA 52 64 64 ALA ALA A . n 
A 1 53 GLY 53 65 65 GLY GLY A . n 
A 1 54 ALA 54 66 66 ALA ALA A . n 
A 1 55 ALA 55 67 67 ALA ALA A . n 
A 1 56 GLU 56 68 68 GLU GLU A . n 
A 1 57 GLY 57 69 69 GLY GLY A . n 
A 1 58 ARG 58 70 70 ARG ARG A . n 
A 1 59 GLN 59 71 71 GLN GLN A . n 
A 1 60 VAL 60 72 72 VAL VAL A . n 
A 1 61 LEU 61 73 73 LEU LEU A . n 
A 1 62 ASP 62 74 74 ASP ASP A . n 
A 1 63 ILE 63 75 75 ILE ILE A . n 
A 1 64 THR 64 76 76 THR THR A . n 
A 1 65 GLY 65 77 77 GLY GLY A . n 
A 1 66 GLU 66 78 78 GLU GLU A . n 
A 1 67 ASP 67 79 79 ASP ASP A . n 
A 1 68 VAL 68 80 80 VAL VAL A . n 
A 1 69 ALA 69 81 81 ALA ALA A . n 
A 1 70 SER 70 82 82 SER SER A . n 
A 1 71 PHE 71 83 83 PHE PHE A . n 
A 1 72 ALA 72 84 84 ALA ALA A . n 
A 1 73 ASP 73 85 85 ASP ASP A . n 
A 1 74 GLU 74 86 86 GLU GLU A . n 
A 1 75 LEU 75 87 87 LEU LEU A . n 
A 1 76 VAL 76 88 88 VAL VAL A . n 
A 1 77 ALA 77 89 89 ALA ALA A . n 
A 1 78 ASN 78 90 90 ASN ASN A . n 
A 1 79 ALA 79 91 91 ALA ALA A . n 
A 1 80 LYS 80 92 92 LYS LYS A . n 
A 1 81 THR 81 93 93 THR THR A . n 
A 1 82 TYR 82 94 94 TYR TYR A . n 
A 1 83 VAL 83 95 95 VAL VAL A . n 
A 1 84 SER 84 96 ?  ?   ?   A . n 
A 1 85 LYS 85 97 ?  ?   ?   A . n 
B 1 1  GLY 1  13 ?  ?   ?   B . n 
B 1 2  GLU 2  14 14 GLU GLU B . n 
B 1 3  TYR 3  15 15 TYR TYR B . n 
B 1 4  LYS 4  16 16 LYS LYS B . n 
B 1 5  MSE 5  17 17 MSE MSE B . n 
B 1 6  MSE 6  18 18 MSE MSE B . n 
B 1 7  MSE 7  19 19 MSE MSE B . n 
B 1 8  ALA 8  20 20 ALA ALA B . n 
B 1 9  ARG 9  21 21 ARG ARG B . n 
B 1 10 VAL 10 22 22 VAL VAL B . n 
B 1 11 ALA 11 23 23 ALA ALA B . n 
B 1 12 ALA 12 24 24 ALA ALA B . n 
B 1 13 LEU 13 25 25 LEU LEU B . n 
B 1 14 PRO 14 26 26 PRO PRO B . n 
B 1 15 GLU 15 27 27 GLU GLU B . n 
B 1 16 ASP 16 28 28 ASP ASP B . n 
B 1 17 TYR 17 29 29 TYR TYR B . n 
B 1 18 GLN 18 30 30 GLN GLN B . n 
B 1 19 PHE 19 31 31 PHE PHE B . n 
B 1 20 VAL 20 32 32 VAL VAL B . n 
B 1 21 PHE 21 33 33 PHE PHE B . n 
B 1 22 LYS 22 34 34 LYS LYS B . n 
B 1 23 LYS 23 35 35 LYS LYS B . n 
B 1 24 ILE 24 36 36 ILE ILE B . n 
B 1 25 GLN 25 37 37 GLN GLN B . n 
B 1 26 ASN 26 38 38 ASN ASN B . n 
B 1 27 TYR 27 39 39 TYR TYR B . n 
B 1 28 MSE 28 40 40 MSE MSE B . n 
B 1 29 TRP 29 41 41 TRP TRP B . n 
B 1 30 ASN 30 42 42 ASN ASN B . n 
B 1 31 PHE 31 43 43 PHE PHE B . n 
B 1 32 SER 32 44 44 SER SER B . n 
B 1 33 ALA 33 45 45 ALA ALA B . n 
B 1 34 GLY 34 46 46 GLY GLY B . n 
B 1 35 ASN 35 47 47 ASN ASN B . n 
B 1 36 GLY 36 48 48 GLY GLY B . n 
B 1 37 MSE 37 49 49 MSE MSE B . n 
B 1 38 ASP 38 50 50 ASP ASP B . n 
B 1 39 MSE 39 51 51 MSE MSE B . n 
B 1 40 LEU 40 52 52 LEU LEU B . n 
B 1 41 HIS 41 53 53 HIS HIS B . n 
B 1 42 ILE 42 54 54 ILE ILE B . n 
B 1 43 GLN 43 55 55 GLN GLN B . n 
B 1 44 TYR 44 56 56 TYR TYR B . n 
B 1 45 GLU 45 57 57 GLU GLU B . n 
B 1 46 LEU 46 58 58 LEU LEU B . n 
B 1 47 ILE 47 59 59 ILE ILE B . n 
B 1 48 ASP 48 60 60 ASP ASP B . n 
B 1 49 LEU 49 61 61 LEU LEU B . n 
B 1 50 PHE 50 62 62 PHE PHE B . n 
B 1 51 GLU 51 63 63 GLU GLU B . n 
B 1 52 ALA 52 64 64 ALA ALA B . n 
B 1 53 GLY 53 65 65 GLY GLY B . n 
B 1 54 ALA 54 66 66 ALA ALA B . n 
B 1 55 ALA 55 67 67 ALA ALA B . n 
B 1 56 GLU 56 68 68 GLU GLU B . n 
B 1 57 GLY 57 69 69 GLY GLY B . n 
B 1 58 ARG 58 70 70 ARG ARG B . n 
B 1 59 GLN 59 71 71 GLN GLN B . n 
B 1 60 VAL 60 72 72 VAL VAL B . n 
B 1 61 LEU 61 73 73 LEU LEU B . n 
B 1 62 ASP 62 74 74 ASP ASP B . n 
B 1 63 ILE 63 75 75 ILE ILE B . n 
B 1 64 THR 64 76 76 THR THR B . n 
B 1 65 GLY 65 77 77 GLY GLY B . n 
B 1 66 GLU 66 78 78 GLU GLU B . n 
B 1 67 ASP 67 79 79 ASP ASP B . n 
B 1 68 VAL 68 80 80 VAL VAL B . n 
B 1 69 ALA 69 81 81 ALA ALA B . n 
B 1 70 SER 70 82 82 SER SER B . n 
B 1 71 PHE 71 83 83 PHE PHE B . n 
B 1 72 ALA 72 84 84 ALA ALA B . n 
B 1 73 ASP 73 85 85 ASP ASP B . n 
B 1 74 GLU 74 86 86 GLU GLU B . n 
B 1 75 LEU 75 87 87 LEU LEU B . n 
B 1 76 VAL 76 88 88 VAL VAL B . n 
B 1 77 ALA 77 89 89 ALA ALA B . n 
B 1 78 ASN 78 90 90 ASN ASN B . n 
B 1 79 ALA 79 91 91 ALA ALA B . n 
B 1 80 LYS 80 92 92 LYS LYS B . n 
B 1 81 THR 81 93 93 THR THR B . n 
B 1 82 TYR 82 94 94 TYR TYR B . n 
B 1 83 VAL 83 95 ?  ?   ?   B . n 
B 1 84 SER 84 96 ?  ?   ?   B . n 
B 1 85 LYS 85 97 ?  ?   ?   B . n 
# 
loop_
_pdbx_nonpoly_scheme.asym_id 
_pdbx_nonpoly_scheme.entity_id 
_pdbx_nonpoly_scheme.mon_id 
_pdbx_nonpoly_scheme.ndb_seq_num 
_pdbx_nonpoly_scheme.pdb_seq_num 
_pdbx_nonpoly_scheme.auth_seq_num 
_pdbx_nonpoly_scheme.pdb_mon_id 
_pdbx_nonpoly_scheme.auth_mon_id 
_pdbx_nonpoly_scheme.pdb_strand_id 
_pdbx_nonpoly_scheme.pdb_ins_code 
C 2 GOL 1  2   2   GOL GOL A . 
D 3 SO4 1  1   1   SO4 SO4 B . 
E 2 GOL 1  3   3   GOL GOL B . 
F 2 GOL 1  4   4   GOL GOL B . 
G 4 HOH 1  98  5   HOH HOH A . 
G 4 HOH 2  99  13  HOH HOH A . 
G 4 HOH 3  100 16  HOH HOH A . 
G 4 HOH 4  101 22  HOH HOH A . 
G 4 HOH 5  102 23  HOH HOH A . 
G 4 HOH 6  103 25  HOH HOH A . 
G 4 HOH 7  104 26  HOH HOH A . 
G 4 HOH 8  105 27  HOH HOH A . 
G 4 HOH 9  106 28  HOH HOH A . 
G 4 HOH 10 107 29  HOH HOH A . 
G 4 HOH 11 108 30  HOH HOH A . 
G 4 HOH 12 109 31  HOH HOH A . 
G 4 HOH 13 110 32  HOH HOH A . 
G 4 HOH 14 111 33  HOH HOH A . 
G 4 HOH 15 112 34  HOH HOH A . 
G 4 HOH 16 113 35  HOH HOH A . 
G 4 HOH 17 114 36  HOH HOH A . 
G 4 HOH 18 115 37  HOH HOH A . 
G 4 HOH 19 116 39  HOH HOH A . 
G 4 HOH 20 117 40  HOH HOH A . 
G 4 HOH 21 118 41  HOH HOH A . 
G 4 HOH 22 119 42  HOH HOH A . 
G 4 HOH 23 120 43  HOH HOH A . 
G 4 HOH 24 121 44  HOH HOH A . 
G 4 HOH 25 122 45  HOH HOH A . 
G 4 HOH 26 123 46  HOH HOH A . 
G 4 HOH 27 124 47  HOH HOH A . 
G 4 HOH 28 125 48  HOH HOH A . 
G 4 HOH 29 126 49  HOH HOH A . 
G 4 HOH 30 127 50  HOH HOH A . 
G 4 HOH 31 128 52  HOH HOH A . 
G 4 HOH 32 129 56  HOH HOH A . 
G 4 HOH 33 130 58  HOH HOH A . 
G 4 HOH 34 131 59  HOH HOH A . 
G 4 HOH 35 132 60  HOH HOH A . 
G 4 HOH 36 133 61  HOH HOH A . 
G 4 HOH 37 134 62  HOH HOH A . 
G 4 HOH 38 135 68  HOH HOH A . 
G 4 HOH 39 136 69  HOH HOH A . 
G 4 HOH 40 137 70  HOH HOH A . 
G 4 HOH 41 138 71  HOH HOH A . 
G 4 HOH 42 139 72  HOH HOH A . 
G 4 HOH 43 140 73  HOH HOH A . 
G 4 HOH 44 141 74  HOH HOH A . 
G 4 HOH 45 142 84  HOH HOH A . 
G 4 HOH 46 143 86  HOH HOH A . 
G 4 HOH 47 144 87  HOH HOH A . 
G 4 HOH 48 145 91  HOH HOH A . 
G 4 HOH 49 146 92  HOH HOH A . 
G 4 HOH 50 147 94  HOH HOH A . 
G 4 HOH 51 148 95  HOH HOH A . 
G 4 HOH 52 149 96  HOH HOH A . 
G 4 HOH 53 150 97  HOH HOH A . 
G 4 HOH 54 151 98  HOH HOH A . 
G 4 HOH 55 152 99  HOH HOH A . 
G 4 HOH 56 153 100 HOH HOH A . 
G 4 HOH 57 154 101 HOH HOH A . 
G 4 HOH 58 155 104 HOH HOH A . 
G 4 HOH 59 156 105 HOH HOH A . 
G 4 HOH 60 157 106 HOH HOH A . 
G 4 HOH 61 158 108 HOH HOH A . 
G 4 HOH 62 159 110 HOH HOH A . 
H 4 HOH 1  98  6   HOH HOH B . 
H 4 HOH 2  99  7   HOH HOH B . 
H 4 HOH 3  100 8   HOH HOH B . 
H 4 HOH 4  101 9   HOH HOH B . 
H 4 HOH 5  102 10  HOH HOH B . 
H 4 HOH 6  103 11  HOH HOH B . 
H 4 HOH 7  104 12  HOH HOH B . 
H 4 HOH 8  105 14  HOH HOH B . 
H 4 HOH 9  106 15  HOH HOH B . 
H 4 HOH 10 107 17  HOH HOH B . 
H 4 HOH 11 108 18  HOH HOH B . 
H 4 HOH 12 109 19  HOH HOH B . 
H 4 HOH 13 110 20  HOH HOH B . 
H 4 HOH 14 111 21  HOH HOH B . 
H 4 HOH 15 112 24  HOH HOH B . 
H 4 HOH 16 113 38  HOH HOH B . 
H 4 HOH 17 114 51  HOH HOH B . 
H 4 HOH 18 115 53  HOH HOH B . 
H 4 HOH 19 116 54  HOH HOH B . 
H 4 HOH 20 117 55  HOH HOH B . 
H 4 HOH 21 118 57  HOH HOH B . 
H 4 HOH 22 119 63  HOH HOH B . 
H 4 HOH 23 120 64  HOH HOH B . 
H 4 HOH 24 121 65  HOH HOH B . 
H 4 HOH 25 122 66  HOH HOH B . 
H 4 HOH 26 123 67  HOH HOH B . 
H 4 HOH 27 124 75  HOH HOH B . 
H 4 HOH 28 125 76  HOH HOH B . 
H 4 HOH 29 126 77  HOH HOH B . 
H 4 HOH 30 127 78  HOH HOH B . 
H 4 HOH 31 128 79  HOH HOH B . 
H 4 HOH 32 129 80  HOH HOH B . 
H 4 HOH 33 130 81  HOH HOH B . 
H 4 HOH 34 131 82  HOH HOH B . 
H 4 HOH 35 132 83  HOH HOH B . 
H 4 HOH 36 133 85  HOH HOH B . 
H 4 HOH 37 134 88  HOH HOH B . 
H 4 HOH 38 135 89  HOH HOH B . 
H 4 HOH 39 136 90  HOH HOH B . 
H 4 HOH 40 137 93  HOH HOH B . 
H 4 HOH 41 138 102 HOH HOH B . 
H 4 HOH 42 139 103 HOH HOH B . 
H 4 HOH 43 140 107 HOH HOH B . 
H 4 HOH 44 141 109 HOH HOH B . 
# 
loop_
_pdbx_unobs_or_zero_occ_atoms.id 
_pdbx_unobs_or_zero_occ_atoms.PDB_model_num 
_pdbx_unobs_or_zero_occ_atoms.polymer_flag 
_pdbx_unobs_or_zero_occ_atoms.occupancy_flag 
_pdbx_unobs_or_zero_occ_atoms.auth_asym_id 
_pdbx_unobs_or_zero_occ_atoms.auth_comp_id 
_pdbx_unobs_or_zero_occ_atoms.auth_seq_id 
_pdbx_unobs_or_zero_occ_atoms.PDB_ins_code 
_pdbx_unobs_or_zero_occ_atoms.auth_atom_id 
_pdbx_unobs_or_zero_occ_atoms.label_alt_id 
_pdbx_unobs_or_zero_occ_atoms.label_asym_id 
_pdbx_unobs_or_zero_occ_atoms.label_comp_id 
_pdbx_unobs_or_zero_occ_atoms.label_seq_id 
_pdbx_unobs_or_zero_occ_atoms.label_atom_id 
1  1 Y 1 A LYS 16 ? NZ  ? A LYS 4  NZ  
2  1 Y 1 A GLU 27 ? CG  ? A GLU 15 CG  
3  1 Y 1 A GLU 27 ? CD  ? A GLU 15 CD  
4  1 Y 1 A GLU 27 ? OE1 ? A GLU 15 OE1 
5  1 Y 1 A GLU 27 ? OE2 ? A GLU 15 OE2 
6  1 Y 1 A SER 44 ? OG  ? A SER 32 OG  
7  1 Y 1 A ALA 45 ? CB  ? A ALA 33 CB  
8  1 Y 1 A ALA 91 ? CB  ? A ALA 79 CB  
9  1 Y 1 A LYS 92 ? CG  ? A LYS 80 CG  
10 1 Y 1 A LYS 92 ? CD  ? A LYS 80 CD  
11 1 Y 1 A LYS 92 ? CE  ? A LYS 80 CE  
12 1 Y 1 A LYS 92 ? NZ  ? A LYS 80 NZ  
13 1 Y 1 A THR 93 ? OG1 ? A THR 81 OG1 
14 1 Y 1 A THR 93 ? CG2 ? A THR 81 CG2 
15 1 Y 1 A TYR 94 ? CG  ? A TYR 82 CG  
16 1 Y 1 A TYR 94 ? CD1 ? A TYR 82 CD1 
17 1 Y 1 A TYR 94 ? CD2 ? A TYR 82 CD2 
18 1 Y 1 A TYR 94 ? CE1 ? A TYR 82 CE1 
19 1 Y 1 A TYR 94 ? CE2 ? A TYR 82 CE2 
20 1 Y 1 A TYR 94 ? CZ  ? A TYR 82 CZ  
21 1 Y 1 A TYR 94 ? OH  ? A TYR 82 OH  
22 1 Y 1 A VAL 95 ? CG1 ? A VAL 83 CG1 
23 1 Y 1 A VAL 95 ? CG2 ? A VAL 83 CG2 
24 1 Y 1 B GLU 27 ? CD  ? B GLU 15 CD  
25 1 Y 1 B GLU 27 ? OE1 ? B GLU 15 OE1 
26 1 Y 1 B GLU 27 ? OE2 ? B GLU 15 OE2 
27 1 Y 1 B LYS 34 ? CD  ? B LYS 22 CD  
28 1 Y 1 B LYS 34 ? CE  ? B LYS 22 CE  
29 1 Y 1 B LYS 34 ? NZ  ? B LYS 22 NZ  
30 1 Y 1 B LYS 35 ? CE  ? B LYS 23 CE  
31 1 Y 1 B LYS 35 ? NZ  ? B LYS 23 NZ  
32 1 Y 1 B GLU 78 ? CG  ? B GLU 66 CG  
33 1 Y 1 B GLU 78 ? CD  ? B GLU 66 CD  
34 1 Y 1 B GLU 78 ? OE1 ? B GLU 66 OE1 
35 1 Y 1 B GLU 78 ? OE2 ? B GLU 66 OE2 
36 1 Y 1 B TYR 94 ? CG  ? B TYR 82 CG  
37 1 Y 1 B TYR 94 ? CD1 ? B TYR 82 CD1 
38 1 Y 1 B TYR 94 ? CD2 ? B TYR 82 CD2 
39 1 Y 1 B TYR 94 ? CE1 ? B TYR 82 CE1 
40 1 Y 1 B TYR 94 ? CE2 ? B TYR 82 CE2 
41 1 Y 1 B TYR 94 ? CZ  ? B TYR 82 CZ  
42 1 Y 1 B TYR 94 ? OH  ? B TYR 82 OH  
# 
loop_
_software.name 
_software.version 
_software.date 
_software.type 
_software.contact_author 
_software.contact_author_email 
_software.classification 
_software.location 
_software.language 
_software.citation_id 
_software.pdbx_ordinal 
MolProbity  3beta29   ?                package 'D.C. & J.S. Richardson lab' molprobity@kinemage.biochem.duke.edu 'model building'  
http://kinemage.biochem.duke.edu/molprobity/ ?          ? 1 
SHELX       .         ?                package 'George Sheldrick'           gsheldr@shelx.uni-ac.gwdg.de         phasing           
http://shelx.uni-ac.gwdg.de/SHELX/           Fortran_77 ? 2 
REFMAC      5.2.0005  ?                program 'Murshudov, G.N.'            ccp4@dl.ac.uk                        refinement        
http://www.ccp4.ac.uk/main.html              Fortran_77 ? 3 
SCALA       .         ?                other   'Phil Evans'                 pre@mrc-lmb.cam.ac.uk                'data scaling'    
http://www.ccp4.ac.uk/dist/html/INDEX.html   Fortran_77 ? 4 
PDB_EXTRACT 2.000     'April. 3, 2006' package PDB                          sw-help@rcsb.rutgers.edu             'data extraction' 
http://pdb.rutgers.edu/software/             C++        ? 5 
MOSFLM      .         ?                ?       ?                            ?                                    'data reduction'  
?                                            ?          ? 6 
CCP4        '(SCALA)' ?                ?       ?                            ?                                    'data scaling'    
?                                            ?          ? 7 
SHELXD      .         ?                ?       ?                            ?                                    phasing           
?                                            ?          ? 8 
autoSHARP   .         ?                ?       ?                            ?                                    phasing           
?                                            ?          ? 9 
# 
_cell.entry_id           2O3L 
_cell.length_a           61.202 
_cell.length_b           61.202 
_cell.length_c           101.702 
_cell.angle_alpha        90.000 
_cell.angle_beta         90.000 
_cell.angle_gamma        120.000 
_cell.pdbx_unique_axis   ? 
_cell.Z_PDB              12 
_cell.length_a_esd       ? 
_cell.length_b_esd       ? 
_cell.length_c_esd       ? 
_cell.angle_alpha_esd    ? 
_cell.angle_beta_esd     ? 
_cell.angle_gamma_esd    ? 
# 
_symmetry.entry_id                         2O3L 
_symmetry.Int_Tables_number                154 
_symmetry.space_group_name_H-M             'P 32 2 1' 
_symmetry.pdbx_full_space_group_name_H-M   ? 
_symmetry.cell_setting                     ? 
_symmetry.space_group_name_Hall            ? 
# 
_exptl.crystals_number   1 
_exptl.method            'X-RAY DIFFRACTION' 
_exptl.entry_id          2O3L 
# 
_exptl_crystal.id                    1 
_exptl_crystal.density_Matthews      2.78 
_exptl_crystal.density_meas          ? 
_exptl_crystal.density_percent_sol   55.71 
_exptl_crystal.description           ? 
_exptl_crystal.F_000                 ? 
_exptl_crystal.preparation           ? 
# 
_exptl_crystal_grow.crystal_id      1 
_exptl_crystal_grow.method          'VAPOR DIFFUSION, SITTING DROP, NANODROP' 
_exptl_crystal_grow.pH              6.0 
_exptl_crystal_grow.temp            277 
_exptl_crystal_grow.pdbx_details    '0.8M (NH4)2SO4, 0.1M MES pH 6.0, VAPOR DIFFUSION, SITTING DROP, NANODROP, temperature 277K' 
_exptl_crystal_grow.temp_details    ? 
_exptl_crystal_grow.pdbx_pH_range   . 
# 
_diffrn.id                     1 
_diffrn.ambient_temp           100 
_diffrn.ambient_temp_details   ? 
_diffrn.crystal_id             1 
# 
_diffrn_detector.diffrn_id              1 
_diffrn_detector.detector               CCD 
_diffrn_detector.type                   'MARMOSAIC 300 mm CCD' 
_diffrn_detector.details                'Adjustable focusing mirrors in K-B geometry' 
_diffrn_detector.pdbx_collection_date   2006-10-19 
# 
_diffrn_radiation.diffrn_id                        1 
_diffrn_radiation.pdbx_monochromatic_or_laue_m_l   M 
_diffrn_radiation.monochromator                    'Si(111) Double Crystal Monochromator' 
_diffrn_radiation.pdbx_diffrn_protocol             MAD 
_diffrn_radiation.wavelength_id                    1 
_diffrn_radiation.pdbx_scattering_type             x-ray 
# 
loop_
_diffrn_radiation_wavelength.id 
_diffrn_radiation_wavelength.wavelength 
_diffrn_radiation_wavelength.wt 
1 0.97921 1.0 
2 0.97942 1.0 
3 0.94645 1.0 
# 
_diffrn_source.diffrn_id                   1 
_diffrn_source.source                      SYNCHROTRON 
_diffrn_source.pdbx_synchrotron_beamline   23-ID-D 
_diffrn_source.type                        'APS BEAMLINE 23-ID-D' 
_diffrn_source.pdbx_wavelength_list        '0.97921, 0.97942, 0.94645' 
_diffrn_source.pdbx_wavelength             ? 
_diffrn_source.pdbx_synchrotron_site       APS 
# 
_reflns.entry_id                     2O3L 
_reflns.d_resolution_high            1.999 
_reflns.d_resolution_low             29.298 
_reflns.number_obs                   14352 
_reflns.pdbx_Rmerge_I_obs            0.071 
_reflns.pdbx_netI_over_sigmaI        6.400 
_reflns.pdbx_Rsym_value              0.071 
_reflns.pdbx_redundancy              5.200 
_reflns.percent_possible_obs         99.800 
_reflns.observed_criterion_sigma_F   ? 
_reflns.observed_criterion_sigma_I   ? 
_reflns.number_all                   ? 
_reflns.B_iso_Wilson_estimate        31.23 
_reflns.R_free_details               ? 
_reflns.limit_h_max                  ? 
_reflns.limit_h_min                  ? 
_reflns.limit_k_max                  ? 
_reflns.limit_k_min                  ? 
_reflns.limit_l_max                  ? 
_reflns.limit_l_min                  ? 
_reflns.observed_criterion_F_max     ? 
_reflns.observed_criterion_F_min     ? 
_reflns.pdbx_chi_squared             ? 
_reflns.pdbx_scaling_rejects         ? 
_reflns.pdbx_ordinal                 1 
_reflns.pdbx_diffrn_id               1 
# 
loop_
_reflns_shell.d_res_high 
_reflns_shell.d_res_low 
_reflns_shell.number_measured_obs 
_reflns_shell.number_measured_all 
_reflns_shell.number_unique_obs 
_reflns_shell.Rmerge_I_obs 
_reflns_shell.meanI_over_sigI_obs 
_reflns_shell.pdbx_Rsym_value 
_reflns_shell.pdbx_chi_squared 
_reflns_shell.pdbx_redundancy 
_reflns_shell.percent_possible_obs 
_reflns_shell.number_unique_all 
_reflns_shell.percent_possible_all 
_reflns_shell.pdbx_ordinal 
_reflns_shell.pdbx_diffrn_id 
2.05 2.10  ? 5308 ? 0.635 1.1  0.635 ? 5.10 ? 1040 99.30  1  1 
2.10 2.16  ? 5217 ? 0.493 1.4  0.493 ? 5.20 ? 1006 99.60  2  1 
2.16 2.22  ? 5119 ? 0.39  1.8  0.39  ? 5.20 ? 989  99.60  3  1 
2.22 2.29  ? 4911 ? 0.301 2.3  0.301 ? 5.20 ? 944  99.80  4  1 
2.29 2.37  ? 4965 ? 0.239 3.0  0.239 ? 5.20 ? 949  99.90  5  1 
2.37 2.45  ? 4787 ? 0.19  3.7  0.19  ? 5.30 ? 907  100.00 6  1 
2.45 2.54  ? 4563 ? 0.156 4.5  0.156 ? 5.30 ? 860  100.00 7  1 
2.54 2.65  ? 4523 ? 0.126 5.6  0.126 ? 5.40 ? 842  100.00 8  1 
2.65 2.76  ? 4417 ? 0.112 6.3  0.112 ? 5.40 ? 820  100.00 9  1 
2.76 2.90  ? 4185 ? 0.09  7.8  0.09  ? 5.40 ? 774  100.00 10 1 
2.90 3.06  ? 3996 ? 0.075 9.2  0.075 ? 5.40 ? 743  100.00 11 1 
3.06 3.24  ? 3767 ? 0.056 12.0 0.056 ? 5.40 ? 698  100.00 12 1 
3.24 3.47  ? 3539 ? 0.053 12.2 0.053 ? 5.30 ? 662  100.00 13 1 
3.47 3.74  ? 3284 ? 0.051 11.5 0.051 ? 5.30 ? 616  100.00 14 1 
3.74 4.10  ? 3068 ? 0.045 12.8 0.045 ? 5.20 ? 589  100.00 15 1 
4.10 4.58  ? 2759 ? 0.037 15.8 0.037 ? 5.30 ? 523  100.00 16 1 
4.58 5.29  ? 2391 ? 0.042 12.3 0.042 ? 5.10 ? 466  100.00 17 1 
5.29 6.48  ? 2003 ? 0.045 12.8 0.045 ? 5.00 ? 403  100.00 18 1 
6.48 9.17  ? 1576 ? 0.04  7.2  0.04  ? 4.80 ? 331  100.00 19 1 
9.17 29.30 ? 792  ? 0.041 9.5  0.041 ? 4.20 ? 190  96.20  20 1 
# 
_refine.entry_id                                 2O3L 
_refine.ls_d_res_high                            2.050 
_refine.ls_d_res_low                             29.298 
_refine.pdbx_ls_sigma_F                          0.00 
_refine.ls_percent_reflns_obs                    99.820 
_refine.ls_number_reflns_obs                     14319 
_refine.pdbx_ls_cross_valid_method               THROUGHOUT 
_refine.pdbx_R_Free_selection_details            RANDOM 
_refine.details                                  
;1. HYDROGENS HAVE BEEN ADDED IN THE RIDING POSITIONS. 2. ATOM RECORD CONTAINS RESIDUAL B FACTORS ONLY. 3. A MET-INHIBITION PROTOCOL WAS USED FOR SELENOMETHIONINE INCORPORATION DURING PROTEIN EXPRESSION. THE
 OCCUPANCY OF THE SE ATOMS IN THE MSE RESIDUES WAS REDUCED TO 0.70 TO ACCOUNT FOR THE REDUCED SCATTERING POWER DUE TO PARTIAL S-MET INCORPORATION. 4. TWO SULFATE MOLECULES FROM CRYSTALLIZATION SOLUTION ARE INCLUDED IN THE MODEL.
;
_refine.ls_R_factor_all                          ? 
_refine.ls_R_factor_R_work                       0.184 
_refine.ls_R_factor_R_free                       0.227 
_refine.ls_percent_reflns_R_free                 5.000 
_refine.ls_number_reflns_R_free                  723 
_refine.B_iso_mean                               39.551 
_refine.aniso_B[1][1]                            0.870 
_refine.aniso_B[2][2]                            0.870 
_refine.aniso_B[3][3]                            -1.300 
_refine.aniso_B[1][2]                            0.430 
_refine.aniso_B[1][3]                            0.000 
_refine.aniso_B[2][3]                            0.000 
_refine.correlation_coeff_Fo_to_Fc               0.958 
_refine.correlation_coeff_Fo_to_Fc_free          0.936 
_refine.pdbx_overall_ESU_R                       0.164 
_refine.pdbx_overall_ESU_R_Free                  0.154 
_refine.overall_SU_ML                            0.109 
_refine.overall_SU_B                             8.200 
_refine.solvent_model_details                    'BABINET MODEL WITH MASK' 
_refine.pdbx_solvent_vdw_probe_radii             1.200 
_refine.pdbx_solvent_ion_probe_radii             0.800 
_refine.pdbx_solvent_shrinkage_radii             0.800 
_refine.pdbx_method_to_determine_struct          MAD 
_refine.pdbx_stereochemistry_target_values       'MAXIMUM LIKELIHOOD WITH PHASES' 
_refine.pdbx_ls_sigma_I                          ? 
_refine.ls_number_reflns_all                     ? 
_refine.ls_R_factor_obs                          0.186 
_refine.ls_redundancy_reflns_obs                 ? 
_refine.pdbx_data_cutoff_high_absF               ? 
_refine.pdbx_data_cutoff_low_absF                ? 
_refine.ls_number_parameters                     ? 
_refine.ls_number_restraints                     ? 
_refine.ls_R_factor_R_free_error                 ? 
_refine.ls_R_factor_R_free_error_details         ? 
_refine.pdbx_starting_model                      ? 
_refine.pdbx_stereochem_target_val_spec_case     ? 
_refine.solvent_model_param_bsol                 ? 
_refine.solvent_model_param_ksol                 ? 
_refine.occupancy_max                            ? 
_refine.occupancy_min                            ? 
_refine.pdbx_isotropic_thermal_model             ? 
_refine.B_iso_min                                ? 
_refine.B_iso_max                                ? 
_refine.overall_SU_R_Cruickshank_DPI             ? 
_refine.overall_SU_R_free                        ? 
_refine.pdbx_data_cutoff_high_rms_absF           ? 
_refine.ls_wR_factor_R_free                      ? 
_refine.ls_wR_factor_R_work                      ? 
_refine.overall_FOM_free_R_set                   ? 
_refine.overall_FOM_work_R_set                   ? 
_refine.pdbx_refine_id                           'X-RAY DIFFRACTION' 
_refine.pdbx_TLS_residual_ADP_flag               'LIKELY RESIDUAL' 
_refine.pdbx_diffrn_id                           1 
_refine.pdbx_overall_phase_error                 ? 
_refine.pdbx_overall_SU_R_free_Cruickshank_DPI   ? 
_refine.pdbx_overall_SU_R_Blow_DPI               ? 
_refine.pdbx_overall_SU_R_free_Blow_DPI          ? 
# 
_refine_hist.pdbx_refine_id                   'X-RAY DIFFRACTION' 
_refine_hist.cycle_id                         LAST 
_refine_hist.pdbx_number_atoms_protein        1263 
_refine_hist.pdbx_number_atoms_nucleic_acid   0 
_refine_hist.pdbx_number_atoms_ligand         23 
_refine_hist.number_atoms_solvent             106 
_refine_hist.number_atoms_total               1392 
_refine_hist.d_res_high                       2.050 
_refine_hist.d_res_low                        29.298 
# 
loop_
_refine_ls_restr.type 
_refine_ls_restr.number 
_refine_ls_restr.dev_ideal 
_refine_ls_restr.dev_ideal_target 
_refine_ls_restr.weight 
_refine_ls_restr.pdbx_refine_id 
_refine_ls_restr.pdbx_restraint_function 
r_bond_refined_d         1359 0.018  0.022  ? 'X-RAY DIFFRACTION' ? 
r_bond_other_d           1199 0.001  0.020  ? 'X-RAY DIFFRACTION' ? 
r_angle_refined_deg      1841 1.501  1.950  ? 'X-RAY DIFFRACTION' ? 
r_angle_other_deg        2776 0.858  3.000  ? 'X-RAY DIFFRACTION' ? 
r_dihedral_angle_1_deg   178  5.699  5.000  ? 'X-RAY DIFFRACTION' ? 
r_dihedral_angle_2_deg   70   39.524 25.714 ? 'X-RAY DIFFRACTION' ? 
r_dihedral_angle_3_deg   222  14.636 15.000 ? 'X-RAY DIFFRACTION' ? 
r_dihedral_angle_4_deg   4    9.518  15.000 ? 'X-RAY DIFFRACTION' ? 
r_chiral_restr           193  0.093  0.200  ? 'X-RAY DIFFRACTION' ? 
r_gen_planes_refined     1561 0.006  0.020  ? 'X-RAY DIFFRACTION' ? 
r_gen_planes_other       281  0.001  0.020  ? 'X-RAY DIFFRACTION' ? 
r_nbd_refined            350  0.222  0.200  ? 'X-RAY DIFFRACTION' ? 
r_nbd_other              1214 0.169  0.200  ? 'X-RAY DIFFRACTION' ? 
r_nbtor_refined          687  0.192  0.200  ? 'X-RAY DIFFRACTION' ? 
r_nbtor_other            771  0.087  0.200  ? 'X-RAY DIFFRACTION' ? 
r_xyhbond_nbd_refined    82   0.154  0.200  ? 'X-RAY DIFFRACTION' ? 
r_symmetry_vdw_refined   14   0.180  0.200  ? 'X-RAY DIFFRACTION' ? 
r_symmetry_vdw_other     42   0.222  0.200  ? 'X-RAY DIFFRACTION' ? 
r_symmetry_hbond_refined 7    0.097  0.200  ? 'X-RAY DIFFRACTION' ? 
r_mcbond_it              858  2.487  3.000  ? 'X-RAY DIFFRACTION' ? 
r_mcbond_other           350  0.658  3.000  ? 'X-RAY DIFFRACTION' ? 
r_mcangle_it             1320 3.489  5.000  ? 'X-RAY DIFFRACTION' ? 
r_scbond_it              579  6.955  8.000  ? 'X-RAY DIFFRACTION' ? 
r_scangle_it             514  8.363  11.000 ? 'X-RAY DIFFRACTION' ? 
# 
_refine_ls_shell.d_res_high                       2.051 
_refine_ls_shell.d_res_low                        2.104 
_refine_ls_shell.pdbx_total_number_of_bins_used   20 
_refine_ls_shell.percent_reflns_obs               99.520 
_refine_ls_shell.number_reflns_R_work             987 
_refine_ls_shell.R_factor_all                     ? 
_refine_ls_shell.R_factor_R_work                  0.253 
_refine_ls_shell.R_factor_R_free                  0.25 
_refine_ls_shell.percent_reflns_R_free            ? 
_refine_ls_shell.number_reflns_R_free             52 
_refine_ls_shell.R_factor_R_free_error            ? 
_refine_ls_shell.number_reflns_all                ? 
_refine_ls_shell.number_reflns_obs                1039 
_refine_ls_shell.redundancy_reflns_obs            ? 
_refine_ls_shell.pdbx_refine_id                   'X-RAY DIFFRACTION' 
# 
_struct.entry_id                  2O3L 
_struct.title                     
;Crystal structure of a duf1048 protein with a left-handed superhelix fold (bce_3448) from bacillus cereus atcc 10987 at 2.05 A resolution
;
_struct.pdbx_model_details        ? 
_struct.pdbx_CASP_flag            ? 
_struct.pdbx_model_type_details   ? 
# 
_struct_keywords.text            
'Structural genomics, Joint Center for Structural Genomics, JCSG, Protein Structure Initiative, PSI-2, unknown function' 
_struct_keywords.pdbx_keywords   'UNKNOWN FUNCTION' 
_struct_keywords.entry_id        2O3L 
# 
loop_
_struct_asym.id 
_struct_asym.pdbx_blank_PDB_chainid_flag 
_struct_asym.pdbx_modified 
_struct_asym.entity_id 
_struct_asym.details 
A N N 1 ? 
B N N 1 ? 
C N N 2 ? 
D N N 3 ? 
E N N 2 ? 
F N N 2 ? 
G N N 4 ? 
H N N 4 ? 
# 
_struct_ref.id                         1 
_struct_ref.db_name                    UNP 
_struct_ref.db_code                    Q734F7_BACC1 
_struct_ref.pdbx_db_accession          Q734F7 
_struct_ref.entity_id                  1 
_struct_ref.pdbx_seq_one_letter_code   
;EYKMMMARVAALPEDYQFVFKKIQNYMWNFSAGNGMDMLHIQYELIDLFEAGAAEGRQVLDITGEDVASFADELVANAKT
YVSK
;
_struct_ref.pdbx_align_begin           14 
_struct_ref.pdbx_db_isoform            ? 
# 
loop_
_struct_ref_seq.align_id 
_struct_ref_seq.ref_id 
_struct_ref_seq.pdbx_PDB_id_code 
_struct_ref_seq.pdbx_strand_id 
_struct_ref_seq.seq_align_beg 
_struct_ref_seq.pdbx_seq_align_beg_ins_code 
_struct_ref_seq.seq_align_end 
_struct_ref_seq.pdbx_seq_align_end_ins_code 
_struct_ref_seq.pdbx_db_accession 
_struct_ref_seq.db_align_beg 
_struct_ref_seq.pdbx_db_align_beg_ins_code 
_struct_ref_seq.db_align_end 
_struct_ref_seq.pdbx_db_align_end_ins_code 
_struct_ref_seq.pdbx_auth_seq_align_beg 
_struct_ref_seq.pdbx_auth_seq_align_end 
1 1 2O3L A 2 ? 85 ? Q734F7 14 ? 97 ? 14 97 
2 1 2O3L B 2 ? 85 ? Q734F7 14 ? 97 ? 14 97 
# 
loop_
_struct_ref_seq_dif.align_id 
_struct_ref_seq_dif.pdbx_pdb_id_code 
_struct_ref_seq_dif.mon_id 
_struct_ref_seq_dif.pdbx_pdb_strand_id 
_struct_ref_seq_dif.seq_num 
_struct_ref_seq_dif.pdbx_pdb_ins_code 
_struct_ref_seq_dif.pdbx_seq_db_name 
_struct_ref_seq_dif.pdbx_seq_db_accession_code 
_struct_ref_seq_dif.db_mon_id 
_struct_ref_seq_dif.pdbx_seq_db_seq_num 
_struct_ref_seq_dif.details 
_struct_ref_seq_dif.pdbx_auth_seq_num 
_struct_ref_seq_dif.pdbx_ordinal 
1 2O3L GLY A 1  ? UNP Q734F7 ?   ?  'expression tag'   13 1  
1 2O3L MSE A 5  ? UNP Q734F7 MET 17 'modified residue' 17 2  
1 2O3L MSE A 6  ? UNP Q734F7 MET 18 'modified residue' 18 3  
1 2O3L MSE A 7  ? UNP Q734F7 MET 19 'modified residue' 19 4  
1 2O3L MSE A 28 ? UNP Q734F7 MET 40 'modified residue' 40 5  
1 2O3L MSE A 37 ? UNP Q734F7 MET 49 'modified residue' 49 6  
1 2O3L MSE A 39 ? UNP Q734F7 MET 51 'modified residue' 51 7  
2 2O3L GLY B 1  ? UNP Q734F7 ?   ?  'expression tag'   13 8  
2 2O3L MSE B 5  ? UNP Q734F7 MET 17 'modified residue' 17 9  
2 2O3L MSE B 6  ? UNP Q734F7 MET 18 'modified residue' 18 10 
2 2O3L MSE B 7  ? UNP Q734F7 MET 19 'modified residue' 19 11 
2 2O3L MSE B 28 ? UNP Q734F7 MET 40 'modified residue' 40 12 
2 2O3L MSE B 37 ? UNP Q734F7 MET 49 'modified residue' 49 13 
2 2O3L MSE B 39 ? UNP Q734F7 MET 51 'modified residue' 51 14 
# 
loop_
_pdbx_struct_assembly.id 
_pdbx_struct_assembly.details 
_pdbx_struct_assembly.method_details 
_pdbx_struct_assembly.oligomeric_details 
_pdbx_struct_assembly.oligomeric_count 
1 author_defined_assembly ? monomeric 1 
2 author_defined_assembly ? monomeric 1 
# 
loop_
_pdbx_struct_assembly_gen.assembly_id 
_pdbx_struct_assembly_gen.oper_expression 
_pdbx_struct_assembly_gen.asym_id_list 
1 1 A,C,G     
2 1 B,D,E,F,H 
# 
loop_
_pdbx_struct_assembly_auth_evidence.id 
_pdbx_struct_assembly_auth_evidence.assembly_id 
_pdbx_struct_assembly_auth_evidence.experimental_support 
_pdbx_struct_assembly_auth_evidence.details 
1 1 'gel filtration'   ? 
2 1 'light scattering' ? 
3 2 'gel filtration'   ? 
4 2 'light scattering' ? 
# 
_pdbx_struct_oper_list.id                   1 
_pdbx_struct_oper_list.type                 'identity operation' 
_pdbx_struct_oper_list.name                 1_555 
_pdbx_struct_oper_list.symmetry_operation   x,y,z 
_pdbx_struct_oper_list.matrix[1][1]         1.0000000000 
_pdbx_struct_oper_list.matrix[1][2]         0.0000000000 
_pdbx_struct_oper_list.matrix[1][3]         0.0000000000 
_pdbx_struct_oper_list.vector[1]            0.0000000000 
_pdbx_struct_oper_list.matrix[2][1]         0.0000000000 
_pdbx_struct_oper_list.matrix[2][2]         1.0000000000 
_pdbx_struct_oper_list.matrix[2][3]         0.0000000000 
_pdbx_struct_oper_list.vector[2]            0.0000000000 
_pdbx_struct_oper_list.matrix[3][1]         0.0000000000 
_pdbx_struct_oper_list.matrix[3][2]         0.0000000000 
_pdbx_struct_oper_list.matrix[3][3]         1.0000000000 
_pdbx_struct_oper_list.vector[3]            0.0000000000 
# 
_struct_biol.id                    1 
_struct_biol.details               
;THE RESULTS OF SIZE EXCLUSION CHROMATOGRAPHY WITH
STATIC LIGHT SCATTERING SUPPORTS THE ASSIGNMENT OF THE MONOMER
AS A BIOLOGICALLY SIGNIFICANT OLIGOMERIZATION STATE.
;
_struct_biol.pdbx_parent_biol_id   ? 
# 
loop_
_struct_conf.conf_type_id 
_struct_conf.id 
_struct_conf.pdbx_PDB_helix_id 
_struct_conf.beg_label_comp_id 
_struct_conf.beg_label_asym_id 
_struct_conf.beg_label_seq_id 
_struct_conf.pdbx_beg_PDB_ins_code 
_struct_conf.end_label_comp_id 
_struct_conf.end_label_asym_id 
_struct_conf.end_label_seq_id 
_struct_conf.pdbx_end_PDB_ins_code 
_struct_conf.beg_auth_comp_id 
_struct_conf.beg_auth_asym_id 
_struct_conf.beg_auth_seq_id 
_struct_conf.end_auth_comp_id 
_struct_conf.end_auth_asym_id 
_struct_conf.end_auth_seq_id 
_struct_conf.pdbx_PDB_helix_class 
_struct_conf.details 
_struct_conf.pdbx_PDB_helix_length 
HELX_P HELX_P1  1  GLY A 1  ? ALA A 12 ? GLY A 13 ALA A 24 1 ? 12 
HELX_P HELX_P2  2  PRO A 14 ? SER A 32 ? PRO A 26 SER A 44 1 ? 19 
HELX_P HELX_P3  3  ASN A 35 ? GLY A 57 ? ASN A 47 GLY A 69 1 ? 23 
HELX_P HELX_P4  4  GLN A 59 ? GLY A 65 ? GLN A 71 GLY A 77 1 ? 7  
HELX_P HELX_P5  5  ASP A 67 ? VAL A 83 ? ASP A 79 VAL A 95 1 ? 17 
HELX_P HELX_P6  6  MSE B 5  ? ALA B 12 ? MSE B 17 ALA B 24 1 ? 8  
HELX_P HELX_P7  7  PRO B 14 ? SER B 32 ? PRO B 26 SER B 44 1 ? 19 
HELX_P HELX_P8  8  ASN B 35 ? GLU B 56 ? ASN B 47 GLU B 68 1 ? 22 
HELX_P HELX_P9  9  GLN B 59 ? GLY B 65 ? GLN B 71 GLY B 77 1 ? 7  
HELX_P HELX_P10 10 ASP B 67 ? LYS B 80 ? ASP B 79 LYS B 92 1 ? 14 
# 
_struct_conf_type.id          HELX_P 
_struct_conf_type.criteria    ? 
_struct_conf_type.reference   ? 
# 
loop_
_struct_conn.id 
_struct_conn.conn_type_id 
_struct_conn.pdbx_leaving_atom_flag 
_struct_conn.pdbx_PDB_id 
_struct_conn.ptnr1_label_asym_id 
_struct_conn.ptnr1_label_comp_id 
_struct_conn.ptnr1_label_seq_id 
_struct_conn.ptnr1_label_atom_id 
_struct_conn.pdbx_ptnr1_label_alt_id 
_struct_conn.pdbx_ptnr1_PDB_ins_code 
_struct_conn.pdbx_ptnr1_standard_comp_id 
_struct_conn.ptnr1_symmetry 
_struct_conn.ptnr2_label_asym_id 
_struct_conn.ptnr2_label_comp_id 
_struct_conn.ptnr2_label_seq_id 
_struct_conn.ptnr2_label_atom_id 
_struct_conn.pdbx_ptnr2_label_alt_id 
_struct_conn.pdbx_ptnr2_PDB_ins_code 
_struct_conn.ptnr1_auth_asym_id 
_struct_conn.ptnr1_auth_comp_id 
_struct_conn.ptnr1_auth_seq_id 
_struct_conn.ptnr2_auth_asym_id 
_struct_conn.ptnr2_auth_comp_id 
_struct_conn.ptnr2_auth_seq_id 
_struct_conn.ptnr2_symmetry 
_struct_conn.pdbx_ptnr3_label_atom_id 
_struct_conn.pdbx_ptnr3_label_seq_id 
_struct_conn.pdbx_ptnr3_label_comp_id 
_struct_conn.pdbx_ptnr3_label_asym_id 
_struct_conn.pdbx_ptnr3_label_alt_id 
_struct_conn.pdbx_ptnr3_PDB_ins_code 
_struct_conn.details 
_struct_conn.pdbx_dist_value 
_struct_conn.pdbx_value_order 
_struct_conn.pdbx_role 
covale1  covale both ? A LYS 4  C ? ? ? 1_555 A MSE 5  N ? ? A LYS 16 A MSE 17 1_555 ? ? ? ? ? ? ? 1.324 ? ? 
covale2  covale both ? A MSE 5  C ? ? ? 1_555 A MSE 6  N ? ? A MSE 17 A MSE 18 1_555 ? ? ? ? ? ? ? 1.324 ? ? 
covale3  covale both ? A MSE 6  C ? ? ? 1_555 A MSE 7  N ? ? A MSE 18 A MSE 19 1_555 ? ? ? ? ? ? ? 1.334 ? ? 
covale4  covale both ? A MSE 7  C ? ? ? 1_555 A ALA 8  N ? ? A MSE 19 A ALA 20 1_555 ? ? ? ? ? ? ? 1.329 ? ? 
covale5  covale both ? A TYR 27 C ? ? ? 1_555 A MSE 28 N ? ? A TYR 39 A MSE 40 1_555 ? ? ? ? ? ? ? 1.320 ? ? 
covale6  covale both ? A MSE 28 C ? ? ? 1_555 A TRP 29 N ? ? A MSE 40 A TRP 41 1_555 ? ? ? ? ? ? ? 1.322 ? ? 
covale7  covale both ? A GLY 36 C ? ? ? 1_555 A MSE 37 N ? ? A GLY 48 A MSE 49 1_555 ? ? ? ? ? ? ? 1.347 ? ? 
covale8  covale both ? A MSE 37 C ? ? ? 1_555 A ASP 38 N ? ? A MSE 49 A ASP 50 1_555 ? ? ? ? ? ? ? 1.325 ? ? 
covale9  covale both ? A ASP 38 C ? ? ? 1_555 A MSE 39 N ? ? A ASP 50 A MSE 51 1_555 ? ? ? ? ? ? ? 1.330 ? ? 
covale10 covale both ? A MSE 39 C ? ? ? 1_555 A LEU 40 N ? ? A MSE 51 A LEU 52 1_555 ? ? ? ? ? ? ? 1.328 ? ? 
covale11 covale both ? B LYS 4  C ? ? ? 1_555 B MSE 5  N ? ? B LYS 16 B MSE 17 1_555 ? ? ? ? ? ? ? 1.337 ? ? 
covale12 covale both ? B MSE 5  C ? ? ? 1_555 B MSE 6  N ? ? B MSE 17 B MSE 18 1_555 ? ? ? ? ? ? ? 1.316 ? ? 
covale13 covale both ? B MSE 6  C ? ? ? 1_555 B MSE 7  N ? ? B MSE 18 B MSE 19 1_555 ? ? ? ? ? ? ? 1.326 ? ? 
covale14 covale both ? B MSE 7  C ? ? ? 1_555 B ALA 8  N ? ? B MSE 19 B ALA 20 1_555 ? ? ? ? ? ? ? 1.329 ? ? 
covale15 covale both ? B TYR 27 C ? ? ? 1_555 B MSE 28 N ? ? B TYR 39 B MSE 40 1_555 ? ? ? ? ? ? ? 1.334 ? ? 
covale16 covale both ? B MSE 28 C ? ? ? 1_555 B TRP 29 N ? ? B MSE 40 B TRP 41 1_555 ? ? ? ? ? ? ? 1.321 ? ? 
covale17 covale both ? B GLY 36 C ? ? ? 1_555 B MSE 37 N ? ? B GLY 48 B MSE 49 1_555 ? ? ? ? ? ? ? 1.331 ? ? 
covale18 covale both ? B MSE 37 C ? ? ? 1_555 B ASP 38 N ? ? B MSE 49 B ASP 50 1_555 ? ? ? ? ? ? ? 1.331 ? ? 
covale19 covale both ? B ASP 38 C ? ? ? 1_555 B MSE 39 N ? ? B ASP 50 B MSE 51 1_555 ? ? ? ? ? ? ? 1.334 ? ? 
covale20 covale both ? B MSE 39 C ? ? ? 1_555 B LEU 40 N ? ? B MSE 51 B LEU 52 1_555 ? ? ? ? ? ? ? 1.337 ? ? 
# 
_struct_conn_type.id          covale 
_struct_conn_type.criteria    ? 
_struct_conn_type.reference   ? 
# 
loop_
_pdbx_modification_feature.ordinal 
_pdbx_modification_feature.label_comp_id 
_pdbx_modification_feature.label_asym_id 
_pdbx_modification_feature.label_seq_id 
_pdbx_modification_feature.label_alt_id 
_pdbx_modification_feature.modified_residue_label_comp_id 
_pdbx_modification_feature.modified_residue_label_asym_id 
_pdbx_modification_feature.modified_residue_label_seq_id 
_pdbx_modification_feature.modified_residue_label_alt_id 
_pdbx_modification_feature.auth_comp_id 
_pdbx_modification_feature.auth_asym_id 
_pdbx_modification_feature.auth_seq_id 
_pdbx_modification_feature.PDB_ins_code 
_pdbx_modification_feature.symmetry 
_pdbx_modification_feature.modified_residue_auth_comp_id 
_pdbx_modification_feature.modified_residue_auth_asym_id 
_pdbx_modification_feature.modified_residue_auth_seq_id 
_pdbx_modification_feature.modified_residue_PDB_ins_code 
_pdbx_modification_feature.modified_residue_symmetry 
_pdbx_modification_feature.comp_id_linking_atom 
_pdbx_modification_feature.modified_residue_id_linking_atom 
_pdbx_modification_feature.modified_residue_id 
_pdbx_modification_feature.ref_pcm_id 
_pdbx_modification_feature.ref_comp_id 
_pdbx_modification_feature.type 
_pdbx_modification_feature.category 
1  MSE A 5  ? . . . . MSE A 17 ? 1_555 . . . . . . . MET 1 MSE Selenomethionine 'Named protein modification' 
2  MSE A 6  ? . . . . MSE A 18 ? 1_555 . . . . . . . MET 1 MSE Selenomethionine 'Named protein modification' 
3  MSE A 7  ? . . . . MSE A 19 ? 1_555 . . . . . . . MET 1 MSE Selenomethionine 'Named protein modification' 
4  MSE A 28 ? . . . . MSE A 40 ? 1_555 . . . . . . . MET 1 MSE Selenomethionine 'Named protein modification' 
5  MSE A 37 ? . . . . MSE A 49 ? 1_555 . . . . . . . MET 1 MSE Selenomethionine 'Named protein modification' 
6  MSE A 39 ? . . . . MSE A 51 ? 1_555 . . . . . . . MET 1 MSE Selenomethionine 'Named protein modification' 
7  MSE B 5  ? . . . . MSE B 17 ? 1_555 . . . . . . . MET 1 MSE Selenomethionine 'Named protein modification' 
8  MSE B 6  ? . . . . MSE B 18 ? 1_555 . . . . . . . MET 1 MSE Selenomethionine 'Named protein modification' 
9  MSE B 7  ? . . . . MSE B 19 ? 1_555 . . . . . . . MET 1 MSE Selenomethionine 'Named protein modification' 
10 MSE B 28 ? . . . . MSE B 40 ? 1_555 . . . . . . . MET 1 MSE Selenomethionine 'Named protein modification' 
11 MSE B 37 ? . . . . MSE B 49 ? 1_555 . . . . . . . MET 1 MSE Selenomethionine 'Named protein modification' 
12 MSE B 39 ? . . . . MSE B 51 ? 1_555 . . . . . . . MET 1 MSE Selenomethionine 'Named protein modification' 
# 
loop_
_struct_site.id 
_struct_site.pdbx_evidence_code 
_struct_site.pdbx_auth_asym_id 
_struct_site.pdbx_auth_comp_id 
_struct_site.pdbx_auth_seq_id 
_struct_site.pdbx_auth_ins_code 
_struct_site.pdbx_num_residues 
_struct_site.details 
AC1 Software B SO4 1 ? 6 'BINDING SITE FOR RESIDUE SO4 B 1' 
AC2 Software A GOL 2 ? 6 'BINDING SITE FOR RESIDUE GOL A 2' 
AC3 Software B GOL 3 ? 6 'BINDING SITE FOR RESIDUE GOL B 3' 
AC4 Software B GOL 4 ? 7 'BINDING SITE FOR RESIDUE GOL B 4' 
# 
loop_
_struct_site_gen.id 
_struct_site_gen.site_id 
_struct_site_gen.pdbx_num_res 
_struct_site_gen.label_comp_id 
_struct_site_gen.label_asym_id 
_struct_site_gen.label_seq_id 
_struct_site_gen.pdbx_auth_ins_code 
_struct_site_gen.auth_comp_id 
_struct_site_gen.auth_asym_id 
_struct_site_gen.auth_seq_id 
_struct_site_gen.label_atom_id 
_struct_site_gen.label_alt_id 
_struct_site_gen.symmetry 
_struct_site_gen.details 
1  AC1 6 ARG A 58 ? ARG A 70  . ? 3_455 ? 
2  AC1 6 ASP A 62 ? ASP A 74  . ? 3_455 ? 
3  AC1 6 ALA B 33 ? ALA B 45  . ? 3_455 ? 
4  AC1 6 ARG B 58 ? ARG B 70  . ? 1_555 ? 
5  AC1 6 GLN B 59 ? GLN B 71  . ? 1_555 ? 
6  AC1 6 ASP B 62 ? ASP B 74  . ? 1_555 ? 
7  AC2 6 ASP A 16 ? ASP A 28  . ? 1_555 ? 
8  AC2 6 TYR A 17 ? TYR A 29  . ? 1_555 ? 
9  AC2 6 ALA A 54 ? ALA A 66  . ? 1_555 ? 
10 AC2 6 ARG A 58 ? ARG A 70  . ? 1_555 ? 
11 AC2 6 GLN A 59 ? GLN A 71  . ? 1_555 ? 
12 AC2 6 HOH G .  ? HOH A 129 . ? 1_555 ? 
13 AC3 6 GLU A 74 ? GLU A 86  . ? 1_555 ? 
14 AC3 6 ASN B 35 ? ASN B 47  . ? 1_555 ? 
15 AC3 6 ASP B 38 ? ASP B 50  . ? 1_555 ? 
16 AC3 6 HOH H .  ? HOH B 107 . ? 1_555 ? 
17 AC3 6 HOH H .  ? HOH B 112 . ? 1_555 ? 
18 AC3 6 HOH H .  ? HOH B 114 . ? 1_555 ? 
19 AC4 7 GLU A 2  ? GLU A 14  . ? 5_565 ? 
20 AC4 7 MSE A 37 ? MSE A 49  . ? 5_565 ? 
21 AC4 7 GLU B 45 ? GLU B 57  . ? 1_555 ? 
22 AC4 7 LEU B 75 ? LEU B 87  . ? 1_555 ? 
23 AC4 7 ASN B 78 ? ASN B 90  . ? 1_555 ? 
24 AC4 7 ALA B 79 ? ALA B 91  . ? 1_555 ? 
25 AC4 7 TYR B 82 ? TYR B 94  . ? 1_555 ? 
# 
_pdbx_entry_details.entry_id                   2O3L 
_pdbx_entry_details.compound_details           ? 
_pdbx_entry_details.source_details             ? 
_pdbx_entry_details.nonpolymer_details         ? 
_pdbx_entry_details.sequence_details           ? 
_pdbx_entry_details.has_ligand_of_interest     ? 
_pdbx_entry_details.has_protein_modification   Y 
# 
_pdbx_SG_project.project_name          'PSI, Protein Structure Initiative' 
_pdbx_SG_project.full_name_of_center   'Joint Center for Structural Genomics' 
_pdbx_SG_project.id                    1 
_pdbx_SG_project.initial_of_center     JCSG 
# 
loop_
_pdbx_struct_mod_residue.id 
_pdbx_struct_mod_residue.label_asym_id 
_pdbx_struct_mod_residue.label_comp_id 
_pdbx_struct_mod_residue.label_seq_id 
_pdbx_struct_mod_residue.auth_asym_id 
_pdbx_struct_mod_residue.auth_comp_id 
_pdbx_struct_mod_residue.auth_seq_id 
_pdbx_struct_mod_residue.PDB_ins_code 
_pdbx_struct_mod_residue.parent_comp_id 
_pdbx_struct_mod_residue.details 
1  A MSE 5  A MSE 17 ? MET SELENOMETHIONINE 
2  A MSE 6  A MSE 18 ? MET SELENOMETHIONINE 
3  A MSE 7  A MSE 19 ? MET SELENOMETHIONINE 
4  A MSE 28 A MSE 40 ? MET SELENOMETHIONINE 
5  A MSE 37 A MSE 49 ? MET SELENOMETHIONINE 
6  A MSE 39 A MSE 51 ? MET SELENOMETHIONINE 
7  B MSE 5  B MSE 17 ? MET SELENOMETHIONINE 
8  B MSE 6  B MSE 18 ? MET SELENOMETHIONINE 
9  B MSE 7  B MSE 19 ? MET SELENOMETHIONINE 
10 B MSE 28 B MSE 40 ? MET SELENOMETHIONINE 
11 B MSE 37 B MSE 49 ? MET SELENOMETHIONINE 
12 B MSE 39 B MSE 51 ? MET SELENOMETHIONINE 
# 
loop_
_pdbx_refine_tls.id 
_pdbx_refine_tls.details 
_pdbx_refine_tls.method 
_pdbx_refine_tls.origin_x 
_pdbx_refine_tls.origin_y 
_pdbx_refine_tls.origin_z 
_pdbx_refine_tls.T[1][1] 
_pdbx_refine_tls.T[2][2] 
_pdbx_refine_tls.T[3][3] 
_pdbx_refine_tls.T[1][2] 
_pdbx_refine_tls.T[1][3] 
_pdbx_refine_tls.T[2][3] 
_pdbx_refine_tls.L[1][1] 
_pdbx_refine_tls.L[2][2] 
_pdbx_refine_tls.L[3][3] 
_pdbx_refine_tls.L[1][2] 
_pdbx_refine_tls.L[1][3] 
_pdbx_refine_tls.L[2][3] 
_pdbx_refine_tls.S[1][1] 
_pdbx_refine_tls.S[2][2] 
_pdbx_refine_tls.S[3][3] 
_pdbx_refine_tls.S[1][2] 
_pdbx_refine_tls.S[1][3] 
_pdbx_refine_tls.S[2][3] 
_pdbx_refine_tls.S[2][1] 
_pdbx_refine_tls.S[3][1] 
_pdbx_refine_tls.S[3][2] 
_pdbx_refine_tls.pdbx_refine_id 
1 ? refined 1.4494  -10.5862 -0.5231 -0.1740 -0.2538 -0.1733 -0.0047 -0.0185 -0.0251 6.3049 3.7530 3.9772 -2.6542 -1.1889 1.9189 -0.0555 0.1208 -0.0653 0.0031 0.1278  -0.2608 -0.0104 -0.1912 0.3018 'X-RAY DIFFRACTION' 
2 ? refined -1.4258 9.7984   0.9873  -0.1420 -0.1482 -0.1922 0.0118  -0.0044 0.0201  2.9085 6.0348 0.6356 3.5219  0.0241  1.0897 -0.0856 0.1626 -0.0770 0.1961 -0.1067 -0.2094 -0.1406 -0.0588 0.0470 'X-RAY DIFFRACTION' 
# 
loop_
_pdbx_refine_tls_group.id 
_pdbx_refine_tls_group.refine_tls_id 
_pdbx_refine_tls_group.beg_label_asym_id 
_pdbx_refine_tls_group.beg_label_seq_id 
_pdbx_refine_tls_group.end_label_asym_id 
_pdbx_refine_tls_group.end_label_seq_id 
_pdbx_refine_tls_group.selection 
_pdbx_refine_tls_group.beg_auth_asym_id 
_pdbx_refine_tls_group.beg_auth_seq_id 
_pdbx_refine_tls_group.end_auth_asym_id 
_pdbx_refine_tls_group.end_auth_seq_id 
_pdbx_refine_tls_group.pdbx_refine_id 
_pdbx_refine_tls_group.selection_details 
1 1 A 1 A 83 ALL A 13 A 95 'X-RAY DIFFRACTION' ? 
2 2 B 2 B 82 ALL B 14 B 94 'X-RAY DIFFRACTION' ? 
# 
_phasing.method   MAD 
# 
loop_
_pdbx_database_remark.id 
_pdbx_database_remark.text 
300 
;BIOMOLECULE: 1,2
THIS ENTRY CONTAINS THE CRYSTALLOGRAPHIC ASYMMETRIC UNIT
WHICH CONSISTS OF 2 CHAIN(S). SEE REMARK 350 FOR
INFORMATION ON GENERATING THE BIOLOGICAL MOLECULE(S).
THE RESULTS OF SIZE EXCLUSION CHROMATOGRAPHY WITH
STATIC LIGHT SCATTERING SUPPORTS THE ASSIGNMENT OF THE
MONOMER AS A BIOLOGICALLY SIGNIFICANT OLIGOMERIZATION STATE.
;
999 
;SEQUENCE
THE CONSTRUCT WAS EXPRESSED WITH A PURIFICATION
TAG MGSDKIHHHHHHENLYFQG. THE TAG WAS REMOVED
WITH TEV PROTEASE LEAVING ONLY A GLYCINE (0)
FOLLOWED BY RESIDUE 14 OF THE TARGET SEQUENCE.
;
# 
loop_
_pdbx_unobs_or_zero_occ_residues.id 
_pdbx_unobs_or_zero_occ_residues.PDB_model_num 
_pdbx_unobs_or_zero_occ_residues.polymer_flag 
_pdbx_unobs_or_zero_occ_residues.occupancy_flag 
_pdbx_unobs_or_zero_occ_residues.auth_asym_id 
_pdbx_unobs_or_zero_occ_residues.auth_comp_id 
_pdbx_unobs_or_zero_occ_residues.auth_seq_id 
_pdbx_unobs_or_zero_occ_residues.PDB_ins_code 
_pdbx_unobs_or_zero_occ_residues.label_asym_id 
_pdbx_unobs_or_zero_occ_residues.label_comp_id 
_pdbx_unobs_or_zero_occ_residues.label_seq_id 
1 1 Y 1 A SER 96 ? A SER 84 
2 1 Y 1 A LYS 97 ? A LYS 85 
3 1 Y 1 B GLY 13 ? B GLY 1  
4 1 Y 1 B VAL 95 ? B VAL 83 
5 1 Y 1 B SER 96 ? B SER 84 
6 1 Y 1 B LYS 97 ? B LYS 85 
# 
loop_
_chem_comp_atom.comp_id 
_chem_comp_atom.atom_id 
_chem_comp_atom.type_symbol 
_chem_comp_atom.pdbx_aromatic_flag 
_chem_comp_atom.pdbx_stereo_config 
_chem_comp_atom.pdbx_ordinal 
ALA N    N  N N 1   
ALA CA   C  N S 2   
ALA C    C  N N 3   
ALA O    O  N N 4   
ALA CB   C  N N 5   
ALA OXT  O  N N 6   
ALA H    H  N N 7   
ALA H2   H  N N 8   
ALA HA   H  N N 9   
ALA HB1  H  N N 10  
ALA HB2  H  N N 11  
ALA HB3  H  N N 12  
ALA HXT  H  N N 13  
ARG N    N  N N 14  
ARG CA   C  N S 15  
ARG C    C  N N 16  
ARG O    O  N N 17  
ARG CB   C  N N 18  
ARG CG   C  N N 19  
ARG CD   C  N N 20  
ARG NE   N  N N 21  
ARG CZ   C  N N 22  
ARG NH1  N  N N 23  
ARG NH2  N  N N 24  
ARG OXT  O  N N 25  
ARG H    H  N N 26  
ARG H2   H  N N 27  
ARG HA   H  N N 28  
ARG HB2  H  N N 29  
ARG HB3  H  N N 30  
ARG HG2  H  N N 31  
ARG HG3  H  N N 32  
ARG HD2  H  N N 33  
ARG HD3  H  N N 34  
ARG HE   H  N N 35  
ARG HH11 H  N N 36  
ARG HH12 H  N N 37  
ARG HH21 H  N N 38  
ARG HH22 H  N N 39  
ARG HXT  H  N N 40  
ASN N    N  N N 41  
ASN CA   C  N S 42  
ASN C    C  N N 43  
ASN O    O  N N 44  
ASN CB   C  N N 45  
ASN CG   C  N N 46  
ASN OD1  O  N N 47  
ASN ND2  N  N N 48  
ASN OXT  O  N N 49  
ASN H    H  N N 50  
ASN H2   H  N N 51  
ASN HA   H  N N 52  
ASN HB2  H  N N 53  
ASN HB3  H  N N 54  
ASN HD21 H  N N 55  
ASN HD22 H  N N 56  
ASN HXT  H  N N 57  
ASP N    N  N N 58  
ASP CA   C  N S 59  
ASP C    C  N N 60  
ASP O    O  N N 61  
ASP CB   C  N N 62  
ASP CG   C  N N 63  
ASP OD1  O  N N 64  
ASP OD2  O  N N 65  
ASP OXT  O  N N 66  
ASP H    H  N N 67  
ASP H2   H  N N 68  
ASP HA   H  N N 69  
ASP HB2  H  N N 70  
ASP HB3  H  N N 71  
ASP HD2  H  N N 72  
ASP HXT  H  N N 73  
GLN N    N  N N 74  
GLN CA   C  N S 75  
GLN C    C  N N 76  
GLN O    O  N N 77  
GLN CB   C  N N 78  
GLN CG   C  N N 79  
GLN CD   C  N N 80  
GLN OE1  O  N N 81  
GLN NE2  N  N N 82  
GLN OXT  O  N N 83  
GLN H    H  N N 84  
GLN H2   H  N N 85  
GLN HA   H  N N 86  
GLN HB2  H  N N 87  
GLN HB3  H  N N 88  
GLN HG2  H  N N 89  
GLN HG3  H  N N 90  
GLN HE21 H  N N 91  
GLN HE22 H  N N 92  
GLN HXT  H  N N 93  
GLU N    N  N N 94  
GLU CA   C  N S 95  
GLU C    C  N N 96  
GLU O    O  N N 97  
GLU CB   C  N N 98  
GLU CG   C  N N 99  
GLU CD   C  N N 100 
GLU OE1  O  N N 101 
GLU OE2  O  N N 102 
GLU OXT  O  N N 103 
GLU H    H  N N 104 
GLU H2   H  N N 105 
GLU HA   H  N N 106 
GLU HB2  H  N N 107 
GLU HB3  H  N N 108 
GLU HG2  H  N N 109 
GLU HG3  H  N N 110 
GLU HE2  H  N N 111 
GLU HXT  H  N N 112 
GLY N    N  N N 113 
GLY CA   C  N N 114 
GLY C    C  N N 115 
GLY O    O  N N 116 
GLY OXT  O  N N 117 
GLY H    H  N N 118 
GLY H2   H  N N 119 
GLY HA2  H  N N 120 
GLY HA3  H  N N 121 
GLY HXT  H  N N 122 
GOL C1   C  N N 123 
GOL O1   O  N N 124 
GOL C2   C  N N 125 
GOL O2   O  N N 126 
GOL C3   C  N N 127 
GOL O3   O  N N 128 
GOL H11  H  N N 129 
GOL H12  H  N N 130 
GOL HO1  H  N N 131 
GOL H2   H  N N 132 
GOL HO2  H  N N 133 
GOL H31  H  N N 134 
GOL H32  H  N N 135 
GOL HO3  H  N N 136 
HIS N    N  N N 137 
HIS CA   C  N S 138 
HIS C    C  N N 139 
HIS O    O  N N 140 
HIS CB   C  N N 141 
HIS CG   C  Y N 142 
HIS ND1  N  Y N 143 
HIS CD2  C  Y N 144 
HIS CE1  C  Y N 145 
HIS NE2  N  Y N 146 
HIS OXT  O  N N 147 
HIS H    H  N N 148 
HIS H2   H  N N 149 
HIS HA   H  N N 150 
HIS HB2  H  N N 151 
HIS HB3  H  N N 152 
HIS HD1  H  N N 153 
HIS HD2  H  N N 154 
HIS HE1  H  N N 155 
HIS HE2  H  N N 156 
HIS HXT  H  N N 157 
HOH O    O  N N 158 
HOH H1   H  N N 159 
HOH H2   H  N N 160 
ILE N    N  N N 161 
ILE CA   C  N S 162 
ILE C    C  N N 163 
ILE O    O  N N 164 
ILE CB   C  N S 165 
ILE CG1  C  N N 166 
ILE CG2  C  N N 167 
ILE CD1  C  N N 168 
ILE OXT  O  N N 169 
ILE H    H  N N 170 
ILE H2   H  N N 171 
ILE HA   H  N N 172 
ILE HB   H  N N 173 
ILE HG12 H  N N 174 
ILE HG13 H  N N 175 
ILE HG21 H  N N 176 
ILE HG22 H  N N 177 
ILE HG23 H  N N 178 
ILE HD11 H  N N 179 
ILE HD12 H  N N 180 
ILE HD13 H  N N 181 
ILE HXT  H  N N 182 
LEU N    N  N N 183 
LEU CA   C  N S 184 
LEU C    C  N N 185 
LEU O    O  N N 186 
LEU CB   C  N N 187 
LEU CG   C  N N 188 
LEU CD1  C  N N 189 
LEU CD2  C  N N 190 
LEU OXT  O  N N 191 
LEU H    H  N N 192 
LEU H2   H  N N 193 
LEU HA   H  N N 194 
LEU HB2  H  N N 195 
LEU HB3  H  N N 196 
LEU HG   H  N N 197 
LEU HD11 H  N N 198 
LEU HD12 H  N N 199 
LEU HD13 H  N N 200 
LEU HD21 H  N N 201 
LEU HD22 H  N N 202 
LEU HD23 H  N N 203 
LEU HXT  H  N N 204 
LYS N    N  N N 205 
LYS CA   C  N S 206 
LYS C    C  N N 207 
LYS O    O  N N 208 
LYS CB   C  N N 209 
LYS CG   C  N N 210 
LYS CD   C  N N 211 
LYS CE   C  N N 212 
LYS NZ   N  N N 213 
LYS OXT  O  N N 214 
LYS H    H  N N 215 
LYS H2   H  N N 216 
LYS HA   H  N N 217 
LYS HB2  H  N N 218 
LYS HB3  H  N N 219 
LYS HG2  H  N N 220 
LYS HG3  H  N N 221 
LYS HD2  H  N N 222 
LYS HD3  H  N N 223 
LYS HE2  H  N N 224 
LYS HE3  H  N N 225 
LYS HZ1  H  N N 226 
LYS HZ2  H  N N 227 
LYS HZ3  H  N N 228 
LYS HXT  H  N N 229 
MET N    N  N N 230 
MET CA   C  N S 231 
MET C    C  N N 232 
MET O    O  N N 233 
MET CB   C  N N 234 
MET CG   C  N N 235 
MET SD   S  N N 236 
MET CE   C  N N 237 
MET OXT  O  N N 238 
MET H    H  N N 239 
MET H2   H  N N 240 
MET HA   H  N N 241 
MET HB2  H  N N 242 
MET HB3  H  N N 243 
MET HG2  H  N N 244 
MET HG3  H  N N 245 
MET HE1  H  N N 246 
MET HE2  H  N N 247 
MET HE3  H  N N 248 
MET HXT  H  N N 249 
MSE N    N  N N 250 
MSE CA   C  N S 251 
MSE C    C  N N 252 
MSE O    O  N N 253 
MSE OXT  O  N N 254 
MSE CB   C  N N 255 
MSE CG   C  N N 256 
MSE SE   SE N N 257 
MSE CE   C  N N 258 
MSE H    H  N N 259 
MSE H2   H  N N 260 
MSE HA   H  N N 261 
MSE HXT  H  N N 262 
MSE HB2  H  N N 263 
MSE HB3  H  N N 264 
MSE HG2  H  N N 265 
MSE HG3  H  N N 266 
MSE HE1  H  N N 267 
MSE HE2  H  N N 268 
MSE HE3  H  N N 269 
PHE N    N  N N 270 
PHE CA   C  N S 271 
PHE C    C  N N 272 
PHE O    O  N N 273 
PHE CB   C  N N 274 
PHE CG   C  Y N 275 
PHE CD1  C  Y N 276 
PHE CD2  C  Y N 277 
PHE CE1  C  Y N 278 
PHE CE2  C  Y N 279 
PHE CZ   C  Y N 280 
PHE OXT  O  N N 281 
PHE H    H  N N 282 
PHE H2   H  N N 283 
PHE HA   H  N N 284 
PHE HB2  H  N N 285 
PHE HB3  H  N N 286 
PHE HD1  H  N N 287 
PHE HD2  H  N N 288 
PHE HE1  H  N N 289 
PHE HE2  H  N N 290 
PHE HZ   H  N N 291 
PHE HXT  H  N N 292 
PRO N    N  N N 293 
PRO CA   C  N S 294 
PRO C    C  N N 295 
PRO O    O  N N 296 
PRO CB   C  N N 297 
PRO CG   C  N N 298 
PRO CD   C  N N 299 
PRO OXT  O  N N 300 
PRO H    H  N N 301 
PRO HA   H  N N 302 
PRO HB2  H  N N 303 
PRO HB3  H  N N 304 
PRO HG2  H  N N 305 
PRO HG3  H  N N 306 
PRO HD2  H  N N 307 
PRO HD3  H  N N 308 
PRO HXT  H  N N 309 
SER N    N  N N 310 
SER CA   C  N S 311 
SER C    C  N N 312 
SER O    O  N N 313 
SER CB   C  N N 314 
SER OG   O  N N 315 
SER OXT  O  N N 316 
SER H    H  N N 317 
SER H2   H  N N 318 
SER HA   H  N N 319 
SER HB2  H  N N 320 
SER HB3  H  N N 321 
SER HG   H  N N 322 
SER HXT  H  N N 323 
SO4 S    S  N N 324 
SO4 O1   O  N N 325 
SO4 O2   O  N N 326 
SO4 O3   O  N N 327 
SO4 O4   O  N N 328 
THR N    N  N N 329 
THR CA   C  N S 330 
THR C    C  N N 331 
THR O    O  N N 332 
THR CB   C  N R 333 
THR OG1  O  N N 334 
THR CG2  C  N N 335 
THR OXT  O  N N 336 
THR H    H  N N 337 
THR H2   H  N N 338 
THR HA   H  N N 339 
THR HB   H  N N 340 
THR HG1  H  N N 341 
THR HG21 H  N N 342 
THR HG22 H  N N 343 
THR HG23 H  N N 344 
THR HXT  H  N N 345 
TRP N    N  N N 346 
TRP CA   C  N S 347 
TRP C    C  N N 348 
TRP O    O  N N 349 
TRP CB   C  N N 350 
TRP CG   C  Y N 351 
TRP CD1  C  Y N 352 
TRP CD2  C  Y N 353 
TRP NE1  N  Y N 354 
TRP CE2  C  Y N 355 
TRP CE3  C  Y N 356 
TRP CZ2  C  Y N 357 
TRP CZ3  C  Y N 358 
TRP CH2  C  Y N 359 
TRP OXT  O  N N 360 
TRP H    H  N N 361 
TRP H2   H  N N 362 
TRP HA   H  N N 363 
TRP HB2  H  N N 364 
TRP HB3  H  N N 365 
TRP HD1  H  N N 366 
TRP HE1  H  N N 367 
TRP HE3  H  N N 368 
TRP HZ2  H  N N 369 
TRP HZ3  H  N N 370 
TRP HH2  H  N N 371 
TRP HXT  H  N N 372 
TYR N    N  N N 373 
TYR CA   C  N S 374 
TYR C    C  N N 375 
TYR O    O  N N 376 
TYR CB   C  N N 377 
TYR CG   C  Y N 378 
TYR CD1  C  Y N 379 
TYR CD2  C  Y N 380 
TYR CE1  C  Y N 381 
TYR CE2  C  Y N 382 
TYR CZ   C  Y N 383 
TYR OH   O  N N 384 
TYR OXT  O  N N 385 
TYR H    H  N N 386 
TYR H2   H  N N 387 
TYR HA   H  N N 388 
TYR HB2  H  N N 389 
TYR HB3  H  N N 390 
TYR HD1  H  N N 391 
TYR HD2  H  N N 392 
TYR HE1  H  N N 393 
TYR HE2  H  N N 394 
TYR HH   H  N N 395 
TYR HXT  H  N N 396 
VAL N    N  N N 397 
VAL CA   C  N S 398 
VAL C    C  N N 399 
VAL O    O  N N 400 
VAL CB   C  N N 401 
VAL CG1  C  N N 402 
VAL CG2  C  N N 403 
VAL OXT  O  N N 404 
VAL H    H  N N 405 
VAL H2   H  N N 406 
VAL HA   H  N N 407 
VAL HB   H  N N 408 
VAL HG11 H  N N 409 
VAL HG12 H  N N 410 
VAL HG13 H  N N 411 
VAL HG21 H  N N 412 
VAL HG22 H  N N 413 
VAL HG23 H  N N 414 
VAL HXT  H  N N 415 
# 
loop_
_chem_comp_bond.comp_id 
_chem_comp_bond.atom_id_1 
_chem_comp_bond.atom_id_2 
_chem_comp_bond.value_order 
_chem_comp_bond.pdbx_aromatic_flag 
_chem_comp_bond.pdbx_stereo_config 
_chem_comp_bond.pdbx_ordinal 
ALA N   CA   sing N N 1   
ALA N   H    sing N N 2   
ALA N   H2   sing N N 3   
ALA CA  C    sing N N 4   
ALA CA  CB   sing N N 5   
ALA CA  HA   sing N N 6   
ALA C   O    doub N N 7   
ALA C   OXT  sing N N 8   
ALA CB  HB1  sing N N 9   
ALA CB  HB2  sing N N 10  
ALA CB  HB3  sing N N 11  
ALA OXT HXT  sing N N 12  
ARG N   CA   sing N N 13  
ARG N   H    sing N N 14  
ARG N   H2   sing N N 15  
ARG CA  C    sing N N 16  
ARG CA  CB   sing N N 17  
ARG CA  HA   sing N N 18  
ARG C   O    doub N N 19  
ARG C   OXT  sing N N 20  
ARG CB  CG   sing N N 21  
ARG CB  HB2  sing N N 22  
ARG CB  HB3  sing N N 23  
ARG CG  CD   sing N N 24  
ARG CG  HG2  sing N N 25  
ARG CG  HG3  sing N N 26  
ARG CD  NE   sing N N 27  
ARG CD  HD2  sing N N 28  
ARG CD  HD3  sing N N 29  
ARG NE  CZ   sing N N 30  
ARG NE  HE   sing N N 31  
ARG CZ  NH1  sing N N 32  
ARG CZ  NH2  doub N N 33  
ARG NH1 HH11 sing N N 34  
ARG NH1 HH12 sing N N 35  
ARG NH2 HH21 sing N N 36  
ARG NH2 HH22 sing N N 37  
ARG OXT HXT  sing N N 38  
ASN N   CA   sing N N 39  
ASN N   H    sing N N 40  
ASN N   H2   sing N N 41  
ASN CA  C    sing N N 42  
ASN CA  CB   sing N N 43  
ASN CA  HA   sing N N 44  
ASN C   O    doub N N 45  
ASN C   OXT  sing N N 46  
ASN CB  CG   sing N N 47  
ASN CB  HB2  sing N N 48  
ASN CB  HB3  sing N N 49  
ASN CG  OD1  doub N N 50  
ASN CG  ND2  sing N N 51  
ASN ND2 HD21 sing N N 52  
ASN ND2 HD22 sing N N 53  
ASN OXT HXT  sing N N 54  
ASP N   CA   sing N N 55  
ASP N   H    sing N N 56  
ASP N   H2   sing N N 57  
ASP CA  C    sing N N 58  
ASP CA  CB   sing N N 59  
ASP CA  HA   sing N N 60  
ASP C   O    doub N N 61  
ASP C   OXT  sing N N 62  
ASP CB  CG   sing N N 63  
ASP CB  HB2  sing N N 64  
ASP CB  HB3  sing N N 65  
ASP CG  OD1  doub N N 66  
ASP CG  OD2  sing N N 67  
ASP OD2 HD2  sing N N 68  
ASP OXT HXT  sing N N 69  
GLN N   CA   sing N N 70  
GLN N   H    sing N N 71  
GLN N   H2   sing N N 72  
GLN CA  C    sing N N 73  
GLN CA  CB   sing N N 74  
GLN CA  HA   sing N N 75  
GLN C   O    doub N N 76  
GLN C   OXT  sing N N 77  
GLN CB  CG   sing N N 78  
GLN CB  HB2  sing N N 79  
GLN CB  HB3  sing N N 80  
GLN CG  CD   sing N N 81  
GLN CG  HG2  sing N N 82  
GLN CG  HG3  sing N N 83  
GLN CD  OE1  doub N N 84  
GLN CD  NE2  sing N N 85  
GLN NE2 HE21 sing N N 86  
GLN NE2 HE22 sing N N 87  
GLN OXT HXT  sing N N 88  
GLU N   CA   sing N N 89  
GLU N   H    sing N N 90  
GLU N   H2   sing N N 91  
GLU CA  C    sing N N 92  
GLU CA  CB   sing N N 93  
GLU CA  HA   sing N N 94  
GLU C   O    doub N N 95  
GLU C   OXT  sing N N 96  
GLU CB  CG   sing N N 97  
GLU CB  HB2  sing N N 98  
GLU CB  HB3  sing N N 99  
GLU CG  CD   sing N N 100 
GLU CG  HG2  sing N N 101 
GLU CG  HG3  sing N N 102 
GLU CD  OE1  doub N N 103 
GLU CD  OE2  sing N N 104 
GLU OE2 HE2  sing N N 105 
GLU OXT HXT  sing N N 106 
GLY N   CA   sing N N 107 
GLY N   H    sing N N 108 
GLY N   H2   sing N N 109 
GLY CA  C    sing N N 110 
GLY CA  HA2  sing N N 111 
GLY CA  HA3  sing N N 112 
GLY C   O    doub N N 113 
GLY C   OXT  sing N N 114 
GLY OXT HXT  sing N N 115 
GOL C1  O1   sing N N 116 
GOL C1  C2   sing N N 117 
GOL C1  H11  sing N N 118 
GOL C1  H12  sing N N 119 
GOL O1  HO1  sing N N 120 
GOL C2  O2   sing N N 121 
GOL C2  C3   sing N N 122 
GOL C2  H2   sing N N 123 
GOL O2  HO2  sing N N 124 
GOL C3  O3   sing N N 125 
GOL C3  H31  sing N N 126 
GOL C3  H32  sing N N 127 
GOL O3  HO3  sing N N 128 
HIS N   CA   sing N N 129 
HIS N   H    sing N N 130 
HIS N   H2   sing N N 131 
HIS CA  C    sing N N 132 
HIS CA  CB   sing N N 133 
HIS CA  HA   sing N N 134 
HIS C   O    doub N N 135 
HIS C   OXT  sing N N 136 
HIS CB  CG   sing N N 137 
HIS CB  HB2  sing N N 138 
HIS CB  HB3  sing N N 139 
HIS CG  ND1  sing Y N 140 
HIS CG  CD2  doub Y N 141 
HIS ND1 CE1  doub Y N 142 
HIS ND1 HD1  sing N N 143 
HIS CD2 NE2  sing Y N 144 
HIS CD2 HD2  sing N N 145 
HIS CE1 NE2  sing Y N 146 
HIS CE1 HE1  sing N N 147 
HIS NE2 HE2  sing N N 148 
HIS OXT HXT  sing N N 149 
HOH O   H1   sing N N 150 
HOH O   H2   sing N N 151 
ILE N   CA   sing N N 152 
ILE N   H    sing N N 153 
ILE N   H2   sing N N 154 
ILE CA  C    sing N N 155 
ILE CA  CB   sing N N 156 
ILE CA  HA   sing N N 157 
ILE C   O    doub N N 158 
ILE C   OXT  sing N N 159 
ILE CB  CG1  sing N N 160 
ILE CB  CG2  sing N N 161 
ILE CB  HB   sing N N 162 
ILE CG1 CD1  sing N N 163 
ILE CG1 HG12 sing N N 164 
ILE CG1 HG13 sing N N 165 
ILE CG2 HG21 sing N N 166 
ILE CG2 HG22 sing N N 167 
ILE CG2 HG23 sing N N 168 
ILE CD1 HD11 sing N N 169 
ILE CD1 HD12 sing N N 170 
ILE CD1 HD13 sing N N 171 
ILE OXT HXT  sing N N 172 
LEU N   CA   sing N N 173 
LEU N   H    sing N N 174 
LEU N   H2   sing N N 175 
LEU CA  C    sing N N 176 
LEU CA  CB   sing N N 177 
LEU CA  HA   sing N N 178 
LEU C   O    doub N N 179 
LEU C   OXT  sing N N 180 
LEU CB  CG   sing N N 181 
LEU CB  HB2  sing N N 182 
LEU CB  HB3  sing N N 183 
LEU CG  CD1  sing N N 184 
LEU CG  CD2  sing N N 185 
LEU CG  HG   sing N N 186 
LEU CD1 HD11 sing N N 187 
LEU CD1 HD12 sing N N 188 
LEU CD1 HD13 sing N N 189 
LEU CD2 HD21 sing N N 190 
LEU CD2 HD22 sing N N 191 
LEU CD2 HD23 sing N N 192 
LEU OXT HXT  sing N N 193 
LYS N   CA   sing N N 194 
LYS N   H    sing N N 195 
LYS N   H2   sing N N 196 
LYS CA  C    sing N N 197 
LYS CA  CB   sing N N 198 
LYS CA  HA   sing N N 199 
LYS C   O    doub N N 200 
LYS C   OXT  sing N N 201 
LYS CB  CG   sing N N 202 
LYS CB  HB2  sing N N 203 
LYS CB  HB3  sing N N 204 
LYS CG  CD   sing N N 205 
LYS CG  HG2  sing N N 206 
LYS CG  HG3  sing N N 207 
LYS CD  CE   sing N N 208 
LYS CD  HD2  sing N N 209 
LYS CD  HD3  sing N N 210 
LYS CE  NZ   sing N N 211 
LYS CE  HE2  sing N N 212 
LYS CE  HE3  sing N N 213 
LYS NZ  HZ1  sing N N 214 
LYS NZ  HZ2  sing N N 215 
LYS NZ  HZ3  sing N N 216 
LYS OXT HXT  sing N N 217 
MET N   CA   sing N N 218 
MET N   H    sing N N 219 
MET N   H2   sing N N 220 
MET CA  C    sing N N 221 
MET CA  CB   sing N N 222 
MET CA  HA   sing N N 223 
MET C   O    doub N N 224 
MET C   OXT  sing N N 225 
MET CB  CG   sing N N 226 
MET CB  HB2  sing N N 227 
MET CB  HB3  sing N N 228 
MET CG  SD   sing N N 229 
MET CG  HG2  sing N N 230 
MET CG  HG3  sing N N 231 
MET SD  CE   sing N N 232 
MET CE  HE1  sing N N 233 
MET CE  HE2  sing N N 234 
MET CE  HE3  sing N N 235 
MET OXT HXT  sing N N 236 
MSE N   CA   sing N N 237 
MSE N   H    sing N N 238 
MSE N   H2   sing N N 239 
MSE CA  C    sing N N 240 
MSE CA  CB   sing N N 241 
MSE CA  HA   sing N N 242 
MSE C   O    doub N N 243 
MSE C   OXT  sing N N 244 
MSE OXT HXT  sing N N 245 
MSE CB  CG   sing N N 246 
MSE CB  HB2  sing N N 247 
MSE CB  HB3  sing N N 248 
MSE CG  SE   sing N N 249 
MSE CG  HG2  sing N N 250 
MSE CG  HG3  sing N N 251 
MSE SE  CE   sing N N 252 
MSE CE  HE1  sing N N 253 
MSE CE  HE2  sing N N 254 
MSE CE  HE3  sing N N 255 
PHE N   CA   sing N N 256 
PHE N   H    sing N N 257 
PHE N   H2   sing N N 258 
PHE CA  C    sing N N 259 
PHE CA  CB   sing N N 260 
PHE CA  HA   sing N N 261 
PHE C   O    doub N N 262 
PHE C   OXT  sing N N 263 
PHE CB  CG   sing N N 264 
PHE CB  HB2  sing N N 265 
PHE CB  HB3  sing N N 266 
PHE CG  CD1  doub Y N 267 
PHE CG  CD2  sing Y N 268 
PHE CD1 CE1  sing Y N 269 
PHE CD1 HD1  sing N N 270 
PHE CD2 CE2  doub Y N 271 
PHE CD2 HD2  sing N N 272 
PHE CE1 CZ   doub Y N 273 
PHE CE1 HE1  sing N N 274 
PHE CE2 CZ   sing Y N 275 
PHE CE2 HE2  sing N N 276 
PHE CZ  HZ   sing N N 277 
PHE OXT HXT  sing N N 278 
PRO N   CA   sing N N 279 
PRO N   CD   sing N N 280 
PRO N   H    sing N N 281 
PRO CA  C    sing N N 282 
PRO CA  CB   sing N N 283 
PRO CA  HA   sing N N 284 
PRO C   O    doub N N 285 
PRO C   OXT  sing N N 286 
PRO CB  CG   sing N N 287 
PRO CB  HB2  sing N N 288 
PRO CB  HB3  sing N N 289 
PRO CG  CD   sing N N 290 
PRO CG  HG2  sing N N 291 
PRO CG  HG3  sing N N 292 
PRO CD  HD2  sing N N 293 
PRO CD  HD3  sing N N 294 
PRO OXT HXT  sing N N 295 
SER N   CA   sing N N 296 
SER N   H    sing N N 297 
SER N   H2   sing N N 298 
SER CA  C    sing N N 299 
SER CA  CB   sing N N 300 
SER CA  HA   sing N N 301 
SER C   O    doub N N 302 
SER C   OXT  sing N N 303 
SER CB  OG   sing N N 304 
SER CB  HB2  sing N N 305 
SER CB  HB3  sing N N 306 
SER OG  HG   sing N N 307 
SER OXT HXT  sing N N 308 
SO4 S   O1   doub N N 309 
SO4 S   O2   doub N N 310 
SO4 S   O3   sing N N 311 
SO4 S   O4   sing N N 312 
THR N   CA   sing N N 313 
THR N   H    sing N N 314 
THR N   H2   sing N N 315 
THR CA  C    sing N N 316 
THR CA  CB   sing N N 317 
THR CA  HA   sing N N 318 
THR C   O    doub N N 319 
THR C   OXT  sing N N 320 
THR CB  OG1  sing N N 321 
THR CB  CG2  sing N N 322 
THR CB  HB   sing N N 323 
THR OG1 HG1  sing N N 324 
THR CG2 HG21 sing N N 325 
THR CG2 HG22 sing N N 326 
THR CG2 HG23 sing N N 327 
THR OXT HXT  sing N N 328 
TRP N   CA   sing N N 329 
TRP N   H    sing N N 330 
TRP N   H2   sing N N 331 
TRP CA  C    sing N N 332 
TRP CA  CB   sing N N 333 
TRP CA  HA   sing N N 334 
TRP C   O    doub N N 335 
TRP C   OXT  sing N N 336 
TRP CB  CG   sing N N 337 
TRP CB  HB2  sing N N 338 
TRP CB  HB3  sing N N 339 
TRP CG  CD1  doub Y N 340 
TRP CG  CD2  sing Y N 341 
TRP CD1 NE1  sing Y N 342 
TRP CD1 HD1  sing N N 343 
TRP CD2 CE2  doub Y N 344 
TRP CD2 CE3  sing Y N 345 
TRP NE1 CE2  sing Y N 346 
TRP NE1 HE1  sing N N 347 
TRP CE2 CZ2  sing Y N 348 
TRP CE3 CZ3  doub Y N 349 
TRP CE3 HE3  sing N N 350 
TRP CZ2 CH2  doub Y N 351 
TRP CZ2 HZ2  sing N N 352 
TRP CZ3 CH2  sing Y N 353 
TRP CZ3 HZ3  sing N N 354 
TRP CH2 HH2  sing N N 355 
TRP OXT HXT  sing N N 356 
TYR N   CA   sing N N 357 
TYR N   H    sing N N 358 
TYR N   H2   sing N N 359 
TYR CA  C    sing N N 360 
TYR CA  CB   sing N N 361 
TYR CA  HA   sing N N 362 
TYR C   O    doub N N 363 
TYR C   OXT  sing N N 364 
TYR CB  CG   sing N N 365 
TYR CB  HB2  sing N N 366 
TYR CB  HB3  sing N N 367 
TYR CG  CD1  doub Y N 368 
TYR CG  CD2  sing Y N 369 
TYR CD1 CE1  sing Y N 370 
TYR CD1 HD1  sing N N 371 
TYR CD2 CE2  doub Y N 372 
TYR CD2 HD2  sing N N 373 
TYR CE1 CZ   doub Y N 374 
TYR CE1 HE1  sing N N 375 
TYR CE2 CZ   sing Y N 376 
TYR CE2 HE2  sing N N 377 
TYR CZ  OH   sing N N 378 
TYR OH  HH   sing N N 379 
TYR OXT HXT  sing N N 380 
VAL N   CA   sing N N 381 
VAL N   H    sing N N 382 
VAL N   H2   sing N N 383 
VAL CA  C    sing N N 384 
VAL CA  CB   sing N N 385 
VAL CA  HA   sing N N 386 
VAL C   O    doub N N 387 
VAL C   OXT  sing N N 388 
VAL CB  CG1  sing N N 389 
VAL CB  CG2  sing N N 390 
VAL CB  HB   sing N N 391 
VAL CG1 HG11 sing N N 392 
VAL CG1 HG12 sing N N 393 
VAL CG1 HG13 sing N N 394 
VAL CG2 HG21 sing N N 395 
VAL CG2 HG22 sing N N 396 
VAL CG2 HG23 sing N N 397 
VAL OXT HXT  sing N N 398 
# 
_atom_sites.entry_id                    2O3L 
_atom_sites.fract_transf_matrix[1][1]   0.01248469 
_atom_sites.fract_transf_matrix[1][2]   -0.01412286 
_atom_sites.fract_transf_matrix[1][3]   0.00077328 
_atom_sites.fract_transf_matrix[2][1]   0.00744437 
_atom_sites.fract_transf_matrix[2][2]   -0.00689009 
_atom_sites.fract_transf_matrix[2][3]   -0.01591179 
_atom_sites.fract_transf_matrix[3][1]   0.00733412 
_atom_sites.fract_transf_matrix[3][2]   0.00651677 
_atom_sites.fract_transf_matrix[3][3]   0.00060941 
_atom_sites.fract_transf_vector[1]      -0.057180 
_atom_sites.fract_transf_vector[2]      0.419925 
_atom_sites.fract_transf_vector[3]      0.110329 
# 
loop_
_atom_type.symbol 
C  
N  
O  
S  
SE 
# 
loop_
_atom_site.group_PDB 
_atom_site.id 
_atom_site.type_symbol 
_atom_site.label_atom_id 
_atom_site.label_alt_id 
_atom_site.label_comp_id 
_atom_site.label_asym_id 
_atom_site.label_entity_id 
_atom_site.label_seq_id 
_atom_site.pdbx_PDB_ins_code 
_atom_site.Cartn_x 
_atom_site.Cartn_y 
_atom_site.Cartn_z 
_atom_site.occupancy 
_atom_site.B_iso_or_equiv 
_atom_site.pdbx_formal_charge 
_atom_site.auth_seq_id 
_atom_site.auth_comp_id 
_atom_site.auth_asym_id 
_atom_site.auth_atom_id 
_atom_site.pdbx_PDB_model_num 
ATOM   1    N  N   . GLY A 1 1  ? 15.351  -13.081 11.403  1.00 43.80 ? 13  GLY A N   1 
ATOM   2    C  CA  . GLY A 1 1  ? 15.402  -11.625 11.159  1.00 41.23 ? 13  GLY A CA  1 
ATOM   3    C  C   . GLY A 1 1  ? 14.157  -11.233 10.420  1.00 40.98 ? 13  GLY A C   1 
ATOM   4    O  O   . GLY A 1 1  ? 13.069  -11.723 10.724  1.00 38.20 ? 13  GLY A O   1 
ATOM   5    N  N   . GLU A 1 2  ? 14.343  -10.373 9.424   1.00 42.73 ? 14  GLU A N   1 
ATOM   6    C  CA  . GLU A 1 2  ? 13.258  -9.760  8.684   1.00 45.65 ? 14  GLU A CA  1 
ATOM   7    C  C   . GLU A 1 2  ? 12.322  -10.770 8.025   1.00 43.43 ? 14  GLU A C   1 
ATOM   8    O  O   . GLU A 1 2  ? 11.106  -10.664 8.157   1.00 40.65 ? 14  GLU A O   1 
ATOM   9    C  CB  . GLU A 1 2  ? 13.818  -8.797  7.626   1.00 46.51 ? 14  GLU A CB  1 
ATOM   10   C  CG  . GLU A 1 2  ? 12.753  -7.861  7.042   1.00 51.41 ? 14  GLU A CG  1 
ATOM   11   C  CD  . GLU A 1 2  ? 13.317  -6.810  6.083   1.00 52.71 ? 14  GLU A CD  1 
ATOM   12   O  OE1 . GLU A 1 2  ? 14.335  -7.100  5.374   1.00 54.80 ? 14  GLU A OE1 1 
ATOM   13   O  OE2 . GLU A 1 2  ? 12.708  -5.705  6.035   1.00 50.03 ? 14  GLU A OE2 1 
ATOM   14   N  N   . TYR A 1 3  ? 12.864  -11.733 7.293   1.00 42.12 ? 15  TYR A N   1 
ATOM   15   C  CA  . TYR A 1 3  ? 11.992  -12.687 6.596   1.00 40.31 ? 15  TYR A CA  1 
ATOM   16   C  C   . TYR A 1 3  ? 11.160  -13.489 7.585   1.00 38.25 ? 15  TYR A C   1 
ATOM   17   O  O   . TYR A 1 3  ? 9.961   -13.583 7.407   1.00 38.93 ? 15  TYR A O   1 
ATOM   18   C  CB  . TYR A 1 3  ? 12.771  -13.638 5.688   1.00 40.11 ? 15  TYR A CB  1 
ATOM   19   C  CG  . TYR A 1 3  ? 11.904  -14.565 4.899   1.00 36.59 ? 15  TYR A CG  1 
ATOM   20   C  CD1 . TYR A 1 3  ? 11.223  -14.105 3.802   1.00 39.43 ? 15  TYR A CD1 1 
ATOM   21   C  CD2 . TYR A 1 3  ? 11.802  -15.920 5.219   1.00 41.00 ? 15  TYR A CD2 1 
ATOM   22   C  CE1 . TYR A 1 3  ? 10.433  -14.945 3.031   1.00 44.11 ? 15  TYR A CE1 1 
ATOM   23   C  CE2 . TYR A 1 3  ? 11.018  -16.771 4.458   1.00 36.42 ? 15  TYR A CE2 1 
ATOM   24   C  CZ  . TYR A 1 3  ? 10.327  -16.267 3.369   1.00 45.35 ? 15  TYR A CZ  1 
ATOM   25   O  OH  . TYR A 1 3  ? 9.550   -17.055 2.558   1.00 52.54 ? 15  TYR A OH  1 
ATOM   26   N  N   . LYS A 1 4  ? 11.773  -14.018 8.641   1.00 38.45 ? 16  LYS A N   1 
ATOM   27   C  CA  . LYS A 1 4  ? 11.011  -14.838 9.589   1.00 40.82 ? 16  LYS A CA  1 
ATOM   28   C  C   . LYS A 1 4  ? 9.901   -14.016 10.258  1.00 38.87 ? 16  LYS A C   1 
ATOM   29   O  O   . LYS A 1 4  ? 8.770   -14.476 10.418  1.00 37.16 ? 16  LYS A O   1 
ATOM   30   C  CB  . LYS A 1 4  ? 11.923  -15.466 10.631  1.00 39.77 ? 16  LYS A CB  1 
ATOM   31   C  CG  . LYS A 1 4  ? 11.631  -16.930 10.893  1.00 48.85 ? 16  LYS A CG  1 
ATOM   32   C  CD  . LYS A 1 4  ? 12.729  -17.577 11.759  1.00 48.81 ? 16  LYS A CD  1 
ATOM   33   C  CE  . LYS A 1 4  ? 12.639  -19.109 11.748  1.00 57.73 ? 16  LYS A CE  1 
HETATM 34   N  N   . MSE A 1 5  ? 10.242  -12.788 10.614  1.00 38.15 ? 17  MSE A N   1 
HETATM 35   C  CA  . MSE A 1 5  ? 9.330   -11.863 11.260  1.00 39.51 ? 17  MSE A CA  1 
HETATM 36   C  C   . MSE A 1 5  ? 8.154   -11.551 10.346  1.00 39.12 ? 17  MSE A C   1 
HETATM 37   O  O   . MSE A 1 5  ? 7.019   -11.433 10.793  1.00 37.26 ? 17  MSE A O   1 
HETATM 38   C  CB  . MSE A 1 5  ? 10.119  -10.609 11.601  1.00 40.78 ? 17  MSE A CB  1 
HETATM 39   C  CG  . MSE A 1 5  ? 9.376   -9.560  12.383  1.00 57.86 ? 17  MSE A CG  1 
HETATM 40   SE SE  . MSE A 1 5  ? 8.931   -8.007  11.230  0.70 88.10 ? 17  MSE A SE  1 
HETATM 41   C  CE  . MSE A 1 5  ? 10.213  -6.734  12.154  1.00 71.74 ? 17  MSE A CE  1 
HETATM 42   N  N   . MSE A 1 6  ? 8.432   -11.405 9.060   1.00 37.12 ? 18  MSE A N   1 
HETATM 43   C  CA  . MSE A 1 6  ? 7.420   -11.068 8.100   1.00 39.13 ? 18  MSE A CA  1 
HETATM 44   C  C   . MSE A 1 6  ? 6.515   -12.282 7.890   1.00 39.84 ? 18  MSE A C   1 
HETATM 45   O  O   . MSE A 1 6  ? 5.313   -12.125 7.767   1.00 38.79 ? 18  MSE A O   1 
HETATM 46   C  CB  . MSE A 1 6  ? 8.054   -10.599 6.775   1.00 39.27 ? 18  MSE A CB  1 
HETATM 47   C  CG  . MSE A 1 6  ? 8.764   -9.233  6.895   1.00 43.91 ? 18  MSE A CG  1 
HETATM 48   SE SE  . MSE A 1 6  ? 7.464   -7.743  6.980   0.70 51.73 ? 18  MSE A SE  1 
HETATM 49   C  CE  . MSE A 1 6  ? 8.659   -6.229  7.150   1.00 55.00 ? 18  MSE A CE  1 
HETATM 50   N  N   . MSE A 1 7  ? 7.086   -13.487 7.868   1.00 39.05 ? 19  MSE A N   1 
HETATM 51   C  CA  . MSE A 1 7  ? 6.259   -14.695 7.741   1.00 40.02 ? 19  MSE A CA  1 
HETATM 52   C  C   . MSE A 1 7  ? 5.411   -14.922 9.021   1.00 41.29 ? 19  MSE A C   1 
HETATM 53   O  O   . MSE A 1 7  ? 4.281   -15.376 8.947   1.00 39.89 ? 19  MSE A O   1 
HETATM 54   C  CB  . MSE A 1 7  ? 7.109   -15.914 7.418   1.00 41.28 ? 19  MSE A CB  1 
HETATM 55   C  CG  . MSE A 1 7  ? 7.832   -15.821 6.087   1.00 37.39 ? 19  MSE A CG  1 
HETATM 56   SE SE  . MSE A 1 7  ? 6.671   -15.418 4.579   0.70 41.34 ? 19  MSE A SE  1 
HETATM 57   C  CE  . MSE A 1 7  ? 7.137   -13.392 4.433   1.00 45.99 ? 19  MSE A CE  1 
ATOM   58   N  N   . ALA A 1 8  ? 5.935   -14.530 10.178  1.00 40.09 ? 20  ALA A N   1 
ATOM   59   C  CA  . ALA A 1 8  ? 5.166   -14.610 11.421  1.00 39.55 ? 20  ALA A CA  1 
ATOM   60   C  C   . ALA A 1 8  ? 3.936   -13.688 11.389  1.00 40.91 ? 20  ALA A C   1 
ATOM   61   O  O   . ALA A 1 8  ? 2.849   -14.054 11.856  1.00 39.98 ? 20  ALA A O   1 
ATOM   62   C  CB  . ALA A 1 8  ? 6.047   -14.263 12.586  1.00 41.57 ? 20  ALA A CB  1 
ATOM   63   N  N   . ARG A 1 9  ? 4.105   -12.496 10.828  1.00 39.30 ? 21  ARG A N   1 
ATOM   64   C  CA  . ARG A 1 9  ? 3.005   -11.605 10.640  1.00 38.92 ? 21  ARG A CA  1 
ATOM   65   C  C   . ARG A 1 9  ? 1.942   -12.176 9.718   1.00 40.11 ? 21  ARG A C   1 
ATOM   66   O  O   . ARG A 1 9  ? 0.738   -11.950 9.932   1.00 38.89 ? 21  ARG A O   1 
ATOM   67   C  CB  . ARG A 1 9  ? 3.515   -10.269 10.142  1.00 39.68 ? 21  ARG A CB  1 
ATOM   68   C  CG  . ARG A 1 9  ? 4.327   -9.587  11.249  1.00 44.76 ? 21  ARG A CG  1 
ATOM   69   C  CD  . ARG A 1 9  ? 5.076   -8.350  10.808  1.00 44.38 ? 21  ARG A CD  1 
ATOM   70   N  NE  . ARG A 1 9  ? 4.231   -7.518  9.973   1.00 49.77 ? 21  ARG A NE  1 
ATOM   71   C  CZ  . ARG A 1 9  ? 4.569   -6.323  9.529   1.00 51.60 ? 21  ARG A CZ  1 
ATOM   72   N  NH1 . ARG A 1 9  ? 5.740   -5.779  9.866   1.00 61.75 ? 21  ARG A NH1 1 
ATOM   73   N  NH2 . ARG A 1 9  ? 3.703   -5.660  8.773   1.00 47.60 ? 21  ARG A NH2 1 
ATOM   74   N  N   . VAL A 1 10 ? 2.363   -12.918 8.693   1.00 36.90 ? 22  VAL A N   1 
ATOM   75   C  CA  . VAL A 1 10 ? 1.410   -13.564 7.785   1.00 40.73 ? 22  VAL A CA  1 
ATOM   76   C  C   . VAL A 1 10 ? 0.626   -14.626 8.547   1.00 39.02 ? 22  VAL A C   1 
ATOM   77   O  O   . VAL A 1 10 ? -0.576  -14.718 8.426   1.00 40.46 ? 22  VAL A O   1 
ATOM   78   C  CB  . VAL A 1 10 ? 2.102   -14.193 6.548   1.00 41.99 ? 22  VAL A CB  1 
ATOM   79   C  CG1 . VAL A 1 10 ? 1.140   -15.018 5.733   1.00 43.09 ? 22  VAL A CG1 1 
ATOM   80   C  CG2 . VAL A 1 10 ? 2.659   -13.076 5.648   1.00 47.50 ? 22  VAL A CG2 1 
ATOM   81   N  N   . ALA A 1 11 ? 1.319   -15.371 9.378   1.00 40.62 ? 23  ALA A N   1 
ATOM   82   C  CA  . ALA A 1 11 ? 0.713   -16.431 10.158  1.00 40.07 ? 23  ALA A CA  1 
ATOM   83   C  C   . ALA A 1 11 ? -0.273  -15.897 11.168  1.00 40.43 ? 23  ALA A C   1 
ATOM   84   O  O   . ALA A 1 11 ? -1.069  -16.665 11.683  1.00 39.87 ? 23  ALA A O   1 
ATOM   85   C  CB  . ALA A 1 11 ? 1.779   -17.235 10.836  1.00 41.04 ? 23  ALA A CB  1 
ATOM   86   N  N   . ALA A 1 12 ? -0.239  -14.593 11.444  1.00 38.49 ? 24  ALA A N   1 
ATOM   87   C  CA  . ALA A 1 12 ? -1.135  -14.025 12.446  1.00 39.43 ? 24  ALA A CA  1 
ATOM   88   C  C   . ALA A 1 12 ? -2.398  -13.543 11.750  1.00 39.11 ? 24  ALA A C   1 
ATOM   89   O  O   . ALA A 1 12 ? -3.357  -13.237 12.383  1.00 38.83 ? 24  ALA A O   1 
ATOM   90   C  CB  . ALA A 1 12 ? -0.476  -12.869 13.186  1.00 39.36 ? 24  ALA A CB  1 
ATOM   91   N  N   . LEU A 1 13 ? -2.394  -13.480 10.436  1.00 38.07 ? 25  LEU A N   1 
ATOM   92   C  CA  . LEU A 1 13 ? -3.586  -13.081 9.700   1.00 39.29 ? 25  LEU A CA  1 
ATOM   93   C  C   . LEU A 1 13 ? -4.616  -14.203 9.630   1.00 38.53 ? 25  LEU A C   1 
ATOM   94   O  O   . LEU A 1 13 ? -4.286  -15.382 9.863   1.00 38.48 ? 25  LEU A O   1 
ATOM   95   C  CB  . LEU A 1 13 ? -3.202  -12.694 8.287   1.00 42.13 ? 25  LEU A CB  1 
ATOM   96   C  CG  . LEU A 1 13 ? -2.184  -11.549 8.115   1.00 41.36 ? 25  LEU A CG  1 
ATOM   97   C  CD1 . LEU A 1 13 ? -1.739  -11.469 6.671   1.00 48.99 ? 25  LEU A CD1 1 
ATOM   98   C  CD2 . LEU A 1 13 ? -2.754  -10.226 8.570   1.00 50.58 ? 25  LEU A CD2 1 
ATOM   99   N  N   . PRO A 1 14 ? -5.878  -13.853 9.320   1.00 40.17 ? 26  PRO A N   1 
ATOM   100  C  CA  . PRO A 1 14 ? -6.901  -14.899 9.165   1.00 41.56 ? 26  PRO A CA  1 
ATOM   101  C  C   . PRO A 1 14 ? -6.471  -15.883 8.070   1.00 42.77 ? 26  PRO A C   1 
ATOM   102  O  O   . PRO A 1 14 ? -5.695  -15.505 7.176   1.00 40.12 ? 26  PRO A O   1 
ATOM   103  C  CB  . PRO A 1 14 ? -8.139  -14.113 8.752   1.00 41.61 ? 26  PRO A CB  1 
ATOM   104  C  CG  . PRO A 1 14 ? -7.898  -12.690 9.301   1.00 42.90 ? 26  PRO A CG  1 
ATOM   105  C  CD  . PRO A 1 14 ? -6.436  -12.491 9.155   1.00 42.51 ? 26  PRO A CD  1 
ATOM   106  N  N   . GLU A 1 15 ? -6.965  -17.115 8.151   1.00 38.28 ? 27  GLU A N   1 
ATOM   107  C  CA  . GLU A 1 15 ? -6.551  -18.186 7.248   1.00 42.17 ? 27  GLU A CA  1 
ATOM   108  C  C   . GLU A 1 15 ? -6.736  -17.823 5.753   1.00 42.64 ? 27  GLU A C   1 
ATOM   109  O  O   . GLU A 1 15 ? -5.881  -18.152 4.931   1.00 43.47 ? 27  GLU A O   1 
ATOM   110  C  CB  . GLU A 1 15 ? -7.265  -19.522 7.582   1.00 40.98 ? 27  GLU A CB  1 
ATOM   111  N  N   . ASP A 1 16 ? -7.816  -17.134 5.403   1.00 42.31 ? 28  ASP A N   1 
ATOM   112  C  CA  A ASP A 1 16 ? -8.009  -16.797 4.005   0.50 43.08 ? 28  ASP A CA  1 
ATOM   113  C  CA  B ASP A 1 16 ? -8.043  -16.763 4.017   0.50 42.69 ? 28  ASP A CA  1 
ATOM   114  C  C   . ASP A 1 16 ? -6.949  -15.809 3.507   1.00 42.95 ? 28  ASP A C   1 
ATOM   115  O  O   . ASP A 1 16 ? -6.481  -15.932 2.374   1.00 40.76 ? 28  ASP A O   1 
ATOM   116  C  CB  A ASP A 1 16 ? -9.443  -16.355 3.675   0.50 42.20 ? 28  ASP A CB  1 
ATOM   117  C  CB  B ASP A 1 16 ? -9.428  -16.144 3.865   0.50 41.67 ? 28  ASP A CB  1 
ATOM   118  C  CG  A ASP A 1 16 ? -9.950  -15.188 4.509   0.50 48.54 ? 28  ASP A CG  1 
ATOM   119  C  CG  B ASP A 1 16 ? -10.554 -17.159 4.067   0.50 45.84 ? 28  ASP A CG  1 
ATOM   120  O  OD1 A ASP A 1 16 ? -9.209  -14.550 5.294   0.50 46.34 ? 28  ASP A OD1 1 
ATOM   121  O  OD1 B ASP A 1 16 ? -11.714 -16.722 4.212   0.50 51.09 ? 28  ASP A OD1 1 
ATOM   122  O  OD2 A ASP A 1 16 ? -11.158 -14.899 4.347   0.50 51.50 ? 28  ASP A OD2 1 
ATOM   123  O  OD2 B ASP A 1 16 ? -10.291 -18.385 4.071   0.50 54.95 ? 28  ASP A OD2 1 
ATOM   124  N  N   . TYR A 1 17 ? -6.549  -14.858 4.360   1.00 41.09 ? 29  TYR A N   1 
ATOM   125  C  CA  . TYR A 1 17 ? -5.457  -13.952 4.050   1.00 39.81 ? 29  TYR A CA  1 
ATOM   126  C  C   . TYR A 1 17 ? -4.151  -14.733 3.870   1.00 38.87 ? 29  TYR A C   1 
ATOM   127  O  O   . TYR A 1 17 ? -3.330  -14.426 2.992   1.00 40.29 ? 29  TYR A O   1 
ATOM   128  C  CB  . TYR A 1 17 ? -5.273  -12.898 5.151   1.00 38.62 ? 29  TYR A CB  1 
ATOM   129  C  CG  . TYR A 1 17 ? -6.090  -11.643 4.996   1.00 40.73 ? 29  TYR A CG  1 
ATOM   130  C  CD1 . TYR A 1 17 ? -7.425  -11.580 5.456   1.00 41.34 ? 29  TYR A CD1 1 
ATOM   131  C  CD2 . TYR A 1 17 ? -5.532  -10.488 4.408   1.00 41.96 ? 29  TYR A CD2 1 
ATOM   132  C  CE1 . TYR A 1 17 ? -8.187  -10.404 5.312   1.00 36.69 ? 29  TYR A CE1 1 
ATOM   133  C  CE2 . TYR A 1 17 ? -6.283  -9.299  4.252   1.00 43.70 ? 29  TYR A CE2 1 
ATOM   134  C  CZ  . TYR A 1 17 ? -7.605  -9.274  4.706   1.00 45.19 ? 29  TYR A CZ  1 
ATOM   135  O  OH  . TYR A 1 17 ? -8.330  -8.145  4.567   1.00 43.02 ? 29  TYR A OH  1 
ATOM   136  N  N   . GLN A 1 18 ? -3.943  -15.720 4.719   1.00 40.24 ? 30  GLN A N   1 
ATOM   137  C  CA  . GLN A 1 18 ? -2.767  -16.560 4.619   1.00 41.54 ? 30  GLN A CA  1 
ATOM   138  C  C   . GLN A 1 18 ? -2.700  -17.305 3.303   1.00 42.44 ? 30  GLN A C   1 
ATOM   139  O  O   . GLN A 1 18 ? -1.617  -17.387 2.724   1.00 40.14 ? 30  GLN A O   1 
ATOM   140  C  CB  . GLN A 1 18 ? -2.685  -17.549 5.766   1.00 42.02 ? 30  GLN A CB  1 
ATOM   141  C  CG  . GLN A 1 18 ? -2.513  -16.835 7.125   1.00 40.29 ? 30  GLN A CG  1 
ATOM   142  C  CD  . GLN A 1 18 ? -2.339  -17.828 8.249   1.00 49.24 ? 30  GLN A CD  1 
ATOM   143  O  OE1 . GLN A 1 18 ? -1.554  -18.747 8.131   1.00 43.74 ? 30  GLN A OE1 1 
ATOM   144  N  NE2 . GLN A 1 18 ? -3.096  -17.660 9.331   1.00 43.76 ? 30  GLN A NE2 1 
ATOM   145  N  N   . PHE A 1 19 ? -3.834  -17.839 2.830   1.00 38.73 ? 31  PHE A N   1 
ATOM   146  C  CA  . PHE A 1 19 ? -3.811  -18.694 1.642   1.00 37.19 ? 31  PHE A CA  1 
ATOM   147  C  C   . PHE A 1 19 ? -3.533  -17.821 0.430   1.00 36.29 ? 31  PHE A C   1 
ATOM   148  O  O   . PHE A 1 19 ? -2.737  -18.167 -0.468  1.00 36.72 ? 31  PHE A O   1 
ATOM   149  C  CB  . PHE A 1 19 ? -5.131  -19.439 1.501   1.00 40.15 ? 31  PHE A CB  1 
ATOM   150  C  CG  . PHE A 1 19 ? -5.142  -20.436 0.390   1.00 41.96 ? 31  PHE A CG  1 
ATOM   151  C  CD1 . PHE A 1 19 ? -4.418  -21.610 0.494   1.00 47.89 ? 31  PHE A CD1 1 
ATOM   152  C  CD2 . PHE A 1 19 ? -5.884  -20.201 -0.766  1.00 53.24 ? 31  PHE A CD2 1 
ATOM   153  C  CE1 . PHE A 1 19 ? -4.415  -22.564 -0.544  1.00 50.40 ? 31  PHE A CE1 1 
ATOM   154  C  CE2 . PHE A 1 19 ? -5.884  -21.124 -1.817  1.00 48.56 ? 31  PHE A CE2 1 
ATOM   155  C  CZ  . PHE A 1 19 ? -5.154  -22.330 -1.693  1.00 51.55 ? 31  PHE A CZ  1 
ATOM   156  N  N   . VAL A 1 20 ? -4.164  -16.656 0.419   1.00 36.91 ? 32  VAL A N   1 
ATOM   157  C  CA  . VAL A 1 20 ? -4.003  -15.733 -0.677  1.00 37.71 ? 32  VAL A CA  1 
ATOM   158  C  C   . VAL A 1 20 ? -2.574  -15.166 -0.737  1.00 41.75 ? 32  VAL A C   1 
ATOM   159  O  O   . VAL A 1 20 ? -2.023  -15.055 -1.810  1.00 39.29 ? 32  VAL A O   1 
ATOM   160  C  CB  . VAL A 1 20 ? -5.034  -14.631 -0.633  1.00 39.47 ? 32  VAL A CB  1 
ATOM   161  C  CG1 . VAL A 1 20 ? -4.731  -13.555 -1.694  1.00 41.30 ? 32  VAL A CG1 1 
ATOM   162  C  CG2 . VAL A 1 20 ? -6.413  -15.260 -0.895  1.00 42.54 ? 32  VAL A CG2 1 
ATOM   163  N  N   . PHE A 1 21 ? -2.009  -14.822 0.414   1.00 37.62 ? 33  PHE A N   1 
ATOM   164  C  CA  . PHE A 1 21 ? -0.620  -14.451 0.467   1.00 41.44 ? 33  PHE A CA  1 
ATOM   165  C  C   . PHE A 1 21 ? 0.306   -15.527 -0.130  1.00 38.86 ? 33  PHE A C   1 
ATOM   166  O  O   . PHE A 1 21 ? 1.218   -15.209 -0.865  1.00 39.44 ? 33  PHE A O   1 
ATOM   167  C  CB  . PHE A 1 21 ? -0.155  -14.125 1.896   1.00 40.30 ? 33  PHE A CB  1 
ATOM   168  C  CG  . PHE A 1 21 ? 1.287   -13.711 1.937   1.00 41.56 ? 33  PHE A CG  1 
ATOM   169  C  CD1 . PHE A 1 21 ? 1.650   -12.421 1.618   1.00 49.86 ? 33  PHE A CD1 1 
ATOM   170  C  CD2 . PHE A 1 21 ? 2.285   -14.647 2.167   1.00 47.53 ? 33  PHE A CD2 1 
ATOM   171  C  CE1 . PHE A 1 21 ? 2.970   -12.057 1.557   1.00 46.42 ? 33  PHE A CE1 1 
ATOM   172  C  CE2 . PHE A 1 21 ? 3.600   -14.282 2.152   1.00 47.08 ? 33  PHE A CE2 1 
ATOM   173  C  CZ  . PHE A 1 21 ? 3.948   -12.979 1.825   1.00 44.87 ? 33  PHE A CZ  1 
ATOM   174  N  N   . LYS A 1 22 ? 0.099   -16.770 0.275   1.00 39.43 ? 34  LYS A N   1 
ATOM   175  C  CA  . LYS A 1 22 ? 0.861   -17.898 -0.238  1.00 41.28 ? 34  LYS A CA  1 
ATOM   176  C  C   . LYS A 1 22 ? 0.717   -18.045 -1.754  1.00 40.53 ? 34  LYS A C   1 
ATOM   177  O  O   . LYS A 1 22 ? 1.697   -18.331 -2.451  1.00 38.30 ? 34  LYS A O   1 
ATOM   178  C  CB  . LYS A 1 22 ? 0.376   -19.168 0.437   1.00 40.09 ? 34  LYS A CB  1 
ATOM   179  C  CG  . LYS A 1 22 ? 1.096   -20.406 -0.039  1.00 46.47 ? 34  LYS A CG  1 
ATOM   180  C  CD  . LYS A 1 22 ? 0.736   -21.664 0.782   1.00 48.34 ? 34  LYS A CD  1 
ATOM   181  C  CE  . LYS A 1 22 ? -0.616  -22.243 0.433   1.00 55.30 ? 34  LYS A CE  1 
ATOM   182  N  NZ  . LYS A 1 22 ? -0.650  -23.589 1.002   1.00 68.70 ? 34  LYS A NZ  1 
ATOM   183  N  N   . LYS A 1 23 ? -0.500  -17.847 -2.253  1.00 40.75 ? 35  LYS A N   1 
ATOM   184  C  CA  . LYS A 1 23 ? -0.748  -17.888 -3.702  1.00 40.27 ? 35  LYS A CA  1 
ATOM   185  C  C   . LYS A 1 23 ? 0.127   -16.823 -4.432  1.00 37.42 ? 35  LYS A C   1 
ATOM   186  O  O   . LYS A 1 23 ? 0.802   -17.123 -5.372  1.00 39.06 ? 35  LYS A O   1 
ATOM   187  C  CB  . LYS A 1 23 ? -2.233  -17.723 -4.014  1.00 38.88 ? 35  LYS A CB  1 
ATOM   188  C  CG  . LYS A 1 23 ? -3.111  -18.943 -3.767  1.00 38.00 ? 35  LYS A CG  1 
ATOM   189  C  CD  . LYS A 1 23 ? -4.613  -18.697 -4.020  1.00 37.62 ? 35  LYS A CD  1 
ATOM   190  C  CE  . LYS A 1 23 ? -4.936  -18.175 -5.431  1.00 44.49 ? 35  LYS A CE  1 
ATOM   191  N  NZ  . LYS A 1 23 ? -6.401  -18.227 -5.862  1.00 42.01 ? 35  LYS A NZ  1 
ATOM   192  N  N   . ILE A 1 24 ? 0.129   -15.607 -3.934  1.00 39.81 ? 36  ILE A N   1 
ATOM   193  C  CA  . ILE A 1 24 ? 0.888   -14.494 -4.479  1.00 36.54 ? 36  ILE A CA  1 
ATOM   194  C  C   . ILE A 1 24 ? 2.396   -14.684 -4.380  1.00 37.40 ? 36  ILE A C   1 
ATOM   195  O  O   . ILE A 1 24 ? 3.143   -14.406 -5.332  1.00 34.26 ? 36  ILE A O   1 
ATOM   196  C  CB  . ILE A 1 24 ? 0.506   -13.223 -3.743  1.00 39.73 ? 36  ILE A CB  1 
ATOM   197  C  CG1 . ILE A 1 24 ? -0.952  -12.897 -4.058  1.00 38.27 ? 36  ILE A CG1 1 
ATOM   198  C  CG2 . ILE A 1 24 ? 1.397   -12.066 -4.190  1.00 36.13 ? 36  ILE A CG2 1 
ATOM   199  C  CD1 . ILE A 1 24 ? -1.489  -11.740 -3.266  1.00 40.62 ? 36  ILE A CD1 1 
ATOM   200  N  N   . GLN A 1 25 ? 2.845   -15.166 -3.226  1.00 35.72 ? 37  GLN A N   1 
ATOM   201  C  CA  . GLN A 1 25 ? 4.267   -15.472 -3.054  1.00 40.49 ? 37  GLN A CA  1 
ATOM   202  C  C   . GLN A 1 25 ? 4.719   -16.509 -4.094  1.00 40.17 ? 37  GLN A C   1 
ATOM   203  O  O   . GLN A 1 25 ? 5.743   -16.335 -4.792  1.00 38.16 ? 37  GLN A O   1 
ATOM   204  C  CB  . GLN A 1 25 ? 4.508   -15.958 -1.627  1.00 41.68 ? 37  GLN A CB  1 
ATOM   205  C  CG  . GLN A 1 25 ? 5.931   -16.162 -1.280  1.00 52.16 ? 37  GLN A CG  1 
ATOM   206  C  CD  . GLN A 1 25 ? 6.105   -16.468 0.178   1.00 53.11 ? 37  GLN A CD  1 
ATOM   207  O  OE1 . GLN A 1 25 ? 5.370   -17.292 0.719   1.00 57.88 ? 37  GLN A OE1 1 
ATOM   208  N  NE2 . GLN A 1 25 ? 7.081   -15.806 0.836   1.00 46.82 ? 37  GLN A NE2 1 
ATOM   209  N  N   . ASN A 1 26 ? 3.926   -17.556 -4.263  1.00 37.79 ? 38  ASN A N   1 
ATOM   210  C  CA  . ASN A 1 26 ? 4.271   -18.557 -5.245  1.00 37.78 ? 38  ASN A CA  1 
ATOM   211  C  C   . ASN A 1 26 ? 4.203   -17.994 -6.671  1.00 35.72 ? 38  ASN A C   1 
ATOM   212  O  O   . ASN A 1 26 ? 5.052   -18.313 -7.519  1.00 35.29 ? 38  ASN A O   1 
ATOM   213  C  CB  . ASN A 1 26 ? 3.400   -19.802 -5.088  1.00 37.52 ? 38  ASN A CB  1 
ATOM   214  C  CG  . ASN A 1 26 ? 3.886   -20.702 -3.965  1.00 48.87 ? 38  ASN A CG  1 
ATOM   215  O  OD1 . ASN A 1 26 ? 4.896   -21.406 -4.110  1.00 57.13 ? 38  ASN A OD1 1 
ATOM   216  N  ND2 . ASN A 1 26 ? 3.191   -20.669 -2.830  1.00 44.75 ? 38  ASN A ND2 1 
ATOM   217  N  N   . TYR A 1 27 ? 3.191   -17.191 -6.947  1.00 35.09 ? 39  TYR A N   1 
ATOM   218  C  CA  . TYR A 1 27 ? 3.044   -16.638 -8.292  1.00 34.68 ? 39  TYR A CA  1 
ATOM   219  C  C   . TYR A 1 27 ? 4.324   -15.815 -8.638  1.00 34.41 ? 39  TYR A C   1 
ATOM   220  O  O   . TYR A 1 27 ? 4.920   -15.945 -9.709  1.00 34.40 ? 39  TYR A O   1 
ATOM   221  C  CB  . TYR A 1 27 ? 1.788   -15.797 -8.414  1.00 33.76 ? 39  TYR A CB  1 
ATOM   222  C  CG  . TYR A 1 27 ? 1.615   -15.239 -9.810  1.00 32.48 ? 39  TYR A CG  1 
ATOM   223  C  CD1 . TYR A 1 27 ? 2.303   -14.081 -10.223 1.00 37.74 ? 39  TYR A CD1 1 
ATOM   224  C  CD2 . TYR A 1 27 ? 0.779   -15.845 -10.708 1.00 36.20 ? 39  TYR A CD2 1 
ATOM   225  C  CE1 . TYR A 1 27 ? 2.131   -13.564 -11.509 1.00 32.73 ? 39  TYR A CE1 1 
ATOM   226  C  CE2 . TYR A 1 27 ? 0.603   -15.350 -12.005 1.00 39.99 ? 39  TYR A CE2 1 
ATOM   227  C  CZ  . TYR A 1 27 ? 1.285   -14.226 -12.398 1.00 36.35 ? 39  TYR A CZ  1 
ATOM   228  O  OH  . TYR A 1 27 ? 1.108   -13.784 -13.667 1.00 38.63 ? 39  TYR A OH  1 
HETATM 229  N  N   . MSE A 1 28 ? 4.773   -15.025 -7.681  1.00 36.00 ? 40  MSE A N   1 
HETATM 230  C  CA  . MSE A 1 28 ? 5.929   -14.150 -7.886  1.00 40.83 ? 40  MSE A CA  1 
HETATM 231  C  C   . MSE A 1 28 ? 7.221   -14.947 -8.082  1.00 37.43 ? 40  MSE A C   1 
HETATM 232  O  O   . MSE A 1 28 ? 8.019   -14.642 -8.947  1.00 36.66 ? 40  MSE A O   1 
HETATM 233  C  CB  . MSE A 1 28 ? 6.048   -13.188 -6.697  1.00 37.15 ? 40  MSE A CB  1 
HETATM 234  C  CG  . MSE A 1 28 ? 4.899   -12.207 -6.720  1.00 45.80 ? 40  MSE A CG  1 
HETATM 235  SE SE  . MSE A 1 28 ? 5.042   -10.862 -5.329  0.70 51.50 ? 40  MSE A SE  1 
HETATM 236  C  CE  . MSE A 1 28 ? 6.833   -10.349 -5.597  1.00 51.65 ? 40  MSE A CE  1 
ATOM   237  N  N   . TRP A 1 29 ? 7.384   -16.013 -7.315  1.00 38.07 ? 41  TRP A N   1 
ATOM   238  C  CA  . TRP A 1 29 ? 8.524   -16.894 -7.491  1.00 38.25 ? 41  TRP A CA  1 
ATOM   239  C  C   . TRP A 1 29 ? 8.452   -17.676 -8.824  1.00 36.94 ? 41  TRP A C   1 
ATOM   240  O  O   . TRP A 1 29 ? 9.473   -17.987 -9.438  1.00 36.84 ? 41  TRP A O   1 
ATOM   241  C  CB  . TRP A 1 29 ? 8.550   -17.883 -6.344  1.00 43.40 ? 41  TRP A CB  1 
ATOM   242  C  CG  . TRP A 1 29 ? 9.076   -17.355 -5.033  1.00 47.19 ? 41  TRP A CG  1 
ATOM   243  C  CD1 . TRP A 1 29 ? 9.935   -16.324 -4.839  1.00 51.99 ? 41  TRP A CD1 1 
ATOM   244  C  CD2 . TRP A 1 29 ? 8.816   -17.908 -3.748  1.00 45.27 ? 41  TRP A CD2 1 
ATOM   245  N  NE1 . TRP A 1 29 ? 10.203  -16.174 -3.498  1.00 59.03 ? 41  TRP A NE1 1 
ATOM   246  C  CE2 . TRP A 1 29 ? 9.531   -17.149 -2.810  1.00 53.60 ? 41  TRP A CE2 1 
ATOM   247  C  CE3 . TRP A 1 29 ? 8.000   -18.949 -3.295  1.00 59.65 ? 41  TRP A CE3 1 
ATOM   248  C  CZ2 . TRP A 1 29 ? 9.476   -17.409 -1.434  1.00 58.25 ? 41  TRP A CZ2 1 
ATOM   249  C  CZ3 . TRP A 1 29 ? 7.945   -19.212 -1.924  1.00 61.32 ? 41  TRP A CZ3 1 
ATOM   250  C  CH2 . TRP A 1 29 ? 8.697   -18.456 -1.016  1.00 54.66 ? 41  TRP A CH2 1 
ATOM   251  N  N   . ASN A 1 30 ? 7.234   -17.985 -9.256  1.00 33.74 ? 42  ASN A N   1 
ATOM   252  C  CA  . ASN A 1 30 ? 7.024   -18.640 -10.515 1.00 32.11 ? 42  ASN A CA  1 
ATOM   253  C  C   . ASN A 1 30 ? 7.323   -17.733 -11.684 1.00 30.87 ? 42  ASN A C   1 
ATOM   254  O  O   . ASN A 1 30 ? 7.845   -18.190 -12.678 1.00 28.32 ? 42  ASN A O   1 
ATOM   255  C  CB  . ASN A 1 30 ? 5.582   -19.117 -10.609 1.00 34.42 ? 42  ASN A CB  1 
ATOM   256  C  CG  . ASN A 1 30 ? 5.309   -20.384 -9.764  1.00 31.82 ? 42  ASN A CG  1 
ATOM   257  O  OD1 . ASN A 1 30 ? 6.241   -21.078 -9.366  1.00 32.68 ? 42  ASN A OD1 1 
ATOM   258  N  ND2 . ASN A 1 30 ? 4.031   -20.670 -9.501  1.00 29.69 ? 42  ASN A ND2 1 
ATOM   259  N  N   . PHE A 1 31 ? 6.933   -16.469 -11.599 1.00 34.50 ? 43  PHE A N   1 
ATOM   260  C  CA  . PHE A 1 31 ? 6.954   -15.607 -12.780 1.00 39.48 ? 43  PHE A CA  1 
ATOM   261  C  C   . PHE A 1 31 ? 7.895   -14.416 -12.695 1.00 43.12 ? 43  PHE A C   1 
ATOM   262  O  O   . PHE A 1 31 ? 8.138   -13.803 -13.707 1.00 45.18 ? 43  PHE A O   1 
ATOM   263  C  CB  . PHE A 1 31 ? 5.561   -15.085 -13.075 1.00 39.79 ? 43  PHE A CB  1 
ATOM   264  C  CG  . PHE A 1 31 ? 4.605   -16.148 -13.546 1.00 33.34 ? 43  PHE A CG  1 
ATOM   265  C  CD1 . PHE A 1 31 ? 4.556   -16.501 -14.876 1.00 34.88 ? 43  PHE A CD1 1 
ATOM   266  C  CD2 . PHE A 1 31 ? 3.755   -16.771 -12.662 1.00 34.46 ? 43  PHE A CD2 1 
ATOM   267  C  CE1 . PHE A 1 31 ? 3.675   -17.459 -15.298 1.00 33.30 ? 43  PHE A CE1 1 
ATOM   268  C  CE2 . PHE A 1 31 ? 2.852   -17.717 -13.093 1.00 33.40 ? 43  PHE A CE2 1 
ATOM   269  C  CZ  . PHE A 1 31 ? 2.822   -18.065 -14.395 1.00 36.51 ? 43  PHE A CZ  1 
ATOM   270  N  N   . SER A 1 32 ? 8.409   -14.078 -11.521 1.00 49.35 ? 44  SER A N   1 
ATOM   271  C  CA  . SER A 1 32 ? 9.240   -12.870 -11.412 1.00 55.05 ? 44  SER A CA  1 
ATOM   272  C  C   . SER A 1 32 ? 10.535  -13.113 -12.095 1.00 52.35 ? 44  SER A C   1 
ATOM   273  O  O   . SER A 1 32 ? 11.176  -14.098 -11.836 1.00 55.14 ? 44  SER A O   1 
ATOM   274  C  CB  . SER A 1 32 ? 9.569   -12.495 -9.969  1.00 55.14 ? 44  SER A CB  1 
ATOM   275  N  N   . ALA A 1 33 ? 10.853  -12.244 -13.034 1.00 55.80 ? 45  ALA A N   1 
ATOM   276  C  CA  . ALA A 1 33 ? 12.227  -11.975 -13.397 1.00 57.70 ? 45  ALA A CA  1 
ATOM   277  C  C   . ALA A 1 33 ? 12.656  -10.931 -12.366 1.00 56.94 ? 45  ALA A C   1 
ATOM   278  O  O   . ALA A 1 33 ? 11.878  -10.499 -11.506 1.00 61.77 ? 45  ALA A O   1 
ATOM   279  N  N   . GLY A 1 34 ? 13.890  -10.516 -12.431 1.00 56.38 ? 46  GLY A N   1 
ATOM   280  C  CA  . GLY A 1 34 ? 14.310  -9.478  -11.535 1.00 54.24 ? 46  GLY A CA  1 
ATOM   281  C  C   . GLY A 1 34 ? 14.719  -9.966  -10.168 1.00 50.40 ? 46  GLY A C   1 
ATOM   282  O  O   . GLY A 1 34 ? 14.544  -11.136 -9.781  1.00 50.68 ? 46  GLY A O   1 
ATOM   283  N  N   . ASN A 1 35 ? 15.241  -9.002  -9.435  1.00 44.83 ? 47  ASN A N   1 
ATOM   284  C  CA  . ASN A 1 35 ? 16.004  -9.222  -8.246  1.00 39.63 ? 47  ASN A CA  1 
ATOM   285  C  C   . ASN A 1 35 ? 15.133  -9.819  -7.168  1.00 36.58 ? 47  ASN A C   1 
ATOM   286  O  O   . ASN A 1 35 ? 14.011  -9.354  -6.894  1.00 32.92 ? 47  ASN A O   1 
ATOM   287  C  CB  . ASN A 1 35 ? 16.601  -7.882  -7.825  1.00 41.01 ? 47  ASN A CB  1 
ATOM   288  C  CG  . ASN A 1 35 ? 17.672  -8.009  -6.791  1.00 30.55 ? 47  ASN A CG  1 
ATOM   289  O  OD1 . ASN A 1 35 ? 17.453  -8.516  -5.707  1.00 35.13 ? 47  ASN A OD1 1 
ATOM   290  N  ND2 . ASN A 1 35 ? 18.798  -7.470  -7.090  1.00 22.95 ? 47  ASN A ND2 1 
ATOM   291  N  N   . GLY A 1 36 ? 15.641  -10.875 -6.544  1.00 35.00 ? 48  GLY A N   1 
ATOM   292  C  CA  . GLY A 1 36 ? 14.933  -11.474 -5.411  1.00 33.81 ? 48  GLY A CA  1 
ATOM   293  C  C   . GLY A 1 36 ? 14.615  -10.497 -4.293  1.00 33.81 ? 48  GLY A C   1 
ATOM   294  O  O   . GLY A 1 36 ? 13.591  -10.659 -3.637  1.00 36.85 ? 48  GLY A O   1 
HETATM 295  N  N   . MSE A 1 37 ? 15.512  -9.529  -4.023  1.00 34.04 ? 49  MSE A N   1 
HETATM 296  C  CA  . MSE A 1 37 ? 15.251  -8.513  -2.989  1.00 34.01 ? 49  MSE A CA  1 
HETATM 297  C  C   . MSE A 1 37 ? 14.068  -7.596  -3.303  1.00 31.99 ? 49  MSE A C   1 
HETATM 298  O  O   . MSE A 1 37 ? 13.324  -7.218  -2.401  1.00 31.29 ? 49  MSE A O   1 
HETATM 299  C  CB  . MSE A 1 37 ? 16.476  -7.657  -2.730  1.00 34.12 ? 49  MSE A CB  1 
HETATM 300  C  CG  . MSE A 1 37 ? 17.622  -8.447  -2.122  1.00 47.15 ? 49  MSE A CG  1 
HETATM 301  SE SE  . MSE A 1 37 ? 16.996  -9.531  -0.617  0.70 53.16 ? 49  MSE A SE  1 
HETATM 302  C  CE  . MSE A 1 37 ? 16.807  -7.949  0.635   1.00 26.57 ? 49  MSE A CE  1 
ATOM   303  N  N   . ASP A 1 38 ? 13.901  -7.244  -4.569  1.00 33.86 ? 50  ASP A N   1 
ATOM   304  C  CA  . ASP A 1 38 ? 12.738  -6.474  -5.010  1.00 35.41 ? 50  ASP A CA  1 
ATOM   305  C  C   . ASP A 1 38 ? 11.445  -7.208  -4.763  1.00 36.76 ? 50  ASP A C   1 
ATOM   306  O  O   . ASP A 1 38 ? 10.461  -6.638  -4.297  1.00 35.96 ? 50  ASP A O   1 
ATOM   307  C  CB  . ASP A 1 38 ? 12.852  -6.146  -6.499  1.00 35.15 ? 50  ASP A CB  1 
ATOM   308  C  CG  . ASP A 1 38 ? 14.012  -5.223  -6.821  1.00 33.33 ? 50  ASP A CG  1 
ATOM   309  O  OD1 . ASP A 1 38 ? 14.635  -4.555  -5.938  1.00 35.54 ? 50  ASP A OD1 1 
ATOM   310  O  OD2 . ASP A 1 38 ? 14.328  -5.165  -8.019  1.00 44.74 ? 50  ASP A OD2 1 
HETATM 311  N  N   . MSE A 1 39 ? 11.434  -8.491  -5.112  1.00 37.52 ? 51  MSE A N   1 
HETATM 312  C  CA  A MSE A 1 39 ? 10.260  -9.313  -4.884  0.50 35.54 ? 51  MSE A CA  1 
HETATM 313  C  CA  B MSE A 1 39 ? 10.301  -9.366  -4.856  0.50 39.50 ? 51  MSE A CA  1 
HETATM 314  C  C   . MSE A 1 39 ? 9.945   -9.424  -3.388  1.00 33.28 ? 51  MSE A C   1 
HETATM 315  O  O   . MSE A 1 39 ? 8.789   -9.361  -3.016  1.00 31.89 ? 51  MSE A O   1 
HETATM 316  C  CB  A MSE A 1 39 ? 10.418  -10.703 -5.535  0.50 35.80 ? 51  MSE A CB  1 
HETATM 317  C  CB  B MSE A 1 39 ? 10.645  -10.786 -5.279  0.50 38.75 ? 51  MSE A CB  1 
HETATM 318  C  CG  A MSE A 1 39 ? 10.530  -10.659 -7.076  0.50 43.46 ? 51  MSE A CG  1 
HETATM 319  C  CG  B MSE A 1 39 ? 10.658  -11.000 -6.752  0.50 44.12 ? 51  MSE A CG  1 
HETATM 320  SE SE  A MSE A 1 39 ? 9.093   -9.648  -8.055  0.35 47.41 ? 51  MSE A SE  1 
HETATM 321  SE SE  B MSE A 1 39 ? 11.107  -12.830 -7.095  0.35 56.53 ? 51  MSE A SE  1 
HETATM 322  C  CE  A MSE A 1 39 ? 7.943   -11.031 -8.480  0.50 53.94 ? 51  MSE A CE  1 
HETATM 323  C  CE  B MSE A 1 39 ? 9.868   -13.609 -5.949  0.50 27.63 ? 51  MSE A CE  1 
ATOM   324  N  N   . LEU A 1 40 ? 10.966  -9.549  -2.548  1.00 33.56 ? 52  LEU A N   1 
ATOM   325  C  CA  . LEU A 1 40 ? 10.753  -9.595  -1.105  1.00 32.16 ? 52  LEU A CA  1 
ATOM   326  C  C   . LEU A 1 40 ? 10.237  -8.235  -0.592  1.00 32.19 ? 52  LEU A C   1 
ATOM   327  O  O   . LEU A 1 40 ? 9.336   -8.194  0.214   1.00 31.96 ? 52  LEU A O   1 
ATOM   328  C  CB  . LEU A 1 40 ? 12.035  -9.935  -0.361  1.00 34.33 ? 52  LEU A CB  1 
ATOM   329  C  CG  . LEU A 1 40 ? 12.435  -11.424 -0.398  1.00 37.77 ? 52  LEU A CG  1 
ATOM   330  C  CD1 . LEU A 1 40 ? 13.849  -11.550 0.067   1.00 38.82 ? 52  LEU A CD1 1 
ATOM   331  C  CD2 . LEU A 1 40 ? 11.416  -12.306 0.411   1.00 39.70 ? 52  LEU A CD2 1 
ATOM   332  N  N   . HIS A 1 41 ? 10.836  -7.133  -1.042  1.00 29.89 ? 53  HIS A N   1 
ATOM   333  C  CA  . HIS A 1 41 ? 10.342  -5.810  -0.606  1.00 30.06 ? 53  HIS A CA  1 
ATOM   334  C  C   . HIS A 1 41 ? 8.858   -5.648  -0.972  1.00 30.41 ? 53  HIS A C   1 
ATOM   335  O  O   . HIS A 1 41 ? 8.063   -5.202  -0.164  1.00 32.09 ? 53  HIS A O   1 
ATOM   336  C  CB  . HIS A 1 41 ? 11.242  -4.699  -1.133  1.00 29.26 ? 53  HIS A CB  1 
ATOM   337  C  CG  . HIS A 1 41 ? 12.575  -4.671  -0.457  1.00 31.85 ? 53  HIS A CG  1 
ATOM   338  N  ND1 . HIS A 1 41 ? 13.747  -4.341  -1.099  1.00 33.09 ? 53  HIS A ND1 1 
ATOM   339  C  CD2 . HIS A 1 41 ? 12.914  -4.966  0.818   1.00 37.47 ? 53  HIS A CD2 1 
ATOM   340  C  CE1 . HIS A 1 41 ? 14.744  -4.420  -0.243  1.00 44.03 ? 53  HIS A CE1 1 
ATOM   341  N  NE2 . HIS A 1 41 ? 14.265  -4.804  0.924   1.00 38.90 ? 53  HIS A NE2 1 
ATOM   342  N  N   . ILE A 1 42 ? 8.460   -6.114  -2.146  1.00 32.89 ? 54  ILE A N   1 
ATOM   343  C  CA  . ILE A 1 42 ? 7.071   -5.980  -2.575  1.00 39.36 ? 54  ILE A CA  1 
ATOM   344  C  C   . ILE A 1 42 ? 6.187   -6.841  -1.694  1.00 37.71 ? 54  ILE A C   1 
ATOM   345  O  O   . ILE A 1 42 ? 5.088   -6.449  -1.333  1.00 38.14 ? 54  ILE A O   1 
ATOM   346  C  CB  . ILE A 1 42 ? 6.864   -6.432  -4.053  1.00 40.19 ? 54  ILE A CB  1 
ATOM   347  C  CG1 . ILE A 1 42 ? 7.631   -5.548  -5.012  1.00 47.72 ? 54  ILE A CG1 1 
ATOM   348  C  CG2 . ILE A 1 42 ? 5.401   -6.364  -4.431  1.00 50.26 ? 54  ILE A CG2 1 
ATOM   349  C  CD1 . ILE A 1 42 ? 7.949   -6.230  -6.373  1.00 49.24 ? 54  ILE A CD1 1 
ATOM   350  N  N   . GLN A 1 43 ? 6.645   -8.036  -1.360  1.00 38.01 ? 55  GLN A N   1 
ATOM   351  C  CA  . GLN A 1 43 ? 5.877   -8.883  -0.449  1.00 38.84 ? 55  GLN A CA  1 
ATOM   352  C  C   . GLN A 1 43 ? 5.732   -8.257  0.958   1.00 37.78 ? 55  GLN A C   1 
ATOM   353  O  O   . GLN A 1 43 ? 4.694   -8.408  1.618   1.00 37.57 ? 55  GLN A O   1 
ATOM   354  C  CB  . GLN A 1 43 ? 6.513   -10.256 -0.337  1.00 39.75 ? 55  GLN A CB  1 
ATOM   355  C  CG  . GLN A 1 43 ? 6.410   -11.007 -1.622  1.00 49.15 ? 55  GLN A CG  1 
ATOM   356  C  CD  . GLN A 1 43 ? 7.199   -12.291 -1.606  1.00 46.91 ? 55  GLN A CD  1 
ATOM   357  O  OE1 . GLN A 1 43 ? 7.705   -12.712 -0.567  1.00 43.29 ? 55  GLN A OE1 1 
ATOM   358  N  NE2 . GLN A 1 43 ? 7.303   -12.921 -2.768  1.00 64.61 ? 55  GLN A NE2 1 
ATOM   359  N  N   . TYR A 1 44 ? 6.762   -7.553  1.406   1.00 35.03 ? 56  TYR A N   1 
ATOM   360  C  CA  . TYR A 1 44 ? 6.661   -6.890  2.709   1.00 36.98 ? 56  TYR A CA  1 
ATOM   361  C  C   . TYR A 1 44 ? 5.619   -5.751  2.653   1.00 39.45 ? 56  TYR A C   1 
ATOM   362  O  O   . TYR A 1 44 ? 4.823   -5.586  3.599   1.00 37.92 ? 56  TYR A O   1 
ATOM   363  C  CB  . TYR A 1 44 ? 8.009   -6.406  3.222   1.00 32.80 ? 56  TYR A CB  1 
ATOM   364  C  CG  . TYR A 1 44 ? 9.078   -7.519  3.365   1.00 35.10 ? 56  TYR A CG  1 
ATOM   365  C  CD1 . TYR A 1 44 ? 8.720   -8.886  3.393   1.00 41.12 ? 56  TYR A CD1 1 
ATOM   366  C  CD2 . TYR A 1 44 ? 10.414  -7.204  3.513   1.00 40.37 ? 56  TYR A CD2 1 
ATOM   367  C  CE1 . TYR A 1 44 ? 9.697   -9.879  3.523   1.00 45.24 ? 56  TYR A CE1 1 
ATOM   368  C  CE2 . TYR A 1 44 ? 11.398  -8.189  3.633   1.00 39.59 ? 56  TYR A CE2 1 
ATOM   369  C  CZ  . TYR A 1 44 ? 11.033  -9.527  3.637   1.00 43.70 ? 56  TYR A CZ  1 
ATOM   370  O  OH  . TYR A 1 44 ? 12.002  -10.509 3.755   1.00 47.05 ? 56  TYR A OH  1 
ATOM   371  N  N   . GLU A 1 45 ? 5.615   -5.000  1.552   1.00 38.32 ? 57  GLU A N   1 
ATOM   372  C  CA  . GLU A 1 45 ? 4.606   -3.978  1.376   1.00 40.54 ? 57  GLU A CA  1 
ATOM   373  C  C   . GLU A 1 45 ? 3.233   -4.620  1.372   1.00 38.44 ? 57  GLU A C   1 
ATOM   374  O  O   . GLU A 1 45 ? 2.278   -4.089  1.953   1.00 38.94 ? 57  GLU A O   1 
ATOM   375  C  CB  . GLU A 1 45 ? 4.831   -3.151  0.110   1.00 38.70 ? 57  GLU A CB  1 
ATOM   376  C  CG  . GLU A 1 45 ? 6.070   -2.299  0.148   1.00 40.43 ? 57  GLU A CG  1 
ATOM   377  C  CD  . GLU A 1 45 ? 6.006   -1.116  1.119   1.00 31.82 ? 57  GLU A CD  1 
ATOM   378  O  OE1 . GLU A 1 45 ? 4.980   -0.921  1.828   1.00 38.64 ? 57  GLU A OE1 1 
ATOM   379  O  OE2 . GLU A 1 45 ? 6.989   -0.363  1.129   1.00 33.90 ? 57  GLU A OE2 1 
ATOM   380  N  N   . LEU A 1 46 ? 3.134   -5.767  0.729   1.00 37.55 ? 58  LEU A N   1 
ATOM   381  C  CA  . LEU A 1 46 ? 1.866   -6.446  0.648   1.00 39.44 ? 58  LEU A CA  1 
ATOM   382  C  C   . LEU A 1 46 ? 1.385   -6.929  2.031   1.00 41.35 ? 58  LEU A C   1 
ATOM   383  O  O   . LEU A 1 46 ? 0.168   -6.895  2.311   1.00 41.65 ? 58  LEU A O   1 
ATOM   384  C  CB  . LEU A 1 46 ? 1.914   -7.599  -0.332  1.00 41.71 ? 58  LEU A CB  1 
ATOM   385  C  CG  . LEU A 1 46 ? 0.584   -8.351  -0.543  1.00 49.00 ? 58  LEU A CG  1 
ATOM   386  C  CD1 . LEU A 1 46 ? -0.365  -7.480  -1.359  1.00 46.49 ? 58  LEU A CD1 1 
ATOM   387  C  CD2 . LEU A 1 46 ? 0.871   -9.651  -1.268  1.00 49.84 ? 58  LEU A CD2 1 
ATOM   388  N  N   . ILE A 1 47 ? 2.316   -7.331  2.897   1.00 37.72 ? 59  ILE A N   1 
ATOM   389  C  CA  . ILE A 1 47 ? 1.951   -7.759  4.248   1.00 36.60 ? 59  ILE A CA  1 
ATOM   390  C  C   . ILE A 1 47 ? 1.468   -6.552  5.065   1.00 39.25 ? 59  ILE A C   1 
ATOM   391  O  O   . ILE A 1 47 ? 0.548   -6.675  5.864   1.00 38.62 ? 59  ILE A O   1 
ATOM   392  C  CB  . ILE A 1 47 ? 3.159   -8.431  4.948   1.00 37.80 ? 59  ILE A CB  1 
ATOM   393  C  CG1 . ILE A 1 47 ? 3.450   -9.773  4.249   1.00 44.86 ? 59  ILE A CG1 1 
ATOM   394  C  CG2 . ILE A 1 47 ? 2.932   -8.608  6.443   1.00 41.30 ? 59  ILE A CG2 1 
ATOM   395  C  CD1 . ILE A 1 47 ? 4.837   -10.324 4.507   1.00 47.23 ? 59  ILE A CD1 1 
ATOM   396  N  N   . ASP A 1 48 ? 2.092   -5.389  4.891   1.00 37.84 ? 60  ASP A N   1 
ATOM   397  C  CA  . ASP A 1 48 ? 1.570   -4.181  5.521   1.00 39.00 ? 60  ASP A CA  1 
ATOM   398  C  C   . ASP A 1 48 ? 0.120   -3.927  5.068   1.00 39.26 ? 60  ASP A C   1 
ATOM   399  O  O   . ASP A 1 48 ? -0.743  -3.572  5.866   1.00 40.03 ? 60  ASP A O   1 
ATOM   400  C  CB  . ASP A 1 48 ? 2.409   -2.949  5.194   1.00 37.14 ? 60  ASP A CB  1 
ATOM   401  C  CG  . ASP A 1 48 ? 3.579   -2.756  6.128   1.00 48.56 ? 60  ASP A CG  1 
ATOM   402  O  OD1 . ASP A 1 48 ? 3.602   -3.384  7.195   1.00 52.12 ? 60  ASP A OD1 1 
ATOM   403  O  OD2 . ASP A 1 48 ? 4.480   -1.961  5.797   1.00 50.58 ? 60  ASP A OD2 1 
ATOM   404  N  N   . LEU A 1 49 ? -0.122  -4.058  3.778   1.00 39.87 ? 61  LEU A N   1 
ATOM   405  C  CA  . LEU A 1 49 ? -1.457  -3.785  3.222   1.00 40.38 ? 61  LEU A CA  1 
ATOM   406  C  C   . LEU A 1 49 ? -2.485  -4.820  3.743   1.00 38.64 ? 61  LEU A C   1 
ATOM   407  O  O   . LEU A 1 49 ? -3.569  -4.464  4.136   1.00 39.72 ? 61  LEU A O   1 
ATOM   408  C  CB  . LEU A 1 49 ? -1.404  -3.826  1.711   1.00 38.39 ? 61  LEU A CB  1 
ATOM   409  C  CG  . LEU A 1 49 ? -2.676  -3.490  0.921   1.00 46.10 ? 61  LEU A CG  1 
ATOM   410  C  CD1 . LEU A 1 49 ? -2.902  -2.032  0.908   1.00 41.87 ? 61  LEU A CD1 1 
ATOM   411  C  CD2 . LEU A 1 49 ? -2.587  -4.011  -0.511  1.00 44.18 ? 61  LEU A CD2 1 
ATOM   412  N  N   . PHE A 1 50 ? -2.120  -6.090  3.725   1.00 38.70 ? 62  PHE A N   1 
ATOM   413  C  CA  . PHE A 1 50 ? -2.954  -7.154  4.239   1.00 39.85 ? 62  PHE A CA  1 
ATOM   414  C  C   . PHE A 1 50 ? -3.201  -7.025  5.745   1.00 41.97 ? 62  PHE A C   1 
ATOM   415  O  O   . PHE A 1 50 ? -4.339  -7.224  6.202   1.00 43.09 ? 62  PHE A O   1 
ATOM   416  C  CB  . PHE A 1 50 ? -2.345  -8.532  3.934   1.00 40.66 ? 62  PHE A CB  1 
ATOM   417  C  CG  . PHE A 1 50 ? -2.642  -9.076  2.569   1.00 38.03 ? 62  PHE A CG  1 
ATOM   418  C  CD1 . PHE A 1 50 ? -3.065  -8.286  1.535   1.00 40.03 ? 62  PHE A CD1 1 
ATOM   419  C  CD2 . PHE A 1 50 ? -2.434  -10.440 2.314   1.00 42.48 ? 62  PHE A CD2 1 
ATOM   420  C  CE1 . PHE A 1 50 ? -3.311  -8.828  0.264   1.00 40.47 ? 62  PHE A CE1 1 
ATOM   421  C  CE2 . PHE A 1 50 ? -2.711  -10.986 1.068   1.00 44.80 ? 62  PHE A CE2 1 
ATOM   422  C  CZ  . PHE A 1 50 ? -3.140  -10.179 0.028   1.00 40.71 ? 62  PHE A CZ  1 
ATOM   423  N  N   . GLU A 1 51 ? -2.187  -6.654  6.527   1.00 40.82 ? 63  GLU A N   1 
ATOM   424  C  CA  . GLU A 1 51 ? -2.430  -6.429  7.953   1.00 40.63 ? 63  GLU A CA  1 
ATOM   425  C  C   . GLU A 1 51 ? -3.401  -5.321  8.210   1.00 41.39 ? 63  GLU A C   1 
ATOM   426  O  O   . GLU A 1 51 ? -4.209  -5.413  9.145   1.00 40.47 ? 63  GLU A O   1 
ATOM   427  C  CB  . GLU A 1 51 ? -1.174  -6.061  8.735   1.00 42.24 ? 63  GLU A CB  1 
ATOM   428  C  CG  . GLU A 1 51 ? -0.323  -7.217  9.094   1.00 50.98 ? 63  GLU A CG  1 
ATOM   429  C  CD  . GLU A 1 51 ? 0.763   -6.868  10.104  1.00 44.64 ? 63  GLU A CD  1 
ATOM   430  O  OE1 . GLU A 1 51 ? 1.088   -5.668  10.314  1.00 45.46 ? 63  GLU A OE1 1 
ATOM   431  O  OE2 . GLU A 1 51 ? 1.269   -7.838  10.706  1.00 43.95 ? 63  GLU A OE2 1 
ATOM   432  N  N   . ALA A 1 52 ? -3.284  -4.222  7.459   1.00 39.14 ? 64  ALA A N   1 
ATOM   433  C  CA  . ALA A 1 52 ? -4.200  -3.112  7.650   1.00 38.25 ? 64  ALA A CA  1 
ATOM   434  C  C   . ALA A 1 52 ? -5.621  -3.524  7.282   1.00 38.14 ? 64  ALA A C   1 
ATOM   435  O  O   . ALA A 1 52 ? -6.589  -3.252  7.998   1.00 37.42 ? 64  ALA A O   1 
ATOM   436  C  CB  . ALA A 1 52 ? -3.762  -1.888  6.812   1.00 40.60 ? 64  ALA A CB  1 
ATOM   437  N  N   . GLY A 1 53 ? -5.760  -4.126  6.123   1.00 38.65 ? 65  GLY A N   1 
ATOM   438  C  CA  . GLY A 1 53 ? -7.061  -4.570  5.672   1.00 40.84 ? 65  GLY A CA  1 
ATOM   439  C  C   . GLY A 1 53 ? -7.741  -5.527  6.648   1.00 41.68 ? 65  GLY A C   1 
ATOM   440  O  O   . GLY A 1 53 ? -8.928  -5.366  6.929   1.00 37.78 ? 65  GLY A O   1 
ATOM   441  N  N   . ALA A 1 54 ? -6.996  -6.506  7.168   1.00 41.63 ? 66  ALA A N   1 
ATOM   442  C  CA  . ALA A 1 54 ? -7.555  -7.423  8.178   1.00 41.49 ? 66  ALA A CA  1 
ATOM   443  C  C   . ALA A 1 54 ? -7.920  -6.644  9.435   1.00 42.48 ? 66  ALA A C   1 
ATOM   444  O  O   . ALA A 1 54 ? -8.980  -6.867  10.017  1.00 44.19 ? 66  ALA A O   1 
ATOM   445  C  CB  . ALA A 1 54 ? -6.589  -8.529  8.510   1.00 43.65 ? 66  ALA A CB  1 
ATOM   446  N  N   . ALA A 1 55 ? -7.065  -5.712  9.850   1.00 40.42 ? 67  ALA A N   1 
ATOM   447  C  CA  . ALA A 1 55 ? -7.394  -4.868  10.996  1.00 40.74 ? 67  ALA A CA  1 
ATOM   448  C  C   . ALA A 1 55 ? -8.662  -4.037  10.800  1.00 41.11 ? 67  ALA A C   1 
ATOM   449  O  O   . ALA A 1 55 ? -9.366  -3.801  11.747  1.00 39.15 ? 67  ALA A O   1 
ATOM   450  C  CB  . ALA A 1 55 ? -6.227  -3.947  11.383  1.00 41.26 ? 67  ALA A CB  1 
ATOM   451  N  N   . GLU A 1 56 ? -8.953  -3.593  9.583   1.00 41.43 ? 68  GLU A N   1 
ATOM   452  C  CA  . GLU A 1 56 ? -10.148 -2.789  9.311   1.00 39.50 ? 68  GLU A CA  1 
ATOM   453  C  C   . GLU A 1 56 ? -11.363 -3.699  9.122   1.00 39.12 ? 68  GLU A C   1 
ATOM   454  O  O   . GLU A 1 56 ? -12.460 -3.205  9.026   1.00 39.59 ? 68  GLU A O   1 
ATOM   455  C  CB  . GLU A 1 56 ? -9.971  -1.976  8.007   1.00 43.17 ? 68  GLU A CB  1 
ATOM   456  C  CG  . GLU A 1 56 ? -8.912  -0.890  8.073   1.00 44.63 ? 68  GLU A CG  1 
ATOM   457  C  CD  . GLU A 1 56 ? -9.323  0.310   8.864   1.00 44.17 ? 68  GLU A CD  1 
ATOM   458  O  OE1 . GLU A 1 56 ? -10.543 0.527   9.079   1.00 41.26 ? 68  GLU A OE1 1 
ATOM   459  O  OE2 . GLU A 1 56 ? -8.407  1.054   9.258   1.00 52.07 ? 68  GLU A OE2 1 
ATOM   460  N  N   . GLY A 1 57 ? -11.140 -5.009  8.978   1.00 39.11 ? 69  GLY A N   1 
ATOM   461  C  CA  . GLY A 1 57 ? -12.207 -5.969  8.852   1.00 38.94 ? 69  GLY A CA  1 
ATOM   462  C  C   . GLY A 1 57 ? -12.625 -6.259  7.421   1.00 40.45 ? 69  GLY A C   1 
ATOM   463  O  O   . GLY A 1 57 ? -13.726 -6.787  7.190   1.00 36.08 ? 69  GLY A O   1 
ATOM   464  N  N   . ARG A 1 58 ? -11.744 -5.977  6.451   1.00 38.96 ? 70  ARG A N   1 
ATOM   465  C  CA  . ARG A 1 58 ? -12.070 -6.287  5.072   1.00 38.21 ? 70  ARG A CA  1 
ATOM   466  C  C   . ARG A 1 58 ? -11.715 -7.718  4.769   1.00 40.41 ? 70  ARG A C   1 
ATOM   467  O  O   . ARG A 1 58 ? -10.833 -8.309  5.375   1.00 40.54 ? 70  ARG A O   1 
ATOM   468  C  CB  . ARG A 1 58 ? -11.319 -5.387  4.078   1.00 40.72 ? 70  ARG A CB  1 
ATOM   469  C  CG  . ARG A 1 58 ? -11.502 -3.944  4.278   1.00 39.11 ? 70  ARG A CG  1 
ATOM   470  C  CD  . ARG A 1 58 ? -12.924 -3.513  3.899   1.00 34.43 ? 70  ARG A CD  1 
ATOM   471  N  NE  . ARG A 1 58 ? -13.286 -3.788  2.520   1.00 36.14 ? 70  ARG A NE  1 
ATOM   472  C  CZ  . ARG A 1 58 ? -13.097 -2.927  1.506   1.00 40.41 ? 70  ARG A CZ  1 
ATOM   473  N  NH1 . ARG A 1 58 ? -12.502 -1.742  1.690   1.00 36.97 ? 70  ARG A NH1 1 
ATOM   474  N  NH2 . ARG A 1 58 ? -13.481 -3.257  0.298   1.00 41.77 ? 70  ARG A NH2 1 
ATOM   475  N  N   . GLN A 1 59 ? -12.355 -8.238  3.743   1.00 41.73 ? 71  GLN A N   1 
ATOM   476  C  CA  A GLN A 1 59 ? -12.047 -9.578  3.271   0.50 43.86 ? 71  GLN A CA  1 
ATOM   477  C  CA  B GLN A 1 59 ? -12.075 -9.571  3.220   0.50 44.79 ? 71  GLN A CA  1 
ATOM   478  C  C   . GLN A 1 59 ? -10.881 -9.503  2.263   1.00 43.03 ? 71  GLN A C   1 
ATOM   479  O  O   . GLN A 1 59 ? -10.796 -8.569  1.465   1.00 41.01 ? 71  GLN A O   1 
ATOM   480  C  CB  A GLN A 1 59 ? -13.302 -10.206 2.638   0.50 43.84 ? 71  GLN A CB  1 
ATOM   481  C  CB  B GLN A 1 59 ? -13.289 -10.073 2.421   0.50 43.96 ? 71  GLN A CB  1 
ATOM   482  C  CG  A GLN A 1 59 ? -14.445 -10.489 3.649   0.50 52.21 ? 71  GLN A CG  1 
ATOM   483  C  CG  B GLN A 1 59 ? -14.505 -10.449 3.242   0.50 52.75 ? 71  GLN A CG  1 
ATOM   484  C  CD  A GLN A 1 59 ? -14.165 -11.676 4.557   0.50 50.86 ? 71  GLN A CD  1 
ATOM   485  C  CD  B GLN A 1 59 ? -15.597 -11.025 2.367   0.50 49.00 ? 71  GLN A CD  1 
ATOM   486  O  OE1 A GLN A 1 59 ? -13.428 -12.587 4.197   0.50 67.13 ? 71  GLN A OE1 1 
ATOM   487  O  OE1 B GLN A 1 59 ? -16.037 -10.385 1.398   0.50 56.07 ? 71  GLN A OE1 1 
ATOM   488  N  NE2 A GLN A 1 59 ? -14.755 -11.664 5.734   0.50 56.36 ? 71  GLN A NE2 1 
ATOM   489  N  NE2 B GLN A 1 59 ? -16.021 -12.246 2.679   0.50 55.20 ? 71  GLN A NE2 1 
ATOM   490  N  N   . VAL A 1 60 ? -9.996  -10.511 2.282   1.00 42.52 ? 72  VAL A N   1 
ATOM   491  C  CA  . VAL A 1 60 ? -8.824  -10.473 1.445   1.00 40.90 ? 72  VAL A CA  1 
ATOM   492  C  C   . VAL A 1 60 ? -9.124  -10.281 -0.038  1.00 41.63 ? 72  VAL A C   1 
ATOM   493  O  O   . VAL A 1 60 ? -8.452  -9.502  -0.702  1.00 44.62 ? 72  VAL A O   1 
ATOM   494  C  CB  . VAL A 1 60 ? -7.826  -11.649 1.707   1.00 43.39 ? 72  VAL A CB  1 
ATOM   495  C  CG1 . VAL A 1 60 ? -8.387  -12.972 1.231   1.00 40.96 ? 72  VAL A CG1 1 
ATOM   496  C  CG2 . VAL A 1 60 ? -6.476  -11.320 1.039   1.00 45.57 ? 72  VAL A CG2 1 
ATOM   497  N  N   . LEU A 1 61 ? -10.170 -10.914 -0.551  1.00 41.84 ? 73  LEU A N   1 
ATOM   498  C  CA  . LEU A 1 61 ? -10.480 -10.784 -1.972  1.00 40.07 ? 73  LEU A CA  1 
ATOM   499  C  C   . LEU A 1 61 ? -11.025 -9.444  -2.395  1.00 37.22 ? 73  LEU A C   1 
ATOM   500  O  O   . LEU A 1 61 ? -11.098 -9.171  -3.609  1.00 38.06 ? 73  LEU A O   1 
ATOM   501  C  CB  . LEU A 1 61 ? -11.393 -11.913 -2.455  1.00 40.07 ? 73  LEU A CB  1 
ATOM   502  C  CG  . LEU A 1 61 ? -10.741 -13.321 -2.379  1.00 45.81 ? 73  LEU A CG  1 
ATOM   503  C  CD1 . LEU A 1 61 ? -11.779 -14.348 -2.880  1.00 47.48 ? 73  LEU A CD1 1 
ATOM   504  C  CD2 . LEU A 1 61 ? -9.387  -13.518 -3.134  1.00 40.03 ? 73  LEU A CD2 1 
ATOM   505  N  N   . ASP A 1 62 ? -11.457 -8.632  -1.443  1.00 38.82 ? 74  ASP A N   1 
ATOM   506  C  CA  . ASP A 1 62 ? -11.720 -7.189  -1.693  1.00 42.47 ? 74  ASP A CA  1 
ATOM   507  C  C   . ASP A 1 62 ? -10.406 -6.472  -2.097  1.00 40.17 ? 74  ASP A C   1 
ATOM   508  O  O   . ASP A 1 62 ? -10.407 -5.496  -2.848  1.00 39.67 ? 74  ASP A O   1 
ATOM   509  C  CB  . ASP A 1 62 ? -12.253 -6.454  -0.430  1.00 44.27 ? 74  ASP A CB  1 
ATOM   510  C  CG  . ASP A 1 62 ? -13.674 -6.915  0.039   1.00 53.08 ? 74  ASP A CG  1 
ATOM   511  O  OD1 . ASP A 1 62 ? -14.231 -7.845  -0.541  1.00 48.24 ? 74  ASP A OD1 1 
ATOM   512  O  OD2 . ASP A 1 62 ? -14.225 -6.316  1.010   1.00 56.63 ? 74  ASP A OD2 1 
ATOM   513  N  N   . ILE A 1 63 ? -9.312  -6.903  -1.495  1.00 38.54 ? 75  ILE A N   1 
ATOM   514  C  CA  . ILE A 1 63 ? -8.019  -6.310  -1.760  1.00 40.55 ? 75  ILE A CA  1 
ATOM   515  C  C   . ILE A 1 63 ? -7.489  -6.771  -3.124  1.00 38.11 ? 75  ILE A C   1 
ATOM   516  O  O   . ILE A 1 63 ? -7.170  -5.958  -3.960  1.00 36.47 ? 75  ILE A O   1 
ATOM   517  C  CB  . ILE A 1 63 ? -7.014  -6.620  -0.618  1.00 41.26 ? 75  ILE A CB  1 
ATOM   518  C  CG1 . ILE A 1 63 ? -7.636  -6.210  0.722   1.00 40.13 ? 75  ILE A CG1 1 
ATOM   519  C  CG2 . ILE A 1 63 ? -5.635  -5.922  -0.914  1.00 42.90 ? 75  ILE A CG2 1 
ATOM   520  C  CD1 . ILE A 1 63 ? -6.740  -6.415  1.902   1.00 45.12 ? 75  ILE A CD1 1 
ATOM   521  N  N   . THR A 1 64 ? -7.459  -8.077  -3.351  1.00 36.95 ? 76  THR A N   1 
ATOM   522  C  CA  . THR A 1 64 ? -6.859  -8.637  -4.536  1.00 38.13 ? 76  THR A CA  1 
ATOM   523  C  C   . THR A 1 64 ? -7.754  -8.714  -5.757  1.00 38.74 ? 76  THR A C   1 
ATOM   524  O  O   . THR A 1 64 ? -7.249  -8.753  -6.876  1.00 40.10 ? 76  THR A O   1 
ATOM   525  C  CB  . THR A 1 64 ? -6.313  -10.043 -4.263  1.00 37.73 ? 76  THR A CB  1 
ATOM   526  O  OG1 . THR A 1 64 ? -7.383  -10.920 -3.920  1.00 38.48 ? 76  THR A OG1 1 
ATOM   527  C  CG2 . THR A 1 64 ? -5.290  -10.020 -3.135  1.00 42.15 ? 76  THR A CG2 1 
ATOM   528  N  N   . GLY A 1 65 ? -9.071  -8.702  -5.562  1.00 37.66 ? 77  GLY A N   1 
ATOM   529  C  CA  . GLY A 1 65 ? -9.981  -9.121  -6.582  1.00 38.12 ? 77  GLY A CA  1 
ATOM   530  C  C   . GLY A 1 65 ? -9.916  -10.631 -6.643  1.00 41.28 ? 77  GLY A C   1 
ATOM   531  O  O   . GLY A 1 65 ? -9.025  -11.271 -6.034  1.00 39.81 ? 77  GLY A O   1 
ATOM   532  N  N   . GLU A 1 66 ? -10.859 -11.222 -7.365  1.00 40.60 ? 78  GLU A N   1 
ATOM   533  C  CA  . GLU A 1 66 ? -10.962 -12.672 -7.396  1.00 44.73 ? 78  GLU A CA  1 
ATOM   534  C  C   . GLU A 1 66 ? -9.843  -13.279 -8.191  1.00 41.58 ? 78  GLU A C   1 
ATOM   535  O  O   . GLU A 1 66 ? -9.410  -14.407 -7.915  1.00 40.45 ? 78  GLU A O   1 
ATOM   536  C  CB  . GLU A 1 66 ? -12.328 -13.103 -7.943  1.00 44.93 ? 78  GLU A CB  1 
ATOM   537  C  CG  . GLU A 1 66 ? -13.412 -12.954 -6.857  1.00 58.23 ? 78  GLU A CG  1 
ATOM   538  C  CD  . GLU A 1 66 ? -14.752 -13.586 -7.231  1.00 58.33 ? 78  GLU A CD  1 
ATOM   539  O  OE1 . GLU A 1 66 ? -14.984 -13.904 -8.435  1.00 71.82 ? 78  GLU A OE1 1 
ATOM   540  O  OE2 . GLU A 1 66 ? -15.570 -13.754 -6.299  1.00 78.22 ? 78  GLU A OE2 1 
ATOM   541  N  N   . ASP A 1 67 ? -9.387  -12.545 -9.204  1.00 38.85 ? 79  ASP A N   1 
ATOM   542  C  CA  . ASP A 1 67 ? -8.285  -12.996 -10.019 1.00 37.54 ? 79  ASP A CA  1 
ATOM   543  C  C   . ASP A 1 67 ? -6.933  -12.644 -9.375  1.00 39.24 ? 79  ASP A C   1 
ATOM   544  O  O   . ASP A 1 67 ? -6.328  -11.626 -9.690  1.00 36.39 ? 79  ASP A O   1 
ATOM   545  C  CB  . ASP A 1 67 ? -8.385  -12.397 -11.418 1.00 38.48 ? 79  ASP A CB  1 
ATOM   546  C  CG  . ASP A 1 67 ? -7.385  -12.997 -12.381 1.00 37.66 ? 79  ASP A CG  1 
ATOM   547  O  OD1 . ASP A 1 67 ? -6.505  -13.781 -11.935 1.00 42.05 ? 79  ASP A OD1 1 
ATOM   548  O  OD2 . ASP A 1 67 ? -7.475  -12.669 -13.584 1.00 50.49 ? 79  ASP A OD2 1 
ATOM   549  N  N   . VAL A 1 68 ? -6.455  -13.531 -8.505  1.00 39.33 ? 80  VAL A N   1 
ATOM   550  C  CA  . VAL A 1 68 ? -5.231  -13.306 -7.741  1.00 41.11 ? 80  VAL A CA  1 
ATOM   551  C  C   . VAL A 1 68 ? -4.011  -13.297 -8.657  1.00 40.41 ? 80  VAL A C   1 
ATOM   552  O  O   . VAL A 1 68 ? -3.083  -12.540 -8.434  1.00 41.45 ? 80  VAL A O   1 
ATOM   553  C  CB  . VAL A 1 68 ? -5.086  -14.349 -6.587  1.00 41.25 ? 80  VAL A CB  1 
ATOM   554  C  CG1 . VAL A 1 68 ? -3.752  -14.216 -5.848  1.00 43.53 ? 80  VAL A CG1 1 
ATOM   555  C  CG2 . VAL A 1 68 ? -6.239  -14.189 -5.634  1.00 40.67 ? 80  VAL A CG2 1 
ATOM   556  N  N   . ALA A 1 69 ? -4.012  -14.101 -9.718  1.00 40.51 ? 81  ALA A N   1 
ATOM   557  C  CA  . ALA A 1 69 ? -2.880  -14.086 -10.639 1.00 40.50 ? 81  ALA A CA  1 
ATOM   558  C  C   . ALA A 1 69 ? -2.721  -12.718 -11.283 1.00 39.21 ? 81  ALA A C   1 
ATOM   559  O  O   . ALA A 1 69 ? -1.617  -12.225 -11.431 1.00 41.09 ? 81  ALA A O   1 
ATOM   560  C  CB  . ALA A 1 69 ? -3.033  -15.170 -11.734 1.00 39.70 ? 81  ALA A CB  1 
ATOM   561  N  N   . SER A 1 70 ? -3.836  -12.090 -11.646 1.00 40.18 ? 82  SER A N   1 
ATOM   562  C  CA  . SER A 1 70 ? -3.773  -10.801 -12.279 1.00 41.37 ? 82  SER A CA  1 
ATOM   563  C  C   . SER A 1 70 ? -3.309  -9.721  -11.279 1.00 40.99 ? 82  SER A C   1 
ATOM   564  O  O   . SER A 1 70 ? -2.564  -8.820  -11.657 1.00 40.20 ? 82  SER A O   1 
ATOM   565  C  CB  . SER A 1 70 ? -5.108  -10.468 -12.923 1.00 41.20 ? 82  SER A CB  1 
ATOM   566  O  OG  . SER A 1 70 ? -5.106  -9.129  -13.302 1.00 48.13 ? 82  SER A OG  1 
ATOM   567  N  N   . PHE A 1 71 ? -3.719  -9.836  -10.022 1.00 37.49 ? 83  PHE A N   1 
ATOM   568  C  CA  . PHE A 1 71 ? -3.210  -8.993  -8.951  1.00 38.31 ? 83  PHE A CA  1 
ATOM   569  C  C   . PHE A 1 71 ? -1.676  -9.138  -8.796  1.00 39.79 ? 83  PHE A C   1 
ATOM   570  O  O   . PHE A 1 71 ? -0.942  -8.149  -8.800  1.00 36.57 ? 83  PHE A O   1 
ATOM   571  C  CB  . PHE A 1 71 ? -3.892  -9.350  -7.624  1.00 36.63 ? 83  PHE A CB  1 
ATOM   572  C  CG  . PHE A 1 71 ? -3.446  -8.512  -6.476  1.00 36.92 ? 83  PHE A CG  1 
ATOM   573  C  CD1 . PHE A 1 71 ? -3.905  -7.214  -6.337  1.00 37.90 ? 83  PHE A CD1 1 
ATOM   574  C  CD2 . PHE A 1 71 ? -2.528  -8.989  -5.559  1.00 37.36 ? 83  PHE A CD2 1 
ATOM   575  C  CE1 . PHE A 1 71 ? -3.468  -6.427  -5.269  1.00 37.22 ? 83  PHE A CE1 1 
ATOM   576  C  CE2 . PHE A 1 71 ? -2.084  -8.210  -4.499  1.00 40.88 ? 83  PHE A CE2 1 
ATOM   577  C  CZ  . PHE A 1 71 ? -2.551  -6.913  -4.366  1.00 37.03 ? 83  PHE A CZ  1 
ATOM   578  N  N   . ALA A 1 72 ? -1.214  -10.377 -8.675  1.00 38.42 ? 84  ALA A N   1 
ATOM   579  C  CA  . ALA A 1 72 ? 0.188   -10.650 -8.451  1.00 40.79 ? 84  ALA A CA  1 
ATOM   580  C  C   . ALA A 1 72 ? 0.977   -10.208 -9.668  1.00 43.78 ? 84  ALA A C   1 
ATOM   581  O  O   . ALA A 1 72 ? 2.047   -9.611  -9.538  1.00 44.84 ? 84  ALA A O   1 
ATOM   582  C  CB  . ALA A 1 72 ? 0.402   -12.112 -8.146  1.00 40.98 ? 84  ALA A CB  1 
ATOM   583  N  N   . ASP A 1 73 ? 0.372   -10.379 -10.834 1.00 42.68 ? 85  ASP A N   1 
ATOM   584  C  CA  . ASP A 1 73 ? 1.003   -10.069 -12.077 1.00 44.74 ? 85  ASP A CA  1 
ATOM   585  C  C   . ASP A 1 73 ? 1.218   -8.570  -12.134 1.00 45.16 ? 85  ASP A C   1 
ATOM   586  O  O   . ASP A 1 73 ? 2.280   -8.123  -12.528 1.00 44.55 ? 85  ASP A O   1 
ATOM   587  C  CB  . ASP A 1 73 ? 0.148   -10.565 -13.239 1.00 47.00 ? 85  ASP A CB  1 
ATOM   588  C  CG  . ASP A 1 73 ? 0.865   -10.532 -14.531 1.00 51.16 ? 85  ASP A CG  1 
ATOM   589  O  OD1 . ASP A 1 73 ? 1.964   -11.115 -14.604 1.00 63.99 ? 85  ASP A OD1 1 
ATOM   590  O  OD2 . ASP A 1 73 ? 0.327   -9.942  -15.479 1.00 60.07 ? 85  ASP A OD2 1 
ATOM   591  N  N   . GLU A 1 74 ? 0.238   -7.797  -11.693 1.00 44.46 ? 86  GLU A N   1 
ATOM   592  C  CA  . GLU A 1 74 ? 0.360   -6.346  -11.680 1.00 46.65 ? 86  GLU A CA  1 
ATOM   593  C  C   . GLU A 1 74 ? 1.265   -5.860  -10.548 1.00 51.30 ? 86  GLU A C   1 
ATOM   594  O  O   . GLU A 1 74 ? 1.747   -4.746  -10.553 1.00 56.43 ? 86  GLU A O   1 
ATOM   595  C  CB  . GLU A 1 74 ? -1.010  -5.711  -11.511 1.00 46.99 ? 86  GLU A CB  1 
ATOM   596  C  CG  . GLU A 1 74 ? -1.065  -4.281  -11.989 1.00 57.71 ? 86  GLU A CG  1 
ATOM   597  C  CD  . GLU A 1 74 ? -2.425  -3.653  -11.775 1.00 70.97 ? 86  GLU A CD  1 
ATOM   598  O  OE1 . GLU A 1 74 ? -3.416  -4.412  -11.632 1.00 76.65 ? 86  GLU A OE1 1 
ATOM   599  O  OE2 . GLU A 1 74 ? -2.493  -2.395  -11.739 1.00 77.80 ? 86  GLU A OE2 1 
ATOM   600  N  N   . LEU A 1 75 ? 1.442   -6.681  -9.544  1.00 51.32 ? 87  LEU A N   1 
ATOM   601  C  CA  . LEU A 1 75 ? 2.363   -6.401  -8.473  1.00 54.73 ? 87  LEU A CA  1 
ATOM   602  C  C   . LEU A 1 75 ? 3.809   -6.680  -8.974  1.00 54.91 ? 87  LEU A C   1 
ATOM   603  O  O   . LEU A 1 75 ? 4.676   -5.862  -8.810  1.00 53.32 ? 87  LEU A O   1 
ATOM   604  C  CB  . LEU A 1 75 ? 1.964   -7.284  -7.281  1.00 51.46 ? 87  LEU A CB  1 
ATOM   605  C  CG  . LEU A 1 75 ? 2.204   -6.876  -5.850  1.00 55.39 ? 87  LEU A CG  1 
ATOM   606  C  CD1 . LEU A 1 75 ? 1.614   -5.528  -5.477  1.00 49.75 ? 87  LEU A CD1 1 
ATOM   607  C  CD2 . LEU A 1 75 ? 1.642   -7.971  -4.975  1.00 51.76 ? 87  LEU A CD2 1 
ATOM   608  N  N   . VAL A 1 76 ? 4.063   -7.813  -9.618  1.00 59.51 ? 88  VAL A N   1 
ATOM   609  C  CA  . VAL A 1 76 ? 5.388   -8.042  -10.179 1.00 61.95 ? 88  VAL A CA  1 
ATOM   610  C  C   . VAL A 1 76 ? 5.713   -7.036  -11.273 1.00 64.08 ? 88  VAL A C   1 
ATOM   611  O  O   . VAL A 1 76 ? 6.875   -6.832  -11.551 1.00 64.76 ? 88  VAL A O   1 
ATOM   612  C  CB  . VAL A 1 76 ? 5.642   -9.507  -10.767 1.00 64.09 ? 88  VAL A CB  1 
ATOM   613  C  CG1 . VAL A 1 76 ? 5.061   -10.576 -9.893  1.00 64.73 ? 88  VAL A CG1 1 
ATOM   614  C  CG2 . VAL A 1 76 ? 5.153   -9.678  -12.223 1.00 68.73 ? 88  VAL A CG2 1 
ATOM   615  N  N   . ALA A 1 77 ? 4.708   -6.438  -11.916 1.00 66.21 ? 89  ALA A N   1 
ATOM   616  C  CA  . ALA A 1 77 ? 4.962   -5.483  -13.010 1.00 67.87 ? 89  ALA A CA  1 
ATOM   617  C  C   . ALA A 1 77 ? 5.289   -4.117  -12.442 1.00 68.05 ? 89  ALA A C   1 
ATOM   618  O  O   . ALA A 1 77 ? 6.238   -3.487  -12.856 1.00 67.41 ? 89  ALA A O   1 
ATOM   619  C  CB  . ALA A 1 77 ? 3.766   -5.405  -13.974 1.00 67.09 ? 89  ALA A CB  1 
ATOM   620  N  N   . ASN A 1 78 ? 4.505   -3.685  -11.467 1.00 71.08 ? 90  ASN A N   1 
ATOM   621  C  CA  . ASN A 1 78 ? 4.742   -2.418  -10.771 1.00 73.68 ? 90  ASN A CA  1 
ATOM   622  C  C   . ASN A 1 78 ? 5.866   -2.585  -9.744  1.00 75.57 ? 90  ASN A C   1 
ATOM   623  O  O   . ASN A 1 78 ? 6.210   -1.630  -9.039  1.00 76.80 ? 90  ASN A O   1 
ATOM   624  C  CB  . ASN A 1 78 ? 3.467   -1.919  -10.059 1.00 73.74 ? 90  ASN A CB  1 
ATOM   625  C  CG  . ASN A 1 78 ? 2.259   -1.769  -11.004 1.00 77.47 ? 90  ASN A CG  1 
ATOM   626  O  OD1 . ASN A 1 78 ? 1.229   -1.207  -10.628 1.00 80.25 ? 90  ASN A OD1 1 
ATOM   627  N  ND2 . ASN A 1 78 ? 2.385   -2.279  -12.225 1.00 76.33 ? 90  ASN A ND2 1 
ATOM   628  N  N   . ALA A 1 79 ? 6.414   -3.802  -9.634  1.00 75.10 ? 91  ALA A N   1 
ATOM   629  C  CA  . ALA A 1 79 ? 7.608   -4.033  -8.828  1.00 75.34 ? 91  ALA A CA  1 
ATOM   630  C  C   . ALA A 1 79 ? 8.718   -3.075  -9.281  1.00 76.25 ? 91  ALA A C   1 
ATOM   631  O  O   . ALA A 1 79 ? 9.324   -2.390  -8.456  1.00 75.22 ? 91  ALA A O   1 
ATOM   632  N  N   . LYS A 1 80 ? 8.937   -3.028  -10.600 1.00 75.72 ? 92  LYS A N   1 
ATOM   633  C  CA  . LYS A 1 80 ? 9.921   -2.145  -11.238 1.00 75.65 ? 92  LYS A CA  1 
ATOM   634  C  C   . LYS A 1 80 ? 9.769   -0.674  -10.822 1.00 74.89 ? 92  LYS A C   1 
ATOM   635  O  O   . LYS A 1 80 ? 10.709  -0.067  -10.293 1.00 73.75 ? 92  LYS A O   1 
ATOM   636  C  CB  . LYS A 1 80 ? 9.824   -2.275  -12.769 1.00 75.46 ? 92  LYS A CB  1 
ATOM   637  N  N   . THR A 1 81 ? 8.587   -0.110  -11.057 1.00 74.38 ? 93  THR A N   1 
ATOM   638  C  CA  . THR A 1 81 ? 8.332   1.288   -10.725 1.00 74.56 ? 93  THR A CA  1 
ATOM   639  C  C   . THR A 1 81 ? 8.445   1.561   -9.207  1.00 75.90 ? 93  THR A C   1 
ATOM   640  O  O   . THR A 1 81 ? 8.996   2.588   -8.811  1.00 75.82 ? 93  THR A O   1 
ATOM   641  C  CB  . THR A 1 81 ? 6.950   1.756   -11.257 1.00 73.63 ? 93  THR A CB  1 
ATOM   642  N  N   . TYR A 1 82 ? 7.958   0.639   -8.369  1.00 77.21 ? 94  TYR A N   1 
ATOM   643  C  CA  . TYR A 1 82 ? 7.892   0.846   -6.901  1.00 77.66 ? 94  TYR A CA  1 
ATOM   644  C  C   . TYR A 1 82 ? 9.221   0.611   -6.132  1.00 78.17 ? 94  TYR A C   1 
ATOM   645  O  O   . TYR A 1 82 ? 9.703   1.512   -5.444  1.00 79.04 ? 94  TYR A O   1 
ATOM   646  C  CB  . TYR A 1 82 ? 6.772   -0.016  -6.286  1.00 77.07 ? 94  TYR A CB  1 
ATOM   647  N  N   . VAL A 1 83 ? 9.793   -0.594  -6.234  1.00 78.24 ? 95  VAL A N   1 
ATOM   648  C  CA  . VAL A 1 83 ? 10.988  -0.971  -5.450  1.00 77.18 ? 95  VAL A CA  1 
ATOM   649  C  C   . VAL A 1 83 ? 12.284  -0.571  -6.163  1.00 76.92 ? 95  VAL A C   1 
ATOM   650  O  O   . VAL A 1 83 ? 12.807  -1.314  -6.993  1.00 76.30 ? 95  VAL A O   1 
ATOM   651  C  CB  . VAL A 1 83 ? 11.018  -2.494  -5.123  1.00 74.65 ? 95  VAL A CB  1 
ATOM   652  N  N   . GLU B 1 2  ? 18.642  0.114   2.230   1.00 60.67 ? 14  GLU B N   1 
ATOM   653  C  CA  . GLU B 1 2  ? 18.537  1.076   1.091   1.00 61.93 ? 14  GLU B CA  1 
ATOM   654  C  C   . GLU B 1 2  ? 17.105  1.223   0.556   1.00 61.23 ? 14  GLU B C   1 
ATOM   655  O  O   . GLU B 1 2  ? 16.707  2.317   0.145   1.00 63.22 ? 14  GLU B O   1 
ATOM   656  C  CB  . GLU B 1 2  ? 19.495  0.696   -0.048  1.00 62.54 ? 14  GLU B CB  1 
ATOM   657  C  CG  . GLU B 1 2  ? 19.129  -0.595  -0.793  1.00 67.04 ? 14  GLU B CG  1 
ATOM   658  C  CD  . GLU B 1 2  ? 19.390  -0.507  -2.279  1.00 71.25 ? 14  GLU B CD  1 
ATOM   659  O  OE1 . GLU B 1 2  ? 20.575  -0.431  -2.680  1.00 72.01 ? 14  GLU B OE1 1 
ATOM   660  O  OE2 . GLU B 1 2  ? 18.399  -0.521  -3.044  1.00 73.66 ? 14  GLU B OE2 1 
ATOM   661  N  N   . TYR B 1 3  ? 16.331  0.135   0.539   1.00 59.69 ? 15  TYR B N   1 
ATOM   662  C  CA  . TYR B 1 3  ? 14.902  0.256   0.215   1.00 57.12 ? 15  TYR B CA  1 
ATOM   663  C  C   . TYR B 1 3  ? 14.174  0.780   1.458   1.00 54.96 ? 15  TYR B C   1 
ATOM   664  O  O   . TYR B 1 3  ? 14.284  0.200   2.536   1.00 56.04 ? 15  TYR B O   1 
ATOM   665  C  CB  . TYR B 1 3  ? 14.280  -1.074  -0.242  1.00 55.37 ? 15  TYR B CB  1 
ATOM   666  C  CG  . TYR B 1 3  ? 12.810  -0.926  -0.430  1.00 48.40 ? 15  TYR B CG  1 
ATOM   667  C  CD1 . TYR B 1 3  ? 12.314  -0.237  -1.517  1.00 47.65 ? 15  TYR B CD1 1 
ATOM   668  C  CD2 . TYR B 1 3  ? 11.909  -1.418  0.513   1.00 46.37 ? 15  TYR B CD2 1 
ATOM   669  C  CE1 . TYR B 1 3  ? 10.950  -0.050  -1.683  1.00 51.97 ? 15  TYR B CE1 1 
ATOM   670  C  CE2 . TYR B 1 3  ? 10.534  -1.245  0.356   1.00 40.06 ? 15  TYR B CE2 1 
ATOM   671  C  CZ  . TYR B 1 3  ? 10.057  -0.563  -0.750  1.00 49.08 ? 15  TYR B CZ  1 
ATOM   672  O  OH  . TYR B 1 3  ? 8.701   -0.340  -0.918  1.00 47.12 ? 15  TYR B OH  1 
ATOM   673  N  N   . LYS B 1 4  ? 13.447  1.873   1.320   1.00 51.41 ? 16  LYS B N   1 
ATOM   674  C  CA  . LYS B 1 4  ? 12.719  2.380   2.451   1.00 50.47 ? 16  LYS B CA  1 
ATOM   675  C  C   . LYS B 1 4  ? 11.227  2.048   2.303   1.00 45.51 ? 16  LYS B C   1 
ATOM   676  O  O   . LYS B 1 4  ? 10.572  2.466   1.332   1.00 39.45 ? 16  LYS B O   1 
ATOM   677  C  CB  . LYS B 1 4  ? 12.957  3.880   2.617   1.00 51.07 ? 16  LYS B CB  1 
ATOM   678  C  CG  . LYS B 1 4  ? 12.815  4.354   4.078   1.00 56.58 ? 16  LYS B CG  1 
ATOM   679  C  CD  . LYS B 1 4  ? 13.539  5.684   4.352   1.00 55.98 ? 16  LYS B CD  1 
ATOM   680  C  CE  . LYS B 1 4  ? 13.346  6.129   5.800   1.00 60.93 ? 16  LYS B CE  1 
ATOM   681  N  NZ  . LYS B 1 4  ? 13.499  7.605   5.969   1.00 61.39 ? 16  LYS B NZ  1 
HETATM 682  N  N   . MSE B 1 5  ? 10.717  1.291   3.280   1.00 42.87 ? 17  MSE B N   1 
HETATM 683  C  CA  . MSE B 1 5  ? 9.318   0.872   3.303   1.00 43.33 ? 17  MSE B CA  1 
HETATM 684  C  C   . MSE B 1 5  ? 8.410   2.098   3.354   1.00 41.21 ? 17  MSE B C   1 
HETATM 685  O  O   . MSE B 1 5  ? 8.721   3.131   3.998   1.00 38.03 ? 17  MSE B O   1 
HETATM 686  C  CB  . MSE B 1 5  ? 8.993   0.011   4.527   1.00 43.18 ? 17  MSE B CB  1 
HETATM 687  C  CG  . MSE B 1 5  ? 9.795   -1.207  4.729   1.00 45.96 ? 17  MSE B CG  1 
HETATM 688  SE SE  . MSE B 1 5  ? 9.199   -2.687  3.721   0.70 45.01 ? 17  MSE B SE  1 
HETATM 689  C  CE  . MSE B 1 5  ? 7.358   -2.820  4.203   1.00 42.89 ? 17  MSE B CE  1 
HETATM 690  N  N   . MSE B 1 6  ? 7.277   1.980   2.693   1.00 39.47 ? 18  MSE B N   1 
HETATM 691  C  CA  A MSE B 1 6  ? 6.274   3.042   2.668   0.50 42.23 ? 18  MSE B CA  1 
HETATM 692  C  CA  B MSE B 1 6  ? 6.346   3.093   2.663   0.50 44.96 ? 18  MSE B CA  1 
HETATM 693  C  C   . MSE B 1 6  ? 5.975   3.606   4.049   1.00 44.10 ? 18  MSE B C   1 
HETATM 694  O  O   . MSE B 1 6  ? 5.869   4.809   4.237   1.00 42.02 ? 18  MSE B O   1 
HETATM 695  C  CB  A MSE B 1 6  ? 4.961   2.511   2.091   0.50 42.05 ? 18  MSE B CB  1 
HETATM 696  C  CB  B MSE B 1 6  ? 5.085   2.733   1.901   0.50 43.52 ? 18  MSE B CB  1 
HETATM 697  C  CG  A MSE B 1 6  ? 3.814   3.509   2.085   0.50 45.49 ? 18  MSE B CG  1 
HETATM 698  C  CG  B MSE B 1 6  ? 5.325   2.583   0.419   0.50 49.23 ? 18  MSE B CG  1 
HETATM 699  SE SE  A MSE B 1 6  ? 4.361   5.115   1.169   0.35 49.78 ? 18  MSE B SE  1 
HETATM 700  SE SE  B MSE B 1 6  ? 3.674   2.714   -0.554  0.35 56.31 ? 18  MSE B SE  1 
HETATM 701  C  CE  A MSE B 1 6  ? 5.143   4.374   -0.463  0.50 49.10 ? 18  MSE B CE  1 
HETATM 702  C  CE  B MSE B 1 6  ? 3.094   0.849   -0.510  0.50 54.52 ? 18  MSE B CE  1 
HETATM 703  N  N   . MSE B 1 7  ? 5.769   2.720   5.014   1.00 44.01 ? 19  MSE B N   1 
HETATM 704  C  CA  . MSE B 1 7  ? 5.349   3.204   6.342   1.00 44.40 ? 19  MSE B CA  1 
HETATM 705  C  C   . MSE B 1 7  ? 6.510   3.855   7.115   1.00 38.66 ? 19  MSE B C   1 
HETATM 706  O  O   . MSE B 1 7  ? 6.292   4.758   7.901   1.00 39.35 ? 19  MSE B O   1 
HETATM 707  C  CB  . MSE B 1 7  ? 4.606   2.102   7.104   1.00 47.99 ? 19  MSE B CB  1 
HETATM 708  C  CG  . MSE B 1 7  ? 3.255   1.713   6.370   1.00 52.68 ? 19  MSE B CG  1 
HETATM 709  SE SE  . MSE B 1 7  ? 1.977   3.250   6.077   0.70 54.65 ? 19  MSE B SE  1 
HETATM 710  C  CE  . MSE B 1 7  ? 1.757   3.909   7.999   1.00 72.36 ? 19  MSE B CE  1 
ATOM   711  N  N   . ALA B 1 8  ? 7.740   3.457   6.806   1.00 37.49 ? 20  ALA B N   1 
ATOM   712  C  CA  . ALA B 1 8  ? 8.927   4.173   7.244   1.00 35.31 ? 20  ALA B CA  1 
ATOM   713  C  C   . ALA B 1 8  ? 9.073   5.562   6.633   1.00 37.27 ? 20  ALA B C   1 
ATOM   714  O  O   . ALA B 1 8  ? 9.551   6.494   7.297   1.00 35.94 ? 20  ALA B O   1 
ATOM   715  C  CB  . ALA B 1 8  ? 10.162  3.362   6.907   1.00 38.34 ? 20  ALA B CB  1 
ATOM   716  N  N   . ARG B 1 9  ? 8.687   5.707   5.364   1.00 33.20 ? 21  ARG B N   1 
ATOM   717  C  CA  . ARG B 1 9  ? 8.722   7.007   4.705   1.00 35.89 ? 21  ARG B CA  1 
ATOM   718  C  C   . ARG B 1 9  ? 7.668   7.914   5.279   1.00 37.35 ? 21  ARG B C   1 
ATOM   719  O  O   . ARG B 1 9  ? 7.926   9.103   5.516   1.00 39.09 ? 21  ARG B O   1 
ATOM   720  C  CB  . ARG B 1 9  ? 8.558   6.870   3.212   1.00 32.57 ? 21  ARG B CB  1 
ATOM   721  C  CG  . ARG B 1 9  ? 9.751   6.174   2.602   1.00 38.48 ? 21  ARG B CG  1 
ATOM   722  C  CD  . ARG B 1 9  ? 9.481   5.781   1.177   1.00 42.38 ? 21  ARG B CD  1 
ATOM   723  N  NE  . ARG B 1 9  ? 9.420   6.942   0.295   1.00 44.90 ? 21  ARG B NE  1 
ATOM   724  C  CZ  . ARG B 1 9  ? 8.906   6.925   -0.941  1.00 61.94 ? 21  ARG B CZ  1 
ATOM   725  N  NH1 . ARG B 1 9  ? 8.397   5.804   -1.471  1.00 58.88 ? 21  ARG B NH1 1 
ATOM   726  N  NH2 . ARG B 1 9  ? 8.893   8.038   -1.670  1.00 56.74 ? 21  ARG B NH2 1 
ATOM   727  N  N   . VAL B 1 10 ? 6.510   7.347   5.562   1.00 34.84 ? 22  VAL B N   1 
ATOM   728  C  CA  . VAL B 1 10 ? 5.467   8.080   6.238   1.00 37.93 ? 22  VAL B CA  1 
ATOM   729  C  C   . VAL B 1 10 ? 5.895   8.545   7.640   1.00 39.70 ? 22  VAL B C   1 
ATOM   730  O  O   . VAL B 1 10 ? 5.634   9.701   8.040   1.00 39.27 ? 22  VAL B O   1 
ATOM   731  C  CB  . VAL B 1 10 ? 4.172   7.275   6.285   1.00 40.90 ? 22  VAL B CB  1 
ATOM   732  C  CG1 . VAL B 1 10 ? 3.123   7.967   7.180   1.00 38.83 ? 22  VAL B CG1 1 
ATOM   733  C  CG2 . VAL B 1 10 ? 3.638   7.086   4.872   1.00 42.58 ? 22  VAL B CG2 1 
ATOM   734  N  N   . ALA B 1 11 ? 6.592   7.666   8.350   1.00 41.80 ? 23  ALA B N   1 
ATOM   735  C  CA  . ALA B 1 11 ? 7.083   7.965   9.714   1.00 40.89 ? 23  ALA B CA  1 
ATOM   736  C  C   . ALA B 1 11 ? 8.166   9.037   9.692   1.00 40.38 ? 23  ALA B C   1 
ATOM   737  O  O   . ALA B 1 11 ? 8.401   9.660   10.685  1.00 39.61 ? 23  ALA B O   1 
ATOM   738  C  CB  . ALA B 1 11 ? 7.612   6.699   10.386  1.00 39.58 ? 23  ALA B CB  1 
ATOM   739  N  N   . ALA B 1 12 ? 8.811   9.269   8.553   1.00 39.96 ? 24  ALA B N   1 
ATOM   740  C  CA  . ALA B 1 12 ? 9.797   10.323  8.478   1.00 38.14 ? 24  ALA B CA  1 
ATOM   741  C  C   . ALA B 1 12 ? 9.180   11.684  8.178   1.00 38.47 ? 24  ALA B C   1 
ATOM   742  O  O   . ALA B 1 12 ? 9.857   12.692  8.284   1.00 38.73 ? 24  ALA B O   1 
ATOM   743  C  CB  . ALA B 1 12 ? 10.848  9.990   7.481   1.00 39.66 ? 24  ALA B CB  1 
ATOM   744  N  N   . LEU B 1 13 ? 7.900   11.725  7.852   1.00 38.11 ? 25  LEU B N   1 
ATOM   745  C  CA  . LEU B 1 13 ? 7.239   12.988  7.572   1.00 38.16 ? 25  LEU B CA  1 
ATOM   746  C  C   . LEU B 1 13 ? 6.925   13.773  8.851   1.00 37.56 ? 25  LEU B C   1 
ATOM   747  O  O   . LEU B 1 13 ? 6.765   13.184  9.921   1.00 36.84 ? 25  LEU B O   1 
ATOM   748  C  CB  . LEU B 1 13 ? 5.905   12.742  6.842   1.00 38.93 ? 25  LEU B CB  1 
ATOM   749  C  CG  . LEU B 1 13 ? 5.917   12.082  5.481   1.00 36.96 ? 25  LEU B CG  1 
ATOM   750  C  CD1 . LEU B 1 13 ? 4.501   11.761  5.050   1.00 38.09 ? 25  LEU B CD1 1 
ATOM   751  C  CD2 . LEU B 1 13 ? 6.608   12.982  4.464   1.00 40.35 ? 25  LEU B CD2 1 
ATOM   752  N  N   . PRO B 1 14 ? 6.733   15.094  8.722   1.00 36.15 ? 26  PRO B N   1 
ATOM   753  C  CA  . PRO B 1 14 ? 6.216   15.815  9.871   1.00 38.34 ? 26  PRO B CA  1 
ATOM   754  C  C   . PRO B 1 14 ? 4.898   15.225  10.365  1.00 39.42 ? 26  PRO B C   1 
ATOM   755  O  O   . PRO B 1 14 ? 4.090   14.668  9.584   1.00 34.76 ? 26  PRO B O   1 
ATOM   756  C  CB  . PRO B 1 14 ? 6.005   17.242  9.332   1.00 38.13 ? 26  PRO B CB  1 
ATOM   757  C  CG  . PRO B 1 14 ? 6.972   17.357  8.189   1.00 38.15 ? 26  PRO B CG  1 
ATOM   758  C  CD  . PRO B 1 14 ? 6.952   15.976  7.567   1.00 37.27 ? 26  PRO B CD  1 
ATOM   759  N  N   . GLU B 1 15 ? 4.655   15.407  11.649  1.00 39.19 ? 27  GLU B N   1 
ATOM   760  C  CA  . GLU B 1 15 ? 3.477   14.876  12.299  1.00 41.72 ? 27  GLU B CA  1 
ATOM   761  C  C   . GLU B 1 15 ? 2.146   15.313  11.644  1.00 41.22 ? 27  GLU B C   1 
ATOM   762  O  O   . GLU B 1 15 ? 1.243   14.482  11.616  1.00 39.39 ? 27  GLU B O   1 
ATOM   763  C  CB  . GLU B 1 15 ? 3.475   15.173  13.806  1.00 44.61 ? 27  GLU B CB  1 
ATOM   764  C  CG  . GLU B 1 15 ? 2.813   14.061  14.638  1.00 55.74 ? 27  GLU B CG  1 
ATOM   765  N  N   . ASP B 1 16 ? 2.014   16.553  11.137  1.00 40.66 ? 28  ASP B N   1 
ATOM   766  C  CA  A ASP B 1 16 ? 0.789   17.017  10.426  0.50 40.80 ? 28  ASP B CA  1 
ATOM   767  C  CA  B ASP B 1 16 ? 0.763   16.931  10.502  0.50 42.17 ? 28  ASP B CA  1 
ATOM   768  C  C   . ASP B 1 16 ? 0.564   16.158  9.173   1.00 41.78 ? 28  ASP B C   1 
ATOM   769  O  O   . ASP B 1 16 ? -0.558  15.750  8.846   1.00 39.93 ? 28  ASP B O   1 
ATOM   770  C  CB  A ASP B 1 16 ? 0.709   18.583  10.120  0.50 39.68 ? 28  ASP B CB  1 
ATOM   771  C  CB  B ASP B 1 16 ? 0.685   18.446  10.331  0.50 43.04 ? 28  ASP B CB  1 
ATOM   772  C  CG  A ASP B 1 16 ? 1.806   19.149  9.126   0.50 42.65 ? 28  ASP B CG  1 
ATOM   773  C  CG  B ASP B 1 16 ? 0.483   19.182  11.678  0.50 52.79 ? 28  ASP B CG  1 
ATOM   774  O  OD1 A ASP B 1 16 ? 2.928   18.632  9.174   0.50 40.40 ? 28  ASP B OD1 1 
ATOM   775  O  OD1 B ASP B 1 16 ? -0.015  18.571  12.664  0.50 56.67 ? 28  ASP B OD1 1 
ATOM   776  O  OD2 A ASP B 1 16 ? 1.579   20.170  8.330   0.50 27.75 ? 28  ASP B OD2 1 
ATOM   777  O  OD2 B ASP B 1 16 ? 0.810   20.386  11.745  0.50 63.05 ? 28  ASP B OD2 1 
ATOM   778  N  N   . TYR B 1 17 ? 1.640   15.901  8.455   1.00 41.87 ? 29  TYR B N   1 
ATOM   779  C  CA  . TYR B 1 17 ? 1.557   15.110  7.237   1.00 41.07 ? 29  TYR B CA  1 
ATOM   780  C  C   . TYR B 1 17 ? 1.174   13.664  7.587   1.00 41.55 ? 29  TYR B C   1 
ATOM   781  O  O   . TYR B 1 17 ? 0.373   13.031  6.887   1.00 39.85 ? 29  TYR B O   1 
ATOM   782  C  CB  . TYR B 1 17 ? 2.894   15.125  6.505   1.00 39.06 ? 29  TYR B CB  1 
ATOM   783  C  CG  . TYR B 1 17 ? 3.096   16.341  5.646   1.00 40.04 ? 29  TYR B CG  1 
ATOM   784  C  CD1 . TYR B 1 17 ? 3.702   17.503  6.150   1.00 38.75 ? 29  TYR B CD1 1 
ATOM   785  C  CD2 . TYR B 1 17 ? 2.695   16.339  4.312   1.00 42.46 ? 29  TYR B CD2 1 
ATOM   786  C  CE1 . TYR B 1 17 ? 3.889   18.647  5.318   1.00 33.51 ? 29  TYR B CE1 1 
ATOM   787  C  CE2 . TYR B 1 17 ? 2.875   17.441  3.501   1.00 44.44 ? 29  TYR B CE2 1 
ATOM   788  C  CZ  . TYR B 1 17 ? 3.481   18.594  4.002   1.00 39.63 ? 29  TYR B CZ  1 
ATOM   789  O  OH  . TYR B 1 17 ? 3.649   19.666  3.154   1.00 40.47 ? 29  TYR B OH  1 
ATOM   790  N  N   . GLN B 1 18 ? 1.770   13.129  8.650   1.00 39.26 ? 30  GLN B N   1 
ATOM   791  C  CA  . GLN B 1 18 ? 1.443   11.776  9.095   1.00 37.13 ? 30  GLN B CA  1 
ATOM   792  C  C   . GLN B 1 18 ? -0.031  11.647  9.441   1.00 39.95 ? 30  GLN B C   1 
ATOM   793  O  O   . GLN B 1 18 ? -0.702  10.684  9.067   1.00 41.39 ? 30  GLN B O   1 
ATOM   794  C  CB  . GLN B 1 18 ? 2.280   11.372  10.306  1.00 38.31 ? 30  GLN B CB  1 
ATOM   795  C  CG  . GLN B 1 18 ? 3.734   11.206  9.973   1.00 38.36 ? 30  GLN B CG  1 
ATOM   796  C  CD  . GLN B 1 18 ? 4.500   10.635  11.097  1.00 36.74 ? 30  GLN B CD  1 
ATOM   797  O  OE1 . GLN B 1 18 ? 4.070   9.666   11.688  1.00 46.95 ? 30  GLN B OE1 1 
ATOM   798  N  NE2 . GLN B 1 18 ? 5.658   11.225  11.410  1.00 37.27 ? 30  GLN B NE2 1 
ATOM   799  N  N   . PHE B 1 19 ? -0.543  12.614  10.184  1.00 39.46 ? 31  PHE B N   1 
ATOM   800  C  CA  . PHE B 1 19 ? -1.924  12.567  10.602  1.00 40.74 ? 31  PHE B CA  1 
ATOM   801  C  C   . PHE B 1 19 ? -2.854  12.544  9.368   1.00 42.28 ? 31  PHE B C   1 
ATOM   802  O  O   . PHE B 1 19 ? -3.845  11.817  9.340   1.00 42.03 ? 31  PHE B O   1 
ATOM   803  C  CB  . PHE B 1 19 ? -2.194  13.761  11.516  1.00 43.13 ? 31  PHE B CB  1 
ATOM   804  C  CG  . PHE B 1 19 ? -3.619  13.886  11.939  1.00 50.58 ? 31  PHE B CG  1 
ATOM   805  C  CD1 . PHE B 1 19 ? -4.091  13.180  13.038  1.00 49.83 ? 31  PHE B CD1 1 
ATOM   806  C  CD2 . PHE B 1 19 ? -4.499  14.704  11.233  1.00 53.83 ? 31  PHE B CD2 1 
ATOM   807  C  CE1 . PHE B 1 19 ? -5.407  13.297  13.423  1.00 58.16 ? 31  PHE B CE1 1 
ATOM   808  C  CE2 . PHE B 1 19 ? -5.827  14.818  11.610  1.00 57.63 ? 31  PHE B CE2 1 
ATOM   809  C  CZ  . PHE B 1 19 ? -6.282  14.122  12.709  1.00 56.72 ? 31  PHE B CZ  1 
ATOM   810  N  N   . VAL B 1 20 ? -2.528  13.325  8.344   1.00 40.52 ? 32  VAL B N   1 
ATOM   811  C  CA  . VAL B 1 20 ? -3.392  13.442  7.171   1.00 38.45 ? 32  VAL B CA  1 
ATOM   812  C  C   . VAL B 1 20 ? -3.266  12.187  6.299   1.00 39.53 ? 32  VAL B C   1 
ATOM   813  O  O   . VAL B 1 20 ? -4.261  11.675  5.797   1.00 39.41 ? 32  VAL B O   1 
ATOM   814  C  CB  . VAL B 1 20 ? -3.130  14.761  6.389   1.00 35.67 ? 32  VAL B CB  1 
ATOM   815  C  CG1 . VAL B 1 20 ? -3.792  14.764  5.054   1.00 38.33 ? 32  VAL B CG1 1 
ATOM   816  C  CG2 . VAL B 1 20 ? -3.606  15.962  7.220   1.00 38.46 ? 32  VAL B CG2 1 
ATOM   817  N  N   . PHE B 1 21 ? -2.055  11.689  6.135   1.00 38.62 ? 33  PHE B N   1 
ATOM   818  C  CA  . PHE B 1 21 ? -1.826  10.442  5.418   1.00 41.13 ? 33  PHE B CA  1 
ATOM   819  C  C   . PHE B 1 21 ? -2.686  9.274   5.987   1.00 40.30 ? 33  PHE B C   1 
ATOM   820  O  O   . PHE B 1 21 ? -3.350  8.574   5.234   1.00 40.53 ? 33  PHE B O   1 
ATOM   821  C  CB  . PHE B 1 21 ? -0.339  10.081  5.431   1.00 38.75 ? 33  PHE B CB  1 
ATOM   822  C  CG  . PHE B 1 21 ? 0.047   9.059   4.421   1.00 40.00 ? 33  PHE B CG  1 
ATOM   823  C  CD1 . PHE B 1 21 ? -0.154  7.696   4.664   1.00 40.78 ? 33  PHE B CD1 1 
ATOM   824  C  CD2 . PHE B 1 21 ? 0.626   9.434   3.239   1.00 41.65 ? 33  PHE B CD2 1 
ATOM   825  C  CE1 . PHE B 1 21 ? 0.228   6.736   3.731   1.00 40.28 ? 33  PHE B CE1 1 
ATOM   826  C  CE2 . PHE B 1 21 ? 1.007   8.484   2.308   1.00 42.31 ? 33  PHE B CE2 1 
ATOM   827  C  CZ  . PHE B 1 21 ? 0.809   7.138   2.543   1.00 44.11 ? 33  PHE B CZ  1 
ATOM   828  N  N   . LYS B 1 22 ? -2.696  9.117   7.300   1.00 38.44 ? 34  LYS B N   1 
ATOM   829  C  CA  . LYS B 1 22 ? -3.437  8.073   7.958   1.00 39.66 ? 34  LYS B CA  1 
ATOM   830  C  C   . LYS B 1 22 ? -4.933  8.302   7.859   1.00 41.14 ? 34  LYS B C   1 
ATOM   831  O  O   . LYS B 1 22 ? -5.674  7.354   7.750   1.00 37.63 ? 34  LYS B O   1 
ATOM   832  C  CB  . LYS B 1 22 ? -3.024  7.899   9.438   1.00 39.00 ? 34  LYS B CB  1 
ATOM   833  C  CG  . LYS B 1 22 ? -1.477  7.617   9.596   1.00 46.98 ? 34  LYS B CG  1 
ATOM   834  N  N   . LYS B 1 23 ? -5.374  9.552   7.909   1.00 40.03 ? 35  LYS B N   1 
ATOM   835  C  CA  . LYS B 1 23 ? -6.777  9.860   7.741   1.00 41.24 ? 35  LYS B CA  1 
ATOM   836  C  C   . LYS B 1 23 ? -7.237  9.469   6.311   1.00 40.61 ? 35  LYS B C   1 
ATOM   837  O  O   . LYS B 1 23 ? -8.341  8.995   6.117   1.00 38.05 ? 35  LYS B O   1 
ATOM   838  C  CB  . LYS B 1 23 ? -6.980  11.345  8.027   1.00 42.57 ? 35  LYS B CB  1 
ATOM   839  C  CG  . LYS B 1 23 ? -8.361  11.900  7.841   1.00 53.01 ? 35  LYS B CG  1 
ATOM   840  C  CD  . LYS B 1 23 ? -8.548  13.317  8.476   1.00 52.21 ? 35  LYS B CD  1 
ATOM   841  N  N   . ILE B 1 24 ? -6.382  9.690   5.320   1.00 39.00 ? 36  ILE B N   1 
ATOM   842  C  CA  . ILE B 1 24 ? -6.676  9.301   3.946   1.00 38.85 ? 36  ILE B CA  1 
ATOM   843  C  C   . ILE B 1 24 ? -6.731  7.778   3.802   1.00 38.02 ? 36  ILE B C   1 
ATOM   844  O  O   . ILE B 1 24 ? -7.635  7.280   3.177   1.00 37.70 ? 36  ILE B O   1 
ATOM   845  C  CB  . ILE B 1 24 ? -5.655  9.920   2.965   1.00 37.15 ? 36  ILE B CB  1 
ATOM   846  C  CG1 . ILE B 1 24 ? -5.895  11.436  2.923   1.00 41.45 ? 36  ILE B CG1 1 
ATOM   847  C  CG2 . ILE B 1 24 ? -5.811  9.336   1.593   1.00 40.51 ? 36  ILE B CG2 1 
ATOM   848  C  CD1 . ILE B 1 24 ? -4.833  12.183  2.180   1.00 40.76 ? 36  ILE B CD1 1 
ATOM   849  N  N   . GLN B 1 25 ? -5.791  7.052   4.409   1.00 35.37 ? 37  GLN B N   1 
ATOM   850  C  CA  . GLN B 1 25 ? -5.808  5.579   4.371   1.00 36.59 ? 37  GLN B CA  1 
ATOM   851  C  C   . GLN B 1 25 ? -7.073  5.030   5.022   1.00 37.54 ? 37  GLN B C   1 
ATOM   852  O  O   . GLN B 1 25 ? -7.663  4.088   4.518   1.00 35.06 ? 37  GLN B O   1 
ATOM   853  C  CB  . GLN B 1 25 ? -4.621  5.009   5.117   1.00 36.41 ? 37  GLN B CB  1 
ATOM   854  C  CG  . GLN B 1 25 ? -3.250  5.267   4.482   1.00 37.15 ? 37  GLN B CG  1 
ATOM   855  C  CD  . GLN B 1 25 ? -2.147  4.779   5.411   1.00 41.23 ? 37  GLN B CD  1 
ATOM   856  O  OE1 . GLN B 1 25 ? -2.106  5.169   6.573   1.00 44.61 ? 37  GLN B OE1 1 
ATOM   857  N  NE2 . GLN B 1 25 ? -1.305  3.868   4.929   1.00 42.46 ? 37  GLN B NE2 1 
ATOM   858  N  N   . ASN B 1 26 ? -7.468  5.602   6.161   1.00 38.21 ? 38  ASN B N   1 
ATOM   859  C  CA  . ASN B 1 26 ? -8.707  5.204   6.820   1.00 39.18 ? 38  ASN B CA  1 
ATOM   860  C  C   . ASN B 1 26 ? -9.945  5.420   5.956   1.00 37.09 ? 38  ASN B C   1 
ATOM   861  O  O   . ASN B 1 26 ? -10.814 4.544   5.839   1.00 35.59 ? 38  ASN B O   1 
ATOM   862  C  CB  . ASN B 1 26 ? -8.906  5.988   8.108   1.00 42.69 ? 38  ASN B CB  1 
ATOM   863  C  CG  . ASN B 1 26 ? -10.078 5.492   8.874   1.00 49.65 ? 38  ASN B CG  1 
ATOM   864  O  OD1 . ASN B 1 26 ? -11.178 6.058   8.758   1.00 51.04 ? 38  ASN B OD1 1 
ATOM   865  N  ND2 . ASN B 1 26 ? -9.897  4.358   9.589   1.00 49.91 ? 38  ASN B ND2 1 
ATOM   866  N  N   . TYR B 1 27 ? -9.990  6.576   5.318   1.00 34.91 ? 39  TYR B N   1 
ATOM   867  C  CA  . TYR B 1 27 ? -11.028 6.855   4.359   1.00 35.29 ? 39  TYR B CA  1 
ATOM   868  C  C   . TYR B 1 27 ? -11.064 5.826   3.209   1.00 37.60 ? 39  TYR B C   1 
ATOM   869  O  O   . TYR B 1 27 ? -12.155 5.362   2.819   1.00 33.50 ? 39  TYR B O   1 
ATOM   870  C  CB  . TYR B 1 27 ? -10.916 8.291   3.851   1.00 34.17 ? 39  TYR B CB  1 
ATOM   871  C  CG  . TYR B 1 27 ? -12.030 8.620   2.902   1.00 37.92 ? 39  TYR B CG  1 
ATOM   872  C  CD1 . TYR B 1 27 ? -11.942 8.294   1.559   1.00 38.16 ? 39  TYR B CD1 1 
ATOM   873  C  CD2 . TYR B 1 27 ? -13.197 9.200   3.360   1.00 36.36 ? 39  TYR B CD2 1 
ATOM   874  C  CE1 . TYR B 1 27 ? -13.001 8.547   0.676   1.00 41.30 ? 39  TYR B CE1 1 
ATOM   875  C  CE2 . TYR B 1 27 ? -14.260 9.448   2.497   1.00 39.51 ? 39  TYR B CE2 1 
ATOM   876  C  CZ  . TYR B 1 27 ? -14.151 9.126   1.154   1.00 42.34 ? 39  TYR B CZ  1 
ATOM   877  O  OH  . TYR B 1 27 ? -15.200 9.381   0.291   1.00 41.88 ? 39  TYR B OH  1 
HETATM 878  N  N   . MSE B 1 28 ? -9.913  5.493   2.624   1.00 35.83 ? 40  MSE B N   1 
HETATM 879  C  CA  . MSE B 1 28 ? -9.892  4.524   1.534   1.00 39.23 ? 40  MSE B CA  1 
HETATM 880  C  C   . MSE B 1 28 ? -10.385 3.173   1.971   1.00 35.18 ? 40  MSE B C   1 
HETATM 881  O  O   . MSE B 1 28 ? -11.117 2.565   1.260   1.00 35.99 ? 40  MSE B O   1 
HETATM 882  C  CB  . MSE B 1 28 ? -8.483  4.361   0.957   1.00 38.05 ? 40  MSE B CB  1 
HETATM 883  C  CG  . MSE B 1 28 ? -8.091  5.583   0.214   1.00 46.30 ? 40  MSE B CG  1 
HETATM 884  SE SE  . MSE B 1 28 ? -6.489  5.293   -0.892  0.70 52.42 ? 40  MSE B SE  1 
HETATM 885  C  CE  . MSE B 1 28 ? -5.633  4.020   0.287   1.00 30.27 ? 40  MSE B CE  1 
ATOM   886  N  N   . TRP B 1 29 ? -9.963  2.699   3.129   1.00 33.25 ? 41  TRP B N   1 
ATOM   887  C  CA  . TRP B 1 29 ? -10.362 1.385   3.602   1.00 32.68 ? 41  TRP B CA  1 
ATOM   888  C  C   . TRP B 1 29 ? -11.876 1.262   3.880   1.00 35.74 ? 41  TRP B C   1 
ATOM   889  O  O   . TRP B 1 29 ? -12.462 0.210   3.689   1.00 34.83 ? 41  TRP B O   1 
ATOM   890  C  CB  . TRP B 1 29 ? -9.607  1.012   4.892   1.00 31.70 ? 41  TRP B CB  1 
ATOM   891  C  CG  . TRP B 1 29 ? -8.228  0.484   4.700   1.00 38.06 ? 41  TRP B CG  1 
ATOM   892  C  CD1 . TRP B 1 29 ? -7.075  1.039   5.165   1.00 40.68 ? 41  TRP B CD1 1 
ATOM   893  C  CD2 . TRP B 1 29 ? -7.834  -0.704  3.972   1.00 38.76 ? 41  TRP B CD2 1 
ATOM   894  N  NE1 . TRP B 1 29 ? -5.998  0.264   4.805   1.00 39.93 ? 41  TRP B NE1 1 
ATOM   895  C  CE2 . TRP B 1 29 ? -6.429  -0.808  4.073   1.00 41.40 ? 41  TRP B CE2 1 
ATOM   896  C  CE3 . TRP B 1 29 ? -8.526  -1.689  3.278   1.00 40.95 ? 41  TRP B CE3 1 
ATOM   897  C  CZ2 . TRP B 1 29 ? -5.708  -1.867  3.505   1.00 38.06 ? 41  TRP B CZ2 1 
ATOM   898  C  CZ3 . TRP B 1 29 ? -7.808  -2.743  2.692   1.00 37.92 ? 41  TRP B CZ3 1 
ATOM   899  C  CH2 . TRP B 1 29 ? -6.410  -2.815  2.812   1.00 38.54 ? 41  TRP B CH2 1 
ATOM   900  N  N   . ASN B 1 30 ? -12.475 2.339   4.353   1.00 34.27 ? 42  ASN B N   1 
ATOM   901  C  CA  . ASN B 1 30 ? -13.819 2.309   4.910   1.00 34.32 ? 42  ASN B CA  1 
ATOM   902  C  C   . ASN B 1 30 ? -14.859 2.849   3.945   1.00 34.44 ? 42  ASN B C   1 
ATOM   903  O  O   . ASN B 1 30 ? -15.960 2.303   3.865   1.00 35.56 ? 42  ASN B O   1 
ATOM   904  C  CB  . ASN B 1 30 ? -13.844 3.084   6.220   1.00 36.03 ? 42  ASN B CB  1 
ATOM   905  C  CG  . ASN B 1 30 ? -13.240 2.277   7.362   1.00 36.66 ? 42  ASN B CG  1 
ATOM   906  O  OD1 . ASN B 1 30 ? -13.868 1.350   7.849   1.00 43.00 ? 42  ASN B OD1 1 
ATOM   907  N  ND2 . ASN B 1 30 ? -11.992 2.595   7.755   1.00 42.32 ? 42  ASN B ND2 1 
ATOM   908  N  N   . PHE B 1 31 ? -14.521 3.896   3.195   1.00 32.60 ? 43  PHE B N   1 
ATOM   909  C  CA  . PHE B 1 31 ? -15.527 4.601   2.406   1.00 34.91 ? 43  PHE B CA  1 
ATOM   910  C  C   . PHE B 1 31 ? -15.286 4.688   0.905   1.00 36.07 ? 43  PHE B C   1 
ATOM   911  O  O   . PHE B 1 31 ? -15.970 5.463   0.237   1.00 39.02 ? 43  PHE B O   1 
ATOM   912  C  CB  . PHE B 1 31 ? -15.688 6.002   2.950   1.00 35.12 ? 43  PHE B CB  1 
ATOM   913  C  CG  . PHE B 1 31 ? -15.952 6.055   4.434   1.00 38.25 ? 43  PHE B CG  1 
ATOM   914  C  CD1 . PHE B 1 31 ? -17.103 5.527   4.961   1.00 35.84 ? 43  PHE B CD1 1 
ATOM   915  C  CD2 . PHE B 1 31 ? -15.051 6.671   5.301   1.00 37.29 ? 43  PHE B CD2 1 
ATOM   916  C  CE1 . PHE B 1 31 ? -17.350 5.585   6.328   1.00 36.90 ? 43  PHE B CE1 1 
ATOM   917  C  CE2 . PHE B 1 31 ? -15.272 6.715   6.662   1.00 41.18 ? 43  PHE B CE2 1 
ATOM   918  C  CZ  . PHE B 1 31 ? -16.454 6.187   7.185   1.00 39.29 ? 43  PHE B CZ  1 
ATOM   919  N  N   . SER B 1 32 ? -14.311 3.957   0.366   1.00 36.88 ? 44  SER B N   1 
ATOM   920  C  CA  . SER B 1 32 ? -13.989 4.003   -1.064  1.00 36.49 ? 44  SER B CA  1 
ATOM   921  C  C   . SER B 1 32 ? -14.221 2.643   -1.691  1.00 37.45 ? 44  SER B C   1 
ATOM   922  O  O   . SER B 1 32 ? -14.351 1.636   -0.983  1.00 37.79 ? 44  SER B O   1 
ATOM   923  C  CB  . SER B 1 32 ? -12.535 4.399   -1.314  1.00 37.45 ? 44  SER B CB  1 
ATOM   924  O  OG  . SER B 1 32 ? -11.674 3.269   -1.191  1.00 36.48 ? 44  SER B OG  1 
ATOM   925  N  N   . ALA B 1 33 ? -14.295 2.639   -3.026  1.00 36.81 ? 45  ALA B N   1 
ATOM   926  C  CA  . ALA B 1 33 ? -14.377 1.416   -3.827  1.00 38.55 ? 45  ALA B CA  1 
ATOM   927  C  C   . ALA B 1 33 ? -12.954 0.959   -4.281  1.00 40.25 ? 45  ALA B C   1 
ATOM   928  O  O   . ALA B 1 33 ? -12.816 0.164   -5.209  1.00 37.70 ? 45  ALA B O   1 
ATOM   929  C  CB  . ALA B 1 33 ? -15.247 1.656   -5.015  1.00 37.74 ? 45  ALA B CB  1 
ATOM   930  N  N   . GLY B 1 34 ? -11.918 1.476   -3.619  1.00 41.21 ? 46  GLY B N   1 
ATOM   931  C  CA  . GLY B 1 34 ? -10.542 1.166   -3.969  1.00 43.84 ? 46  GLY B CA  1 
ATOM   932  C  C   . GLY B 1 34 ? -10.216 -0.309  -3.722  1.00 43.51 ? 46  GLY B C   1 
ATOM   933  O  O   . GLY B 1 34 ? -10.603 -0.851  -2.699  1.00 41.10 ? 46  GLY B O   1 
ATOM   934  N  N   . ASN B 1 35 ? -9.544  -0.960  -4.669  1.00 41.08 ? 47  ASN B N   1 
ATOM   935  C  CA  . ASN B 1 35 ? -8.949  -2.279  -4.413  1.00 39.05 ? 47  ASN B CA  1 
ATOM   936  C  C   . ASN B 1 35 ? -7.495  -2.122  -3.919  1.00 40.41 ? 47  ASN B C   1 
ATOM   937  O  O   . ASN B 1 35 ? -7.005  -1.015  -3.751  1.00 40.34 ? 47  ASN B O   1 
ATOM   938  C  CB  . ASN B 1 35 ? -9.036  -3.123  -5.659  1.00 37.24 ? 47  ASN B CB  1 
ATOM   939  C  CG  . ASN B 1 35 ? -8.355  -2.486  -6.849  1.00 37.45 ? 47  ASN B CG  1 
ATOM   940  O  OD1 . ASN B 1 35 ? -7.295  -1.896  -6.728  1.00 39.48 ? 47  ASN B OD1 1 
ATOM   941  N  ND2 . ASN B 1 35 ? -8.991  -2.575  -8.008  1.00 39.74 ? 47  ASN B ND2 1 
ATOM   942  N  N   . GLY B 1 36 ? -6.780  -3.225  -3.708  1.00 37.93 ? 48  GLY B N   1 
ATOM   943  C  CA  . GLY B 1 36 ? -5.425  -3.163  -3.200  1.00 35.24 ? 48  GLY B CA  1 
ATOM   944  C  C   . GLY B 1 36 ? -4.457  -2.438  -4.127  1.00 33.17 ? 48  GLY B C   1 
ATOM   945  O  O   . GLY B 1 36 ? -3.618  -1.660  -3.659  1.00 32.89 ? 48  GLY B O   1 
HETATM 946  N  N   . MSE B 1 37 ? -4.601  -2.652  -5.433  1.00 30.57 ? 49  MSE B N   1 
HETATM 947  C  CA  . MSE B 1 37 ? -3.725  -1.991  -6.397  1.00 32.34 ? 49  MSE B CA  1 
HETATM 948  C  C   . MSE B 1 37 ? -3.942  -0.453  -6.364  1.00 33.01 ? 49  MSE B C   1 
HETATM 949  O  O   . MSE B 1 37 ? -2.989  0.340   -6.407  1.00 32.98 ? 49  MSE B O   1 
HETATM 950  C  CB  . MSE B 1 37 ? -3.928  -2.543  -7.798  1.00 32.78 ? 49  MSE B CB  1 
HETATM 951  C  CG  . MSE B 1 37 ? -3.352  -3.935  -8.081  1.00 40.30 ? 49  MSE B CG  1 
HETATM 952  SE SE  . MSE B 1 37 ? -1.478  -4.029  -7.395  0.70 43.98 ? 49  MSE B SE  1 
HETATM 953  C  CE  . MSE B 1 37 ? -0.823  -2.584  -8.175  1.00 33.55 ? 49  MSE B CE  1 
ATOM   954  N  N   . ASP B 1 38 ? -5.209  -0.050  -6.297  1.00 34.39 ? 50  ASP B N   1 
ATOM   955  C  CA  . ASP B 1 38 ? -5.568  1.364   -6.140  1.00 34.76 ? 50  ASP B CA  1 
ATOM   956  C  C   . ASP B 1 38 ? -4.910  1.938   -4.907  1.00 35.39 ? 50  ASP B C   1 
ATOM   957  O  O   . ASP B 1 38 ? -4.324  3.015   -4.961  1.00 35.67 ? 50  ASP B O   1 
ATOM   958  C  CB  . ASP B 1 38 ? -7.088  1.554   -5.958  1.00 34.88 ? 50  ASP B CB  1 
ATOM   959  C  CG  . ASP B 1 38 ? -7.872  1.168   -7.154  1.00 32.66 ? 50  ASP B CG  1 
ATOM   960  O  OD1 . ASP B 1 38 ? -7.337  1.187   -8.303  1.00 33.79 ? 50  ASP B OD1 1 
ATOM   961  O  OD2 . ASP B 1 38 ? -9.051  0.793   -6.936  1.00 37.31 ? 50  ASP B OD2 1 
HETATM 962  N  N   . MSE B 1 39 ? -5.025  1.217   -3.790  1.00 33.30 ? 51  MSE B N   1 
HETATM 963  C  CA  . MSE B 1 39 ? -4.485  1.705   -2.532  1.00 36.28 ? 51  MSE B CA  1 
HETATM 964  C  C   . MSE B 1 39 ? -2.997  1.768   -2.517  1.00 35.30 ? 51  MSE B C   1 
HETATM 965  O  O   . MSE B 1 39 ? -2.426  2.779   -2.078  1.00 37.48 ? 51  MSE B O   1 
HETATM 966  C  CB  . MSE B 1 39 ? -4.968  0.865   -1.372  1.00 37.52 ? 51  MSE B CB  1 
HETATM 967  C  CG  . MSE B 1 39 ? -6.504  0.837   -1.266  1.00 40.14 ? 51  MSE B CG  1 
HETATM 968  SE SE  . MSE B 1 39 ? -6.959  -0.307  0.276   0.70 43.34 ? 51  MSE B SE  1 
HETATM 969  C  CE  . MSE B 1 39 ? -8.886  -0.177  -0.074  1.00 44.63 ? 51  MSE B CE  1 
ATOM   970  N  N   . LEU B 1 40 ? -2.342  0.745   -3.077  1.00 34.06 ? 52  LEU B N   1 
ATOM   971  C  CA  . LEU B 1 40 ? -0.928  0.843   -3.264  1.00 32.43 ? 52  LEU B CA  1 
ATOM   972  C  C   . LEU B 1 40 ? -0.608  2.048   -4.180  1.00 37.65 ? 52  LEU B C   1 
ATOM   973  O  O   . LEU B 1 40 ? 0.298   2.818   -3.871  1.00 38.09 ? 52  LEU B O   1 
ATOM   974  C  CB  . LEU B 1 40 ? -0.342  -0.434  -3.847  1.00 31.91 ? 52  LEU B CB  1 
ATOM   975  C  CG  . LEU B 1 40 ? -0.362  -1.676  -2.931  1.00 33.06 ? 52  LEU B CG  1 
ATOM   976  C  CD1 . LEU B 1 40 ? 0.100   -2.882  -3.705  1.00 38.13 ? 52  LEU B CD1 1 
ATOM   977  C  CD2 . LEU B 1 40 ? 0.530   -1.493  -1.704  1.00 37.14 ? 52  LEU B CD2 1 
ATOM   978  N  N   . HIS B 1 41 ? -1.330  2.221   -5.293  1.00 35.68 ? 53  HIS B N   1 
ATOM   979  C  CA  . HIS B 1 41 ? -0.956  3.318   -6.214  1.00 35.01 ? 53  HIS B CA  1 
ATOM   980  C  C   . HIS B 1 41 ? -1.098  4.676   -5.525  1.00 35.24 ? 53  HIS B C   1 
ATOM   981  O  O   . HIS B 1 41 ? -0.253  5.540   -5.684  1.00 37.59 ? 53  HIS B O   1 
ATOM   982  C  CB  . HIS B 1 41 ? -1.802  3.324   -7.497  1.00 37.08 ? 53  HIS B CB  1 
ATOM   983  C  CG  . HIS B 1 41 ? -1.504  2.181   -8.433  1.00 37.70 ? 53  HIS B CG  1 
ATOM   984  N  ND1 . HIS B 1 41 ? -2.480  1.554   -9.175  1.00 48.00 ? 53  HIS B ND1 1 
ATOM   985  C  CD2 . HIS B 1 41 ? -0.340  1.558   -8.741  1.00 42.76 ? 53  HIS B CD2 1 
ATOM   986  C  CE1 . HIS B 1 41 ? -1.930  0.601   -9.911  1.00 44.18 ? 53  HIS B CE1 1 
ATOM   987  N  NE2 . HIS B 1 41 ? -0.633  0.585   -9.669  1.00 44.24 ? 53  HIS B NE2 1 
ATOM   988  N  N   . ILE B 1 42 ? -2.165  4.844   -4.771  1.00 39.78 ? 54  ILE B N   1 
ATOM   989  C  CA  . ILE B 1 42 ? -2.415  6.103   -4.054  1.00 42.19 ? 54  ILE B CA  1 
ATOM   990  C  C   . ILE B 1 42 ? -1.326  6.406   -3.014  1.00 43.78 ? 54  ILE B C   1 
ATOM   991  O  O   . ILE B 1 42 ? -0.764  7.507   -2.977  1.00 43.40 ? 54  ILE B O   1 
ATOM   992  C  CB  . ILE B 1 42 ? -3.820  6.072   -3.463  1.00 42.56 ? 54  ILE B CB  1 
ATOM   993  C  CG1 . ILE B 1 42 ? -4.820  6.139   -4.596  1.00 42.66 ? 54  ILE B CG1 1 
ATOM   994  C  CG2 . ILE B 1 42 ? -4.026  7.206   -2.464  1.00 46.98 ? 54  ILE B CG2 1 
ATOM   995  C  CD1 . ILE B 1 42 ? -6.165  5.672   -4.194  1.00 44.67 ? 54  ILE B CD1 1 
ATOM   996  N  N   . GLN B 1 43 ? -0.963  5.404   -2.229  1.00 43.20 ? 55  GLN B N   1 
ATOM   997  C  CA  . GLN B 1 43 ? 0.022   5.589   -1.195  1.00 42.97 ? 55  GLN B CA  1 
ATOM   998  C  C   . GLN B 1 43 ? 1.334   5.982   -1.786  1.00 43.51 ? 55  GLN B C   1 
ATOM   999  O  O   . GLN B 1 43 ? 2.018   6.849   -1.245  1.00 41.53 ? 55  GLN B O   1 
ATOM   1000 C  CB  . GLN B 1 43 ? 0.200   4.311   -0.362  1.00 45.01 ? 55  GLN B CB  1 
ATOM   1001 C  CG  . GLN B 1 43 ? -0.975  4.003   0.508   1.00 48.99 ? 55  GLN B CG  1 
ATOM   1002 C  CD  . GLN B 1 43 ? -0.807  2.707   1.348   1.00 52.26 ? 55  GLN B CD  1 
ATOM   1003 O  OE1 . GLN B 1 43 ? -1.736  2.334   2.107   1.00 62.58 ? 55  GLN B OE1 1 
ATOM   1004 N  NE2 . GLN B 1 43 ? 0.371   2.042   1.230   1.00 43.98 ? 55  GLN B NE2 1 
ATOM   1005 N  N   . TYR B 1 44 ? 1.703   5.376   -2.896  1.00 39.87 ? 56  TYR B N   1 
ATOM   1006 C  CA  . TYR B 1 44 ? 2.900   5.795   -3.571  1.00 45.15 ? 56  TYR B CA  1 
ATOM   1007 C  C   . TYR B 1 44 ? 2.808   7.252   -4.094  1.00 46.45 ? 56  TYR B C   1 
ATOM   1008 O  O   . TYR B 1 44 ? 3.791   7.971   -4.035  1.00 46.56 ? 56  TYR B O   1 
ATOM   1009 C  CB  . TYR B 1 44 ? 3.294   4.819   -4.685  1.00 47.89 ? 56  TYR B CB  1 
ATOM   1010 C  CG  . TYR B 1 44 ? 3.949   3.526   -4.174  1.00 55.29 ? 56  TYR B CG  1 
ATOM   1011 C  CD1 . TYR B 1 44 ? 5.292   3.503   -3.751  1.00 64.23 ? 56  TYR B CD1 1 
ATOM   1012 C  CD2 . TYR B 1 44 ? 3.232   2.332   -4.116  1.00 60.55 ? 56  TYR B CD2 1 
ATOM   1013 C  CE1 . TYR B 1 44 ? 5.893   2.306   -3.281  1.00 63.49 ? 56  TYR B CE1 1 
ATOM   1014 C  CE2 . TYR B 1 44 ? 3.818   1.143   -3.664  1.00 61.01 ? 56  TYR B CE2 1 
ATOM   1015 C  CZ  . TYR B 1 44 ? 5.134   1.133   -3.244  1.00 63.28 ? 56  TYR B CZ  1 
ATOM   1016 O  OH  . TYR B 1 44 ? 5.683   -0.054  -2.798  1.00 62.25 ? 56  TYR B OH  1 
ATOM   1017 N  N   . GLU B 1 45 ? 1.643   7.690   -4.569  1.00 46.57 ? 57  GLU B N   1 
ATOM   1018 C  CA  . GLU B 1 45 ? 1.496   9.074   -5.071  1.00 47.59 ? 57  GLU B CA  1 
ATOM   1019 C  C   . GLU B 1 45 ? 1.540   10.066  -3.940  1.00 43.62 ? 57  GLU B C   1 
ATOM   1020 O  O   . GLU B 1 45 ? 2.175   11.104  -4.025  1.00 44.67 ? 57  GLU B O   1 
ATOM   1021 C  CB  . GLU B 1 45 ? 0.157   9.277   -5.773  1.00 48.36 ? 57  GLU B CB  1 
ATOM   1022 C  CG  . GLU B 1 45 ? 0.185   8.765   -7.139  1.00 55.97 ? 57  GLU B CG  1 
ATOM   1023 C  CD  . GLU B 1 45 ? 0.883   9.694   -8.089  1.00 56.07 ? 57  GLU B CD  1 
ATOM   1024 O  OE1 . GLU B 1 45 ? 0.427   10.838  -8.338  1.00 52.63 ? 57  GLU B OE1 1 
ATOM   1025 O  OE2 . GLU B 1 45 ? 1.913   9.254   -8.605  1.00 66.87 ? 57  GLU B OE2 1 
ATOM   1026 N  N   . LEU B 1 46 ? 0.802   9.705   -2.916  1.00 43.20 ? 58  LEU B N   1 
ATOM   1027 C  CA  . LEU B 1 46 ? 0.618   10.491  -1.738  1.00 46.38 ? 58  LEU B CA  1 
ATOM   1028 C  C   . LEU B 1 46 ? 1.950   10.694  -1.023  1.00 47.41 ? 58  LEU B C   1 
ATOM   1029 O  O   . LEU B 1 46 ? 2.260   11.809  -0.588  1.00 49.50 ? 58  LEU B O   1 
ATOM   1030 C  CB  . LEU B 1 46 ? -0.487  9.835   -0.898  1.00 43.29 ? 58  LEU B CB  1 
ATOM   1031 C  CG  . LEU B 1 46 ? -1.207  10.637  0.148   1.00 52.10 ? 58  LEU B CG  1 
ATOM   1032 C  CD1 . LEU B 1 46 ? -1.982  11.810  -0.498  1.00 54.51 ? 58  LEU B CD1 1 
ATOM   1033 C  CD2 . LEU B 1 46 ? -2.114  9.738   0.965   1.00 51.07 ? 58  LEU B CD2 1 
ATOM   1034 N  N   . ILE B 1 47 ? 2.810   9.679   -0.969  1.00 44.23 ? 59  ILE B N   1 
ATOM   1035 C  CA  A ILE B 1 47 ? 4.116   9.846   -0.332  0.50 42.98 ? 59  ILE B CA  1 
ATOM   1036 C  CA  B ILE B 1 47 ? 4.115   9.860   -0.325  0.50 44.38 ? 59  ILE B CA  1 
ATOM   1037 C  C   . ILE B 1 47 ? 5.040   10.744  -1.173  1.00 43.87 ? 59  ILE B C   1 
ATOM   1038 O  O   . ILE B 1 47 ? 5.833   11.523  -0.631  1.00 37.95 ? 59  ILE B O   1 
ATOM   1039 C  CB  A ILE B 1 47 ? 4.786   8.459   0.000   0.50 42.14 ? 59  ILE B CB  1 
ATOM   1040 C  CB  B ILE B 1 47 ? 4.793   8.501   0.053   0.50 43.84 ? 59  ILE B CB  1 
ATOM   1041 C  CG1 A ILE B 1 47 ? 5.863   8.622   1.067   0.50 33.76 ? 59  ILE B CG1 1 
ATOM   1042 C  CG1 B ILE B 1 47 ? 3.936   7.783   1.101   0.50 36.77 ? 59  ILE B CG1 1 
ATOM   1043 C  CG2 A ILE B 1 47 ? 5.334   7.804   -1.261  0.50 35.95 ? 59  ILE B CG2 1 
ATOM   1044 C  CG2 B ILE B 1 47 ? 6.185   8.744   0.578   0.50 39.40 ? 59  ILE B CG2 1 
ATOM   1045 C  CD1 A ILE B 1 47 ? 5.397   9.331   2.354   0.50 33.86 ? 59  ILE B CD1 1 
ATOM   1046 C  CD1 B ILE B 1 47 ? 4.414   6.380   1.470   0.50 48.05 ? 59  ILE B CD1 1 
ATOM   1047 N  N   . ASP B 1 48 ? 4.926   10.660  -2.500  1.00 43.37 ? 60  ASP B N   1 
ATOM   1048 C  CA  . ASP B 1 48 ? 5.683   11.562  -3.372  1.00 43.82 ? 60  ASP B CA  1 
ATOM   1049 C  C   . ASP B 1 48 ? 5.271   13.060  -3.168  1.00 38.60 ? 60  ASP B C   1 
ATOM   1050 O  O   . ASP B 1 48 ? 6.129   13.931  -3.065  1.00 37.92 ? 60  ASP B O   1 
ATOM   1051 C  CB  . ASP B 1 48 ? 5.484   11.194  -4.843  1.00 44.84 ? 60  ASP B CB  1 
ATOM   1052 C  CG  . ASP B 1 48 ? 6.284   9.947   -5.274  1.00 53.20 ? 60  ASP B CG  1 
ATOM   1053 O  OD1 . ASP B 1 48 ? 7.353   9.660   -4.671  1.00 49.06 ? 60  ASP B OD1 1 
ATOM   1054 O  OD2 . ASP B 1 48 ? 5.862   9.309   -6.283  1.00 51.18 ? 60  ASP B OD2 1 
ATOM   1055 N  N   . LEU B 1 49 ? 3.967   13.304  -3.123  1.00 40.69 ? 61  LEU B N   1 
ATOM   1056 C  CA  . LEU B 1 49 ? 3.386   14.633  -2.900  1.00 42.57 ? 61  LEU B CA  1 
ATOM   1057 C  C   . LEU B 1 49 ? 3.776   15.179  -1.555  1.00 42.44 ? 61  LEU B C   1 
ATOM   1058 O  O   . LEU B 1 49 ? 4.151   16.334  -1.425  1.00 43.83 ? 61  LEU B O   1 
ATOM   1059 C  CB  . LEU B 1 49 ? 1.861   14.567  -2.889  1.00 43.99 ? 61  LEU B CB  1 
ATOM   1060 C  CG  . LEU B 1 49 ? 1.138   14.908  -4.164  1.00 57.94 ? 61  LEU B CG  1 
ATOM   1061 C  CD1 . LEU B 1 49 ? -0.285  14.360  -4.072  1.00 54.55 ? 61  LEU B CD1 1 
ATOM   1062 C  CD2 . LEU B 1 49 ? 1.206   16.418  -4.377  1.00 62.70 ? 61  LEU B CD2 1 
ATOM   1063 N  N   . PHE B 1 50 ? 3.635   14.338  -0.546  1.00 39.30 ? 62  PHE B N   1 
ATOM   1064 C  CA  . PHE B 1 50 ? 3.866   14.745  0.834   1.00 40.51 ? 62  PHE B CA  1 
ATOM   1065 C  C   . PHE B 1 50 ? 5.320   14.972  1.118   1.00 40.91 ? 62  PHE B C   1 
ATOM   1066 O  O   . PHE B 1 50 ? 5.675   15.945  1.780   1.00 40.94 ? 62  PHE B O   1 
ATOM   1067 C  CB  . PHE B 1 50 ? 3.228   13.728  1.774   1.00 37.10 ? 62  PHE B CB  1 
ATOM   1068 C  CG  . PHE B 1 50 ? 1.765   13.889  1.903   1.00 36.10 ? 62  PHE B CG  1 
ATOM   1069 C  CD1 . PHE B 1 50 ? 1.041   14.664  1.009   1.00 46.55 ? 62  PHE B CD1 1 
ATOM   1070 C  CD2 . PHE B 1 50 ? 1.088   13.282  2.951   1.00 40.56 ? 62  PHE B CD2 1 
ATOM   1071 C  CE1 . PHE B 1 50 ? -0.318  14.817  1.144   1.00 41.81 ? 62  PHE B CE1 1 
ATOM   1072 C  CE2 . PHE B 1 50 ? -0.256  13.434  3.090   1.00 41.90 ? 62  PHE B CE2 1 
ATOM   1073 C  CZ  . PHE B 1 50 ? -0.976  14.229  2.199   1.00 43.37 ? 62  PHE B CZ  1 
ATOM   1074 N  N   . GLU B 1 51 ? 6.184   14.128  0.575   1.00 40.16 ? 63  GLU B N   1 
ATOM   1075 C  CA  . GLU B 1 51 ? 7.615   14.344  0.750   1.00 41.66 ? 63  GLU B CA  1 
ATOM   1076 C  C   . GLU B 1 51 ? 8.093   15.624  0.092   1.00 41.05 ? 63  GLU B C   1 
ATOM   1077 O  O   . GLU B 1 51 ? 9.035   16.229  0.599   1.00 38.97 ? 63  GLU B O   1 
ATOM   1078 C  CB  . GLU B 1 51 ? 8.459   13.174  0.253   1.00 41.43 ? 63  GLU B CB  1 
ATOM   1079 C  CG  . GLU B 1 51 ? 8.402   11.908  1.178   1.00 44.01 ? 63  GLU B CG  1 
ATOM   1080 C  CD  . GLU B 1 51 ? 9.245   10.744  0.662   1.00 44.40 ? 63  GLU B CD  1 
ATOM   1081 O  OE1 . GLU B 1 51 ? 9.573   10.726  -0.547  1.00 45.08 ? 63  GLU B OE1 1 
ATOM   1082 O  OE2 . GLU B 1 51 ? 9.603   9.862   1.478   1.00 40.58 ? 63  GLU B OE2 1 
ATOM   1083 N  N   . ALA B 1 52 ? 7.490   15.972  -1.058  1.00 41.57 ? 64  ALA B N   1 
ATOM   1084 C  CA  . ALA B 1 52 ? 7.808   17.223  -1.777  1.00 42.18 ? 64  ALA B CA  1 
ATOM   1085 C  C   . ALA B 1 52 ? 7.329   18.434  -0.976  1.00 38.48 ? 64  ALA B C   1 
ATOM   1086 O  O   . ALA B 1 52 ? 8.072   19.385  -0.806  1.00 41.19 ? 64  ALA B O   1 
ATOM   1087 C  CB  . ALA B 1 52 ? 7.191   17.244  -3.136  1.00 40.57 ? 64  ALA B CB  1 
ATOM   1088 N  N   . GLY B 1 53 ? 6.110   18.382  -0.461  1.00 37.22 ? 65  GLY B N   1 
ATOM   1089 C  CA  . GLY B 1 53 ? 5.586   19.472  0.357   1.00 36.82 ? 65  GLY B CA  1 
ATOM   1090 C  C   . GLY B 1 53 ? 6.395   19.666  1.632   1.00 37.44 ? 65  GLY B C   1 
ATOM   1091 O  O   . GLY B 1 53 ? 6.758   20.794  1.989   1.00 35.07 ? 65  GLY B O   1 
ATOM   1092 N  N   . ALA B 1 54 ? 6.643   18.588  2.351   1.00 35.30 ? 66  ALA B N   1 
ATOM   1093 C  CA  . ALA B 1 54 ? 7.506   18.661  3.554   1.00 36.29 ? 66  ALA B CA  1 
ATOM   1094 C  C   . ALA B 1 54 ? 8.913   19.187  3.275   1.00 39.35 ? 66  ALA B C   1 
ATOM   1095 O  O   . ALA B 1 54 ? 9.436   19.969  4.061   1.00 40.33 ? 66  ALA B O   1 
ATOM   1096 C  CB  . ALA B 1 54 ? 7.619   17.339  4.239   1.00 36.03 ? 66  ALA B CB  1 
ATOM   1097 N  N   . ALA B 1 55 ? 9.537   18.738  2.191   1.00 39.97 ? 67  ALA B N   1 
ATOM   1098 C  CA  . ALA B 1 55 ? 10.874  19.231  1.818   1.00 41.10 ? 67  ALA B CA  1 
ATOM   1099 C  C   . ALA B 1 55 ? 10.884  20.764  1.555   1.00 43.68 ? 67  ALA B C   1 
ATOM   1100 O  O   . ALA B 1 55 ? 11.890  21.420  1.816   1.00 42.67 ? 67  ALA B O   1 
ATOM   1101 C  CB  . ALA B 1 55 ? 11.368  18.535  0.631   1.00 40.23 ? 67  ALA B CB  1 
ATOM   1102 N  N   A GLU B 1 56 ? 9.769   21.281  1.025   0.50 42.79 ? 68  GLU B N   1 
ATOM   1103 N  N   B GLU B 1 56 ? 9.762   21.303  1.069   0.50 41.71 ? 68  GLU B N   1 
ATOM   1104 C  CA  A GLU B 1 56 ? 9.541   22.719  0.836   0.50 43.78 ? 68  GLU B CA  1 
ATOM   1105 C  CA  B GLU B 1 56 ? 9.618   22.741  0.837   0.50 41.74 ? 68  GLU B CA  1 
ATOM   1106 C  C   A GLU B 1 56 ? 9.256   23.488  2.125   0.50 41.51 ? 68  GLU B C   1 
ATOM   1107 C  C   B GLU B 1 56 ? 9.208   23.492  2.113   0.50 40.45 ? 68  GLU B C   1 
ATOM   1108 O  O   A GLU B 1 56 ? 9.213   24.716  2.115   0.50 43.86 ? 68  GLU B O   1 
ATOM   1109 O  O   B GLU B 1 56 ? 9.046   24.711  2.086   0.50 43.01 ? 68  GLU B O   1 
ATOM   1110 C  CB  A GLU B 1 56 ? 8.317   22.931  -0.055  0.50 45.43 ? 68  GLU B CB  1 
ATOM   1111 C  CB  B GLU B 1 56 ? 8.554   22.999  -0.234  0.50 42.26 ? 68  GLU B CB  1 
ATOM   1112 C  CG  A GLU B 1 56 ? 8.586   23.410  -1.430  0.50 52.22 ? 68  GLU B CG  1 
ATOM   1113 C  CG  B GLU B 1 56 ? 8.716   22.194  -1.507  0.50 44.25 ? 68  GLU B CG  1 
ATOM   1114 C  CD  A GLU B 1 56 ? 7.298   23.538  -2.199  0.50 59.06 ? 68  GLU B CD  1 
ATOM   1115 C  CD  B GLU B 1 56 ? 9.516   22.885  -2.566  0.50 48.32 ? 68  GLU B CD  1 
ATOM   1116 O  OE1 A GLU B 1 56 ? 6.449   24.398  -1.842  0.50 44.12 ? 68  GLU B OE1 1 
ATOM   1117 O  OE1 B GLU B 1 56 ? 9.863   24.089  -2.403  0.50 48.68 ? 68  GLU B OE1 1 
ATOM   1118 O  OE2 A GLU B 1 56 ? 7.141   22.748  -3.154  0.50 65.38 ? 68  GLU B OE2 1 
ATOM   1119 O  OE2 B GLU B 1 56 ? 9.771   22.209  -3.586  0.50 57.02 ? 68  GLU B OE2 1 
ATOM   1120 N  N   . GLY B 1 57 ? 9.016   22.773  3.215   1.00 39.24 ? 69  GLY B N   1 
ATOM   1121 C  CA  . GLY B 1 57 ? 8.538   23.372  4.449   1.00 40.45 ? 69  GLY B CA  1 
ATOM   1122 C  C   . GLY B 1 57 ? 7.093   23.874  4.370   1.00 44.68 ? 69  GLY B C   1 
ATOM   1123 O  O   . GLY B 1 57 ? 6.732   24.852  5.038   1.00 43.51 ? 69  GLY B O   1 
ATOM   1124 N  N   . ARG B 1 58 ? 6.266   23.252  3.531   1.00 39.18 ? 70  ARG B N   1 
ATOM   1125 C  CA  . ARG B 1 58 ? 4.887   23.699  3.343   1.00 38.12 ? 70  ARG B CA  1 
ATOM   1126 C  C   . ARG B 1 58 ? 3.963   22.971  4.303   1.00 39.31 ? 70  ARG B C   1 
ATOM   1127 O  O   . ARG B 1 58 ? 4.249   21.853  4.737   1.00 41.17 ? 70  ARG B O   1 
ATOM   1128 C  CB  . ARG B 1 58 ? 4.502   23.502  1.881   1.00 44.09 ? 70  ARG B CB  1 
ATOM   1129 C  CG  . ARG B 1 58 ? 3.105   23.942  1.473   1.00 46.23 ? 70  ARG B CG  1 
ATOM   1130 C  CD  . ARG B 1 58 ? 3.002   24.106  -0.061  1.00 42.73 ? 70  ARG B CD  1 
ATOM   1131 N  NE  . ARG B 1 58 ? 3.804   25.215  -0.615  1.00 43.63 ? 70  ARG B NE  1 
ATOM   1132 C  CZ  . ARG B 1 58 ? 3.431   26.498  -0.611  1.00 44.44 ? 70  ARG B CZ  1 
ATOM   1133 N  NH1 . ARG B 1 58 ? 2.304   26.863  -0.019  1.00 41.28 ? 70  ARG B NH1 1 
ATOM   1134 N  NH2 . ARG B 1 58 ? 4.181   27.418  -1.188  1.00 35.28 ? 70  ARG B NH2 1 
ATOM   1135 N  N   . GLN B 1 59 ? 2.852   23.603  4.677   1.00 41.24 ? 71  GLN B N   1 
ATOM   1136 C  CA  . GLN B 1 59 ? 1.850   22.953  5.535   1.00 39.50 ? 71  GLN B CA  1 
ATOM   1137 C  C   . GLN B 1 59 ? 1.025   21.952  4.682   1.00 36.95 ? 71  GLN B C   1 
ATOM   1138 O  O   . GLN B 1 59 ? 0.609   22.291  3.570   1.00 33.79 ? 71  GLN B O   1 
ATOM   1139 C  CB  . GLN B 1 59 ? 0.884   23.992  6.099   1.00 38.76 ? 71  GLN B CB  1 
ATOM   1140 C  CG  . GLN B 1 59 ? 1.437   24.970  7.132   1.00 50.84 ? 71  GLN B CG  1 
ATOM   1141 C  CD  . GLN B 1 59 ? 0.324   25.932  7.689   1.00 47.74 ? 71  GLN B CD  1 
ATOM   1142 O  OE1 . GLN B 1 59 ? -0.770  25.491  8.058   1.00 68.85 ? 71  GLN B OE1 1 
ATOM   1143 N  NE2 . GLN B 1 59 ? 0.624   27.218  7.742   1.00 52.60 ? 71  GLN B NE2 1 
ATOM   1144 N  N   . VAL B 1 60 ? 0.744   20.773  5.224   1.00 36.04 ? 72  VAL B N   1 
ATOM   1145 C  CA  . VAL B 1 60 ? 0.059   19.696  4.482   1.00 37.58 ? 72  VAL B CA  1 
ATOM   1146 C  C   . VAL B 1 60 ? -1.254  20.136  3.832   1.00 37.61 ? 72  VAL B C   1 
ATOM   1147 O  O   . VAL B 1 60 ? -1.502  19.784  2.698   1.00 35.90 ? 72  VAL B O   1 
ATOM   1148 C  CB  . VAL B 1 60 ? -0.137  18.407  5.367   1.00 38.79 ? 72  VAL B CB  1 
ATOM   1149 C  CG1 . VAL B 1 60 ? -1.019  18.670  6.555   1.00 38.89 ? 72  VAL B CG1 1 
ATOM   1150 C  CG2 . VAL B 1 60 ? -0.674  17.241  4.549   1.00 43.07 ? 72  VAL B CG2 1 
ATOM   1151 N  N   . LEU B 1 61 ? -2.054  20.963  4.508   1.00 35.05 ? 73  LEU B N   1 
ATOM   1152 C  CA  . LEU B 1 61 ? -3.330  21.346  3.937   1.00 38.88 ? 73  LEU B CA  1 
ATOM   1153 C  C   . LEU B 1 61 ? -3.233  22.304  2.753   1.00 36.01 ? 73  LEU B C   1 
ATOM   1154 O  O   . LEU B 1 61 ? -4.207  22.474  2.031   1.00 37.38 ? 73  LEU B O   1 
ATOM   1155 C  CB  . LEU B 1 61 ? -4.269  21.914  4.981   1.00 36.67 ? 73  LEU B CB  1 
ATOM   1156 C  CG  . LEU B 1 61 ? -4.613  20.924  6.115   1.00 38.30 ? 73  LEU B CG  1 
ATOM   1157 C  CD1 . LEU B 1 61 ? -5.651  21.576  6.992   1.00 47.13 ? 73  LEU B CD1 1 
ATOM   1158 C  CD2 . LEU B 1 61 ? -5.074  19.512  5.670   1.00 41.72 ? 73  LEU B CD2 1 
ATOM   1159 N  N   . ASP B 1 62 ? -2.084  22.919  2.545   1.00 37.26 ? 74  ASP B N   1 
ATOM   1160 C  CA  . ASP B 1 62 ? -1.837  23.649  1.291   1.00 39.61 ? 74  ASP B CA  1 
ATOM   1161 C  C   . ASP B 1 62 ? -1.942  22.716  0.063   1.00 38.68 ? 74  ASP B C   1 
ATOM   1162 O  O   . ASP B 1 62 ? -2.368  23.131  -0.977  1.00 39.52 ? 74  ASP B O   1 
ATOM   1163 C  CB  . ASP B 1 62 ? -0.428  24.243  1.278   1.00 41.48 ? 74  ASP B CB  1 
ATOM   1164 C  CG  . ASP B 1 62 ? -0.289  25.490  2.193   1.00 39.46 ? 74  ASP B CG  1 
ATOM   1165 O  OD1 . ASP B 1 62 ? -1.285  25.912  2.754   1.00 46.27 ? 74  ASP B OD1 1 
ATOM   1166 O  OD2 . ASP B 1 62 ? 0.827   25.998  2.326   1.00 45.41 ? 74  ASP B OD2 1 
ATOM   1167 N  N   . ILE B 1 63 ? -1.495  21.488  0.242   1.00 37.45 ? 75  ILE B N   1 
ATOM   1168 C  CA  . ILE B 1 63 ? -1.468  20.476  -0.786  1.00 42.32 ? 75  ILE B CA  1 
ATOM   1169 C  C   . ILE B 1 63 ? -2.787  19.710  -0.925  1.00 39.77 ? 75  ILE B C   1 
ATOM   1170 O  O   . ILE B 1 63 ? -3.223  19.479  -2.025  1.00 35.97 ? 75  ILE B O   1 
ATOM   1171 C  CB  . ILE B 1 63 ? -0.325  19.528  -0.515  1.00 43.69 ? 75  ILE B CB  1 
ATOM   1172 C  CG1 . ILE B 1 63 ? 1.009   20.294  -0.693  1.00 49.66 ? 75  ILE B CG1 1 
ATOM   1173 C  CG2 . ILE B 1 63 ? -0.397  18.296  -1.448  1.00 50.90 ? 75  ILE B CG2 1 
ATOM   1174 C  CD1 . ILE B 1 63 ? 2.147   19.578  -0.139  1.00 50.09 ? 75  ILE B CD1 1 
ATOM   1175 N  N   . THR B 1 64 ? -3.430  19.348  0.191   1.00 38.30 ? 76  THR B N   1 
ATOM   1176 C  CA  . THR B 1 64 ? -4.659  18.585  0.120   1.00 38.20 ? 76  THR B CA  1 
ATOM   1177 C  C   . THR B 1 64 ? -5.876  19.474  -0.077  1.00 38.22 ? 76  THR B C   1 
ATOM   1178 O  O   . THR B 1 64 ? -6.873  19.034  -0.649  1.00 40.41 ? 76  THR B O   1 
ATOM   1179 C  CB  . THR B 1 64 ? -4.869  17.711  1.378   1.00 38.36 ? 76  THR B CB  1 
ATOM   1180 O  OG1 . THR B 1 64 ? -4.937  18.548  2.521   1.00 38.18 ? 76  THR B OG1 1 
ATOM   1181 C  CG2 . THR B 1 64 ? -3.754  16.742  1.553   1.00 40.93 ? 76  THR B CG2 1 
ATOM   1182 N  N   . GLY B 1 65 ? -5.777  20.728  0.356   1.00 39.22 ? 77  GLY B N   1 
ATOM   1183 C  CA  . GLY B 1 65 ? -6.940  21.559  0.659   1.00 41.03 ? 77  GLY B CA  1 
ATOM   1184 C  C   . GLY B 1 65 ? -7.515  21.166  2.013   1.00 40.48 ? 77  GLY B C   1 
ATOM   1185 O  O   . GLY B 1 65 ? -7.191  20.103  2.521   1.00 41.97 ? 77  GLY B O   1 
ATOM   1186 N  N   . GLU B 1 66 ? -8.373  21.997  2.591   1.00 48.98 ? 78  GLU B N   1 
ATOM   1187 C  CA  . GLU B 1 66 ? -9.000  21.665  3.894   1.00 51.36 ? 78  GLU B CA  1 
ATOM   1188 C  C   . GLU B 1 66 ? -9.809  20.357  3.893   1.00 54.15 ? 78  GLU B C   1 
ATOM   1189 O  O   . GLU B 1 66 ? -9.691  19.527  4.807   1.00 54.81 ? 78  GLU B O   1 
ATOM   1190 C  CB  . GLU B 1 66 ? -9.842  22.817  4.396   1.00 51.73 ? 78  GLU B CB  1 
ATOM   1191 N  N   . ASP B 1 67 ? -10.603 20.135  2.855   1.00 54.23 ? 79  ASP B N   1 
ATOM   1192 C  CA  . ASP B 1 67 ? -11.419 18.949  2.820   1.00 50.30 ? 79  ASP B CA  1 
ATOM   1193 C  C   . ASP B 1 67 ? -10.645 17.718  2.376   1.00 50.20 ? 79  ASP B C   1 
ATOM   1194 O  O   . ASP B 1 67 ? -10.610 17.350  1.195   1.00 47.74 ? 79  ASP B O   1 
ATOM   1195 C  CB  . ASP B 1 67 ? -12.650 19.181  1.948   1.00 55.47 ? 79  ASP B CB  1 
ATOM   1196 C  CG  . ASP B 1 67 ? -13.690 18.076  2.089   1.00 52.20 ? 79  ASP B CG  1 
ATOM   1197 O  OD1 . ASP B 1 67 ? -13.373 16.940  2.555   1.00 60.53 ? 79  ASP B OD1 1 
ATOM   1198 O  OD2 . ASP B 1 67 ? -14.839 18.353  1.684   1.00 77.35 ? 79  ASP B OD2 1 
ATOM   1199 N  N   . VAL B 1 68 ? -10.092 17.035  3.369   1.00 46.54 ? 80  VAL B N   1 
ATOM   1200 C  CA  . VAL B 1 68 ? -9.231  15.916  3.154   1.00 47.63 ? 80  VAL B CA  1 
ATOM   1201 C  C   . VAL B 1 68 ? -10.017 14.710  2.636   1.00 46.50 ? 80  VAL B C   1 
ATOM   1202 O  O   . VAL B 1 68 ? -9.502  13.907  1.873   1.00 46.51 ? 80  VAL B O   1 
ATOM   1203 C  CB  . VAL B 1 68 ? -8.506  15.559  4.510   1.00 45.91 ? 80  VAL B CB  1 
ATOM   1204 C  CG1 . VAL B 1 68 ? -7.744  14.258  4.421   1.00 48.18 ? 80  VAL B CG1 1 
ATOM   1205 C  CG2 . VAL B 1 68 ? -7.621  16.721  4.952   1.00 50.16 ? 80  VAL B CG2 1 
ATOM   1206 N  N   . ALA B 1 69 ? -11.251 14.546  3.108   1.00 49.34 ? 81  ALA B N   1 
ATOM   1207 C  CA  . ALA B 1 69 ? -12.092 13.415  2.685   1.00 46.45 ? 81  ALA B CA  1 
ATOM   1208 C  C   . ALA B 1 69 ? -12.404 13.617  1.195   1.00 42.19 ? 81  ALA B C   1 
ATOM   1209 O  O   . ALA B 1 69 ? -12.379 12.685  0.398   1.00 44.44 ? 81  ALA B O   1 
ATOM   1210 C  CB  . ALA B 1 69 ? -13.399 13.394  3.526   1.00 46.79 ? 81  ALA B CB  1 
ATOM   1211 N  N   . SER B 1 70 ? -12.701 14.845  0.838   1.00 39.70 ? 82  SER B N   1 
ATOM   1212 C  CA  . SER B 1 70 ? -12.931 15.191  -0.561  1.00 47.30 ? 82  SER B CA  1 
ATOM   1213 C  C   . SER B 1 70 ? -11.665 14.878  -1.402  1.00 47.97 ? 82  SER B C   1 
ATOM   1214 O  O   . SER B 1 70 ? -11.763 14.239  -2.444  1.00 45.16 ? 82  SER B O   1 
ATOM   1215 C  CB  . SER B 1 70 ? -13.379 16.634  -0.650  1.00 47.15 ? 82  SER B CB  1 
ATOM   1216 O  OG  . SER B 1 70 ? -13.294 17.147  -1.957  1.00 62.80 ? 82  SER B OG  1 
ATOM   1217 N  N   . PHE B 1 71 ? -10.479 15.255  -0.880  1.00 49.00 ? 83  PHE B N   1 
ATOM   1218 C  CA  . PHE B 1 71 ? -9.197  14.924  -1.507  1.00 42.06 ? 83  PHE B CA  1 
ATOM   1219 C  C   . PHE B 1 71 ? -9.018  13.433  -1.711  1.00 41.96 ? 83  PHE B C   1 
ATOM   1220 O  O   . PHE B 1 71 ? -8.734  12.936  -2.830  1.00 40.29 ? 83  PHE B O   1 
ATOM   1221 C  CB  . PHE B 1 71 ? -8.064  15.505  -0.653  1.00 43.85 ? 83  PHE B CB  1 
ATOM   1222 C  CG  . PHE B 1 71 ? -6.706  15.285  -1.226  1.00 35.34 ? 83  PHE B CG  1 
ATOM   1223 C  CD1 . PHE B 1 71 ? -6.368  15.855  -2.439  1.00 46.55 ? 83  PHE B CD1 1 
ATOM   1224 C  CD2 . PHE B 1 71 ? -5.765  14.510  -0.573  1.00 37.66 ? 83  PHE B CD2 1 
ATOM   1225 C  CE1 . PHE B 1 71 ? -5.130  15.644  -2.996  1.00 47.73 ? 83  PHE B CE1 1 
ATOM   1226 C  CE2 . PHE B 1 71 ? -4.482  14.324  -1.136  1.00 36.07 ? 83  PHE B CE2 1 
ATOM   1227 C  CZ  . PHE B 1 71 ? -4.205  14.871  -2.371  1.00 37.26 ? 83  PHE B CZ  1 
ATOM   1228 N  N   . ALA B 1 72 ? -9.215  12.686  -0.634  1.00 41.45 ? 84  ALA B N   1 
ATOM   1229 C  CA  . ALA B 1 72 ? -9.103  11.254  -0.694  1.00 41.32 ? 84  ALA B CA  1 
ATOM   1230 C  C   . ALA B 1 72 ? -10.074 10.652  -1.658  1.00 40.44 ? 84  ALA B C   1 
ATOM   1231 O  O   . ALA B 1 72 ? -9.763  9.691   -2.395  1.00 41.71 ? 84  ALA B O   1 
ATOM   1232 C  CB  . ALA B 1 72 ? -9.375  10.665  0.694   1.00 48.16 ? 84  ALA B CB  1 
ATOM   1233 N  N   . ASP B 1 73 ? -11.269 11.209  -1.658  1.00 39.94 ? 85  ASP B N   1 
ATOM   1234 C  CA  . ASP B 1 73 ? -12.305 10.654  -2.507  1.00 42.91 ? 85  ASP B CA  1 
ATOM   1235 C  C   . ASP B 1 73 ? -11.876 10.834  -3.970  1.00 39.32 ? 85  ASP B C   1 
ATOM   1236 O  O   . ASP B 1 73 ? -11.909 9.892   -4.750  1.00 42.37 ? 85  ASP B O   1 
ATOM   1237 C  CB  . ASP B 1 73 ? -13.613 11.357  -2.198  1.00 44.34 ? 85  ASP B CB  1 
ATOM   1238 C  CG  . ASP B 1 73 ? -14.755 10.694  -2.788  1.00 47.87 ? 85  ASP B CG  1 
ATOM   1239 O  OD1 . ASP B 1 73 ? -14.981 9.497   -2.478  1.00 55.46 ? 85  ASP B OD1 1 
ATOM   1240 O  OD2 . ASP B 1 73 ? -15.443 11.402  -3.531  1.00 44.51 ? 85  ASP B OD2 1 
ATOM   1241 N  N   . GLU B 1 74 ? -11.380 12.022  -4.309  1.00 41.45 ? 86  GLU B N   1 
ATOM   1242 C  CA  . GLU B 1 74 ? -10.786 12.253  -5.652  1.00 42.34 ? 86  GLU B CA  1 
ATOM   1243 C  C   . GLU B 1 74 ? -9.512  11.440  -5.958  1.00 39.61 ? 86  GLU B C   1 
ATOM   1244 O  O   . GLU B 1 74 ? -9.337  11.021  -7.091  1.00 41.62 ? 86  GLU B O   1 
ATOM   1245 C  CB  . GLU B 1 74 ? -10.543 13.740  -5.917  1.00 42.20 ? 86  GLU B CB  1 
ATOM   1246 C  CG  . GLU B 1 74 ? -11.745 14.566  -5.914  1.00 50.07 ? 86  GLU B CG  1 
ATOM   1247 C  CD  . GLU B 1 74 ? -12.670 14.237  -7.071  1.00 64.32 ? 86  GLU B CD  1 
ATOM   1248 O  OE1 . GLU B 1 74 ? -12.195 14.224  -8.228  1.00 66.08 ? 86  GLU B OE1 1 
ATOM   1249 O  OE2 . GLU B 1 74 ? -13.863 13.990  -6.807  1.00 65.92 ? 86  GLU B OE2 1 
ATOM   1250 N  N   . LEU B 1 75 ? -8.633  11.207  -4.986  1.00 42.84 ? 87  LEU B N   1 
ATOM   1251 C  CA  . LEU B 1 75 ? -7.513  10.273  -5.205  1.00 39.70 ? 87  LEU B CA  1 
ATOM   1252 C  C   . LEU B 1 75 ? -7.937  8.907   -5.688  1.00 43.93 ? 87  LEU B C   1 
ATOM   1253 O  O   . LEU B 1 75 ? -7.386  8.377   -6.676  1.00 42.59 ? 87  LEU B O   1 
ATOM   1254 C  CB  . LEU B 1 75 ? -6.729  10.055  -3.926  1.00 45.57 ? 87  LEU B CB  1 
ATOM   1255 C  CG  . LEU B 1 75 ? -5.693  11.044  -3.451  1.00 42.55 ? 87  LEU B CG  1 
ATOM   1256 C  CD1 . LEU B 1 75 ? -5.173  10.634  -2.069  1.00 41.56 ? 87  LEU B CD1 1 
ATOM   1257 C  CD2 . LEU B 1 75 ? -4.551  11.122  -4.435  1.00 47.33 ? 87  LEU B CD2 1 
ATOM   1258 N  N   . VAL B 1 76 ? -8.926  8.289   -5.012  1.00 45.00 ? 88  VAL B N   1 
ATOM   1259 C  CA  . VAL B 1 76 ? -9.345  6.951   -5.439  1.00 42.12 ? 88  VAL B CA  1 
ATOM   1260 C  C   . VAL B 1 76 ? -9.927  6.986   -6.774  1.00 44.27 ? 88  VAL B C   1 
ATOM   1261 O  O   . VAL B 1 76 ? -9.588  6.150   -7.646  1.00 47.23 ? 88  VAL B O   1 
ATOM   1262 C  CB  . VAL B 1 76 ? -10.369 6.299   -4.512  1.00 47.12 ? 88  VAL B CB  1 
ATOM   1263 C  CG1 . VAL B 1 76 ? -10.728 4.864   -5.061  1.00 53.66 ? 88  VAL B CG1 1 
ATOM   1264 C  CG2 . VAL B 1 76 ? -9.816  6.256   -3.143  1.00 43.92 ? 88  VAL B CG2 1 
ATOM   1265 N  N   . ALA B 1 77 ? -10.800 7.975   -6.981  1.00 44.61 ? 89  ALA B N   1 
ATOM   1266 C  CA  . ALA B 1 77 ? -11.478 8.075   -8.249  1.00 42.09 ? 89  ALA B CA  1 
ATOM   1267 C  C   . ALA B 1 77 ? -10.448 8.113   -9.338  1.00 41.57 ? 89  ALA B C   1 
ATOM   1268 O  O   . ALA B 1 77 ? -10.617 7.490   -10.393 1.00 38.70 ? 89  ALA B O   1 
ATOM   1269 C  CB  . ALA B 1 77 ? -12.348 9.333   -8.295  1.00 45.26 ? 89  ALA B CB  1 
ATOM   1270 N  N   . ASN B 1 78 ? -9.337  8.801   -9.060  1.00 42.03 ? 90  ASN B N   1 
ATOM   1271 C  CA  A ASN B 1 78 ? -8.343  8.974   -10.083 0.50 41.32 ? 90  ASN B CA  1 
ATOM   1272 C  CA  B ASN B 1 78 ? -8.267  9.006   -10.038 0.50 42.92 ? 90  ASN B CA  1 
ATOM   1273 C  C   . ASN B 1 78 ? -7.365  7.786   -10.196 1.00 42.67 ? 90  ASN B C   1 
ATOM   1274 O  O   . ASN B 1 78 ? -6.864  7.496   -11.312 1.00 45.68 ? 90  ASN B O   1 
ATOM   1275 C  CB  A ASN B 1 78 ? -7.711  10.363  -9.953  0.50 39.46 ? 90  ASN B CB  1 
ATOM   1276 C  CB  B ASN B 1 78 ? -7.416  10.230  -9.675  0.50 41.86 ? 90  ASN B CB  1 
ATOM   1277 C  CG  A ASN B 1 78 ? -8.650  11.459  -10.480 0.50 33.02 ? 90  ASN B CG  1 
ATOM   1278 C  CG  B ASN B 1 78 ? -6.598  10.751  -10.857 0.50 44.83 ? 90  ASN B CG  1 
ATOM   1279 O  OD1 A ASN B 1 78 ? -8.726  11.683  -11.675 0.50 26.23 ? 90  ASN B OD1 1 
ATOM   1280 O  OD1 B ASN B 1 78 ? -6.879  11.824  -11.389 0.50 56.50 ? 90  ASN B OD1 1 
ATOM   1281 N  ND2 A ASN B 1 78 ? -9.396  12.092  -9.596  0.50 26.58 ? 90  ASN B ND2 1 
ATOM   1282 N  ND2 B ASN B 1 78 ? -5.587  9.992   -11.273 0.50 49.09 ? 90  ASN B ND2 1 
ATOM   1283 N  N   . ALA B 1 79 ? -7.165  7.033   -9.116  1.00 44.04 ? 91  ALA B N   1 
ATOM   1284 C  CA  . ALA B 1 79 ? -6.368  5.781   -9.244  1.00 44.24 ? 91  ALA B CA  1 
ATOM   1285 C  C   . ALA B 1 79 ? -6.956  4.834   -10.293 1.00 48.82 ? 91  ALA B C   1 
ATOM   1286 O  O   . ALA B 1 79 ? -6.220  4.210   -11.041 1.00 48.99 ? 91  ALA B O   1 
ATOM   1287 C  CB  . ALA B 1 79 ? -6.271  5.080   -7.929  1.00 45.62 ? 91  ALA B CB  1 
ATOM   1288 N  N   . LYS B 1 80 ? -8.294  4.736   -10.346 1.00 54.37 ? 92  LYS B N   1 
ATOM   1289 C  CA  . LYS B 1 80 ? -8.994  3.652   -11.061 1.00 57.58 ? 92  LYS B CA  1 
ATOM   1290 C  C   . LYS B 1 80 ? -8.854  3.745   -12.573 1.00 61.11 ? 92  LYS B C   1 
ATOM   1291 O  O   . LYS B 1 80 ? -8.948  2.738   -13.249 1.00 61.98 ? 92  LYS B O   1 
ATOM   1292 C  CB  . LYS B 1 80 ? -10.481 3.575   -10.650 1.00 56.78 ? 92  LYS B CB  1 
ATOM   1293 C  CG  . LYS B 1 80 ? -10.655 3.191   -9.167  1.00 52.80 ? 92  LYS B CG  1 
ATOM   1294 C  CD  . LYS B 1 80 ? -12.030 2.719   -8.843  1.00 47.43 ? 92  LYS B CD  1 
ATOM   1295 C  CE  . LYS B 1 80 ? -12.033 1.863   -7.545  1.00 49.87 ? 92  LYS B CE  1 
ATOM   1296 N  NZ  . LYS B 1 80 ? -11.661 0.388   -7.698  1.00 36.53 ? 92  LYS B NZ  1 
ATOM   1297 N  N   . THR B 1 81 ? -8.640  4.950   -13.086 1.00 64.18 ? 93  THR B N   1 
ATOM   1298 C  CA  . THR B 1 81 ? -8.253  5.133   -14.476 1.00 68.52 ? 93  THR B CA  1 
ATOM   1299 C  C   . THR B 1 81 ? -6.737  5.398   -14.595 1.00 72.33 ? 93  THR B C   1 
ATOM   1300 O  O   . THR B 1 81 ? -6.223  5.579   -15.699 1.00 74.10 ? 93  THR B O   1 
ATOM   1301 C  CB  . THR B 1 81 ? -9.109  6.248   -15.127 1.00 68.54 ? 93  THR B CB  1 
ATOM   1302 O  OG1 . THR B 1 81 ? -9.136  7.412   -14.294 1.00 57.62 ? 93  THR B OG1 1 
ATOM   1303 C  CG2 . THR B 1 81 ? -10.542 5.759   -15.295 1.00 74.58 ? 93  THR B CG2 1 
ATOM   1304 N  N   . TYR B 1 82 ? -6.041  5.379   -13.447 1.00 76.17 ? 94  TYR B N   1 
ATOM   1305 C  CA  . TYR B 1 82 ? -4.603  5.662   -13.333 1.00 76.11 ? 94  TYR B CA  1 
ATOM   1306 C  C   . TYR B 1 82 ? -4.274  7.131   -13.666 1.00 77.18 ? 94  TYR B C   1 
ATOM   1307 O  O   . TYR B 1 82 ? -3.512  7.800   -12.950 1.00 77.80 ? 94  TYR B O   1 
ATOM   1308 C  CB  . TYR B 1 82 ? -3.800  4.687   -14.207 1.00 76.06 ? 94  TYR B CB  1 
HETATM 1309 C  C1  . GOL C 2 .  ? -11.406 -12.195 7.981   1.00 71.00 ? 2   GOL A C1  1 
HETATM 1310 O  O1  . GOL C 2 .  ? -10.824 -12.552 6.734   1.00 56.68 ? 2   GOL A O1  1 
HETATM 1311 C  C2  . GOL C 2 .  ? -11.870 -10.728 8.091   1.00 67.14 ? 2   GOL A C2  1 
HETATM 1312 O  O2  . GOL C 2 .  ? -12.629 -10.376 6.962   1.00 79.33 ? 2   GOL A O2  1 
HETATM 1313 C  C3  . GOL C 2 .  ? -10.743 -9.712  8.274   1.00 60.27 ? 2   GOL A C3  1 
HETATM 1314 O  O3  . GOL C 2 .  ? -10.481 -9.458  9.653   1.00 58.23 ? 2   GOL A O3  1 
HETATM 1315 S  S   . SO4 D 3 .  ? 2.866   27.751  4.391   0.50 53.46 ? 1   SO4 B S   1 
HETATM 1316 O  O1  . SO4 D 3 .  ? 2.490   26.338  4.216   0.50 14.90 ? 1   SO4 B O1  1 
HETATM 1317 O  O2  . SO4 D 3 .  ? 3.134   28.096  5.788   0.50 41.06 ? 1   SO4 B O2  1 
HETATM 1318 O  O3  . SO4 D 3 .  ? 1.763   28.557  3.854   0.50 41.19 ? 1   SO4 B O3  1 
HETATM 1319 O  O4  . SO4 D 3 .  ? 4.114   27.975  3.676   0.50 34.18 ? 1   SO4 B O4  1 
HETATM 1320 C  C1  . GOL E 2 .  ? -5.521  -0.841  -10.748 1.00 76.06 ? 3   GOL B C1  1 
HETATM 1321 O  O1  . GOL E 2 .  ? -4.932  -1.195  -11.975 1.00 71.34 ? 3   GOL B O1  1 
HETATM 1322 C  C2  . GOL E 2 .  ? -6.710  -1.720  -10.339 1.00 71.51 ? 3   GOL B C2  1 
HETATM 1323 O  O2  . GOL E 2 .  ? -6.516  -3.099  -10.592 1.00 73.80 ? 3   GOL B O2  1 
HETATM 1324 C  C3  . GOL E 2 .  ? -7.965  -1.187  -11.020 1.00 67.56 ? 3   GOL B C3  1 
HETATM 1325 O  O3  . GOL E 2 .  ? -8.514  -0.163  -10.220 1.00 54.01 ? 3   GOL B O3  1 
HETATM 1326 C  C1  . GOL F 2 .  ? -4.358  8.772   -7.593  1.00 61.08 ? 4   GOL B C1  1 
HETATM 1327 O  O1  . GOL F 2 .  ? -5.008  10.029  -7.440  1.00 58.40 ? 4   GOL B O1  1 
HETATM 1328 C  C2  . GOL F 2 .  ? -3.188  8.936   -8.561  1.00 74.70 ? 4   GOL B C2  1 
HETATM 1329 O  O2  . GOL F 2 .  ? -3.463  10.008  -9.449  1.00 74.26 ? 4   GOL B O2  1 
HETATM 1330 C  C3  . GOL F 2 .  ? -2.857  7.606   -9.267  1.00 75.69 ? 4   GOL B C3  1 
HETATM 1331 O  O3  . GOL F 2 .  ? -1.785  7.742   -10.183 1.00 74.41 ? 4   GOL B O3  1 
HETATM 1332 O  O   . HOH G 4 .  ? 5.205   -0.032  4.244   1.00 32.45 ? 98  HOH A O   1 
HETATM 1333 O  O   . HOH G 4 .  ? -13.304 -0.672  9.622   1.00 32.57 ? 99  HOH A O   1 
HETATM 1334 O  O   . HOH G 4 .  ? -6.251  -4.884  -6.481  1.00 33.37 ? 100 HOH A O   1 
HETATM 1335 O  O   . HOH G 4 .  ? -11.942 -12.992 0.798   1.00 37.03 ? 101 HOH A O   1 
HETATM 1336 O  O   . HOH G 4 .  ? -7.422  -9.161  -9.267  1.00 35.13 ? 102 HOH A O   1 
HETATM 1337 O  O   . HOH G 4 .  ? -9.810  -16.194 -5.812  1.00 38.18 ? 103 HOH A O   1 
HETATM 1338 O  O   . HOH G 4 .  ? -10.367 -9.869  -10.169 1.00 48.01 ? 104 HOH A O   1 
HETATM 1339 O  O   . HOH G 4 .  ? 13.152  -3.983  4.123   1.00 49.26 ? 105 HOH A O   1 
HETATM 1340 O  O   . HOH G 4 .  ? 8.287   -17.063 10.940  1.00 48.38 ? 106 HOH A O   1 
HETATM 1341 O  O   . HOH G 4 .  ? 0.056   -9.731  11.404  1.00 31.13 ? 107 HOH A O   1 
HETATM 1342 O  O   . HOH G 4 .  ? 0.956   -18.501 6.781   1.00 42.47 ? 108 HOH A O   1 
HETATM 1343 O  O   . HOH G 4 .  ? -9.047  -17.572 10.475  1.00 45.40 ? 109 HOH A O   1 
HETATM 1344 O  O   . HOH G 4 .  ? 2.131   -1.403  1.880   1.00 35.28 ? 110 HOH A O   1 
HETATM 1345 O  O   . HOH G 4 .  ? -7.199  -16.813 -8.363  1.00 34.01 ? 111 HOH A O   1 
HETATM 1346 O  O   . HOH G 4 .  ? -16.074 -7.780  5.155   1.00 44.67 ? 112 HOH A O   1 
HETATM 1347 O  O   . HOH G 4 .  ? -8.066  -16.907 -4.051  1.00 37.90 ? 113 HOH A O   1 
HETATM 1348 O  O   . HOH G 4 .  ? -7.258  -20.503 -5.902  1.00 43.89 ? 114 HOH A O   1 
HETATM 1349 O  O   . HOH G 4 .  ? 0.003   -21.415 -3.112  1.00 42.74 ? 115 HOH A O   1 
HETATM 1350 O  O   . HOH G 4 .  ? -9.082  -17.705 -1.414  1.00 49.79 ? 116 HOH A O   1 
HETATM 1351 O  O   . HOH G 4 .  ? 6.496   -11.255 13.580  1.00 50.80 ? 117 HOH A O   1 
HETATM 1352 O  O   . HOH G 4 .  ? -10.310 -17.006 7.211   1.00 51.36 ? 118 HOH A O   1 
HETATM 1353 O  O   . HOH G 4 .  ? 0.686   -18.095 4.005   1.00 45.19 ? 119 HOH A O   1 
HETATM 1354 O  O   . HOH G 4 .  ? 11.594  -15.477 -9.706  1.00 57.39 ? 120 HOH A O   1 
HETATM 1355 O  O   . HOH G 4 .  ? -4.029  -7.223  11.269  1.00 31.44 ? 121 HOH A O   1 
HETATM 1356 O  O   . HOH G 4 .  ? -17.386 -6.338  0.092   1.00 39.63 ? 122 HOH A O   1 
HETATM 1357 O  O   . HOH G 4 .  ? -18.187 -8.332  2.328   1.00 58.08 ? 123 HOH A O   1 
HETATM 1358 O  O   . HOH G 4 .  ? -6.228  -16.268 -10.659 1.00 35.73 ? 124 HOH A O   1 
HETATM 1359 O  O   . HOH G 4 .  ? 1.468   -9.783  13.903  1.00 46.26 ? 125 HOH A O   1 
HETATM 1360 O  O   . HOH G 4 .  ? 3.745   -11.487 14.371  1.00 49.57 ? 126 HOH A O   1 
HETATM 1361 O  O   . HOH G 4 .  ? -2.434  -9.391  12.134  1.00 45.13 ? 127 HOH A O   1 
HETATM 1362 O  O   . HOH G 4 .  ? -2.693  -13.190 -15.561 1.00 58.83 ? 128 HOH A O   1 
HETATM 1363 O  O   . HOH G 4 .  ? -10.824 -12.595 4.032   1.00 40.80 ? 129 HOH A O   1 
HETATM 1364 O  O   . HOH G 4 .  ? 14.496  -9.469  4.109   1.00 43.72 ? 130 HOH A O   1 
HETATM 1365 O  O   . HOH G 4 .  ? -8.678  -20.465 2.854   1.00 53.32 ? 131 HOH A O   1 
HETATM 1366 O  O   . HOH G 4 .  ? 2.965   -4.961  12.658  1.00 53.64 ? 132 HOH A O   1 
HETATM 1367 O  O   . HOH G 4 .  ? -5.797  -0.011  9.488   1.00 59.67 ? 133 HOH A O   1 
HETATM 1368 O  O   . HOH G 4 .  ? -5.486  -14.262 -14.889 1.00 57.05 ? 134 HOH A O   1 
HETATM 1369 O  O   . HOH G 4 .  ? 2.568   -15.524 14.145  1.00 42.92 ? 135 HOH A O   1 
HETATM 1370 O  O   . HOH G 4 .  ? 0.196   -16.805 15.135  1.00 56.44 ? 136 HOH A O   1 
HETATM 1371 O  O   . HOH G 4 .  ? 13.844  -3.386  -3.549  1.00 55.56 ? 137 HOH A O   1 
HETATM 1372 O  O   . HOH G 4 .  ? 17.143  -3.906  -7.557  1.00 60.67 ? 138 HOH A O   1 
HETATM 1373 O  O   . HOH G 4 .  ? -0.009  -2.412  8.435   1.00 55.58 ? 139 HOH A O   1 
HETATM 1374 O  O   . HOH G 4 .  ? -2.399  -2.473  10.532  1.00 55.49 ? 140 HOH A O   1 
HETATM 1375 O  O   . HOH G 4 .  ? -11.051 -6.362  12.808  1.00 56.84 ? 141 HOH A O   1 
HETATM 1376 O  O   . HOH G 4 .  ? -11.841 -0.397  12.001  1.00 55.12 ? 142 HOH A O   1 
HETATM 1377 O  O   . HOH G 4 .  ? -12.890 -9.488  -8.501  1.00 50.81 ? 143 HOH A O   1 
HETATM 1378 O  O   . HOH G 4 .  ? -2.306  -8.125  -14.514 1.00 52.15 ? 144 HOH A O   1 
HETATM 1379 O  O   . HOH G 4 .  ? -5.295  2.092   8.007   1.00 50.94 ? 145 HOH A O   1 
HETATM 1380 O  O   . HOH G 4 .  ? 10.932  3.413   -4.067  1.00 64.59 ? 146 HOH A O   1 
HETATM 1381 O  O   . HOH G 4 .  ? -10.998 1.838   11.312  1.00 56.17 ? 147 HOH A O   1 
HETATM 1382 O  O   . HOH G 4 .  ? -14.455 -12.727 0.175   1.00 54.78 ? 148 HOH A O   1 
HETATM 1383 O  O   . HOH G 4 .  ? -9.131  -21.792 0.718   1.00 59.44 ? 149 HOH A O   1 
HETATM 1384 O  O   . HOH G 4 .  ? -4.772  -21.093 5.228   1.00 58.08 ? 150 HOH A O   1 
HETATM 1385 O  O   . HOH G 4 .  ? -2.455  -21.206 3.948   1.00 50.36 ? 151 HOH A O   1 
HETATM 1386 O  O   . HOH G 4 .  ? 8.818   -19.402 9.132   1.00 60.35 ? 152 HOH A O   1 
HETATM 1387 O  O   . HOH G 4 .  ? 4.777   -21.278 0.138   1.00 55.02 ? 153 HOH A O   1 
HETATM 1388 O  O   . HOH G 4 .  ? 6.579   -2.747  8.430   1.00 56.34 ? 154 HOH A O   1 
HETATM 1389 O  O   . HOH G 4 .  ? -11.583 -14.334 10.303  1.00 59.69 ? 155 HOH A O   1 
HETATM 1390 O  O   . HOH G 4 .  ? 2.695   -18.680 2.312   1.00 58.07 ? 156 HOH A O   1 
HETATM 1391 O  O   . HOH G 4 .  ? 3.491   -17.758 7.501   1.00 43.86 ? 157 HOH A O   1 
HETATM 1392 O  O   . HOH G 4 .  ? -4.221  -17.078 12.411  1.00 62.66 ? 158 HOH A O   1 
HETATM 1393 O  O   . HOH G 4 .  ? -3.433  -0.054  10.880  1.00 63.79 ? 159 HOH A O   1 
HETATM 1394 O  O   . HOH H 4 .  ? 12.089  0.686   5.920   1.00 43.99 ? 98  HOH B O   1 
HETATM 1395 O  O   . HOH H 4 .  ? 8.826   3.083   -0.560  1.00 39.63 ? 99  HOH B O   1 
HETATM 1396 O  O   . HOH H 4 .  ? 9.783   10.337  3.958   1.00 29.95 ? 100 HOH B O   1 
HETATM 1397 O  O   . HOH H 4 .  ? 12.180  8.986   4.106   1.00 48.96 ? 101 HOH B O   1 
HETATM 1398 O  O   . HOH H 4 .  ? 6.574   17.226  13.118  1.00 43.22 ? 102 HOH B O   1 
HETATM 1399 O  O   . HOH H 4 .  ? 3.804   18.887  12.316  1.00 43.79 ? 103 HOH B O   1 
HETATM 1400 O  O   . HOH H 4 .  ? -4.979  10.425  11.437  1.00 47.00 ? 104 HOH B O   1 
HETATM 1401 O  O   . HOH H 4 .  ? -12.727 -0.589  -1.023  1.00 26.16 ? 105 HOH B O   1 
HETATM 1402 O  O   . HOH H 4 .  ? -14.530 5.191   -4.221  1.00 40.22 ? 106 HOH B O   1 
HETATM 1403 O  O   . HOH H 4 .  ? -5.113  1.763   -9.476  1.00 35.66 ? 107 HOH B O   1 
HETATM 1404 O  O   . HOH H 4 .  ? -0.331  -0.100  3.079   1.00 39.72 ? 108 HOH B O   1 
HETATM 1405 O  O   . HOH H 4 .  ? 3.930   10.224  -8.288  1.00 38.77 ? 109 HOH B O   1 
HETATM 1406 O  O   . HOH H 4 .  ? 10.621  15.220  2.531   1.00 38.13 ? 110 HOH B O   1 
HETATM 1407 O  O   . HOH H 4 .  ? -1.663  22.122  7.318   1.00 34.00 ? 111 HOH B O   1 
HETATM 1408 O  O   . HOH H 4 .  ? -6.075  -5.783  -9.732  1.00 57.03 ? 112 HOH B O   1 
HETATM 1409 O  O   . HOH H 4 .  ? -2.310  19.558  -4.632  1.00 42.09 ? 113 HOH B O   1 
HETATM 1410 O  O   . HOH H 4 .  ? -11.324 -0.884  -9.994  1.00 45.98 ? 114 HOH B O   1 
HETATM 1411 O  O   . HOH H 4 .  ? 6.098   21.402  6.646   1.00 50.41 ? 115 HOH B O   1 
HETATM 1412 O  O   . HOH H 4 .  ? 4.767   20.379  8.421   1.00 40.68 ? 116 HOH B O   1 
HETATM 1413 O  O   . HOH H 4 .  ? -9.709  19.420  -0.118  1.00 41.49 ? 117 HOH B O   1 
HETATM 1414 O  O   . HOH H 4 .  ? -0.830  -0.099  5.249   1.00 45.21 ? 118 HOH B O   1 
HETATM 1415 O  O   . HOH H 4 .  ? 4.070   4.996   9.740   1.00 44.22 ? 119 HOH B O   1 
HETATM 1416 O  O   . HOH H 4 .  ? 8.654   13.825  -3.942  1.00 42.65 ? 120 HOH B O   1 
HETATM 1417 O  O   . HOH H 4 .  ? -0.212  21.824  9.519   1.00 47.03 ? 121 HOH B O   1 
HETATM 1418 O  O   . HOH H 4 .  ? -8.929  24.316  0.481   1.00 57.75 ? 122 HOH B O   1 
HETATM 1419 O  O   . HOH H 4 .  ? -5.805  2.353   2.283   1.00 42.17 ? 123 HOH B O   1 
HETATM 1420 O  O   . HOH H 4 .  ? 6.657   6.106   -6.701  1.00 69.33 ? 124 HOH B O   1 
HETATM 1421 O  O   . HOH H 4 .  ? 8.430   7.296   -5.085  1.00 64.31 ? 125 HOH B O   1 
HETATM 1422 O  O   . HOH H 4 .  ? 9.436   11.301  -3.461  1.00 47.87 ? 126 HOH B O   1 
HETATM 1423 O  O   . HOH H 4 .  ? 8.623   20.412  6.691   1.00 49.98 ? 127 HOH B O   1 
HETATM 1424 O  O   . HOH H 4 .  ? -10.650 21.791  0.209   1.00 53.71 ? 128 HOH B O   1 
HETATM 1425 O  O   . HOH H 4 .  ? -15.391 13.952  -3.705  1.00 57.36 ? 129 HOH B O   1 
HETATM 1426 O  O   . HOH H 4 .  ? 14.286  2.839   6.935   1.00 63.88 ? 130 HOH B O   1 
HETATM 1427 O  O   . HOH H 4 .  ? 12.353  3.385   -1.007  1.00 66.53 ? 131 HOH B O   1 
HETATM 1428 O  O   . HOH H 4 .  ? 9.287   13.031  11.661  1.00 51.31 ? 132 HOH B O   1 
HETATM 1429 O  O   . HOH H 4 .  ? -11.877 8.859   7.255   1.00 52.87 ? 133 HOH B O   1 
HETATM 1430 O  O   . HOH H 4 .  ? 11.422  6.410   9.230   1.00 47.79 ? 134 HOH B O   1 
HETATM 1431 O  O   . HOH H 4 .  ? 11.379  8.388   11.695  1.00 57.28 ? 135 HOH B O   1 
HETATM 1432 O  O   . HOH H 4 .  ? -3.075  0.918   4.685   1.00 45.07 ? 136 HOH B O   1 
HETATM 1433 O  O   . HOH H 4 .  ? -13.113 3.287   11.028  1.00 54.79 ? 137 HOH B O   1 
HETATM 1434 O  O   . HOH H 4 .  ? 12.414  12.781  9.523   1.00 62.35 ? 138 HOH B O   1 
HETATM 1435 O  O   . HOH H 4 .  ? 10.408  13.044  4.396   1.00 48.09 ? 139 HOH B O   1 
HETATM 1436 O  O   . HOH H 4 .  ? -13.519 5.450   9.700   1.00 49.44 ? 140 HOH B O   1 
HETATM 1437 O  O   . HOH H 4 .  ? 1.085   9.566   12.906  1.00 68.18 ? 141 HOH B O   1 
# 
